data_1B6K
# 
_entry.id   1B6K 
# 
_audit_conform.dict_name       mmcif_pdbx.dic 
_audit_conform.dict_version    5.381 
_audit_conform.dict_location   http://mmcif.pdb.org/dictionaries/ascii/mmcif_pdbx.dic 
# 
loop_
_database_2.database_id 
_database_2.database_code 
_database_2.pdbx_database_accession 
_database_2.pdbx_DOI 
PDB   1B6K         pdb_00001b6k 10.2210/pdb1b6k/pdb 
RCSB  RCSB000309   ?            ?                   
WWPDB D_1000000309 ?            ?                   
# 
loop_
_pdbx_database_related.db_name 
_pdbx_database_related.db_id 
_pdbx_database_related.details 
_pdbx_database_related.content_type 
PDB 1B6J 'HIV-1 PROTEASE COMPLEXED WITH MACROCYCLIC PEPTIDOMIMETIC INHIBITOR 1' unspecified 
PDB 1B6L 'HIV-1 PROTEASE COMPLEXED WITH MACROCYCLIC PEPTIDOMIMETIC INHIBITOR 4' unspecified 
PDB 1B6M 'HIV-1 PROTEASE COMPLEXED WITH MACROCYCLIC PEPTIDOMIMETIC INHIBITOR 6' unspecified 
PDB 1B6N 'HIV-1 PROTEASE COMPLEXED WITH MACROCYCLIC PEPTIDOMIMETIC INHIBITOR 3' unspecified 
PDB 1B6O 'HIV-1 PROTEASE COMPLEXED WITH MACROCYCLIC PEPTIDOMIMETIC INHIBITOR 2' unspecified 
PDB 1B6P 'HIV-1 PROTEASE COMPLEXED WITH MACROCYCLIC PEPTIDOMIMETIC INHIBITOR 7' unspecified 
# 
_pdbx_database_status.status_code                     REL 
_pdbx_database_status.entry_id                        1B6K 
_pdbx_database_status.recvd_initial_deposition_date   1999-01-17 
_pdbx_database_status.deposit_site                    BNL 
_pdbx_database_status.process_site                    RCSB 
_pdbx_database_status.status_code_sf                  REL 
_pdbx_database_status.SG_entry                        . 
_pdbx_database_status.pdb_format_compatible           Y 
_pdbx_database_status.status_code_mr                  ? 
_pdbx_database_status.status_code_cs                  ? 
_pdbx_database_status.status_code_nmr_data            ? 
_pdbx_database_status.methods_development_category    ? 
# 
loop_
_audit_author.name 
_audit_author.pdbx_ordinal 
'Martin, J.L.'         1  
'Begun, J.'            2  
'Schindeler, A.'       3  
'Wickramasinghe, W.A.' 4  
'Alewood, D.'          5  
'Alewood, P.F.'        6  
'Bergman, D.A.'        7  
'Brinkworth, R.I.'     8  
'Abbenante, G.'        9  
'March, D.R.'          10 
'Reid, R.C.'           11 
'Fairlie, D.P.'        12 
# 
_citation.id                        primary 
_citation.title                     'Molecular recognition of macrocyclic peptidomimetic inhibitors by HIV-1 protease.' 
_citation.journal_abbrev            Biochemistry 
_citation.journal_volume            38 
_citation.page_first                7978 
_citation.page_last                 7988 
_citation.year                      1999 
_citation.journal_id_ASTM           BICHAW 
_citation.country                   US 
_citation.journal_id_ISSN           0006-2960 
_citation.journal_id_CSD            0033 
_citation.book_publisher            ? 
_citation.pdbx_database_id_PubMed   10387041 
_citation.pdbx_database_id_DOI      10.1021/bi990174x 
# 
loop_
_citation_author.citation_id 
_citation_author.name 
_citation_author.ordinal 
_citation_author.identifier_ORCID 
primary 'Martin, J.L.'         1  ? 
primary 'Begun, J.'            2  ? 
primary 'Schindeler, A.'       3  ? 
primary 'Wickramasinghe, W.A.' 4  ? 
primary 'Alewood, D.'          5  ? 
primary 'Alewood, P.F.'        6  ? 
primary 'Bergman, D.A.'        7  ? 
primary 'Brinkworth, R.I.'     8  ? 
primary 'Abbenante, G.'        9  ? 
primary 'March, D.R.'          10 ? 
primary 'Reid, R.C.'           11 ? 
primary 'Fairlie, D.P.'        12 ? 
# 
_cell.entry_id           1B6K 
_cell.length_a           51.510 
_cell.length_b           58.970 
_cell.length_c           62.310 
_cell.angle_alpha        90.00 
_cell.angle_beta         90.00 
_cell.angle_gamma        90.00 
_cell.Z_PDB              8 
_cell.pdbx_unique_axis   ? 
# 
_symmetry.entry_id                         1B6K 
_symmetry.space_group_name_H-M             'P 21 21 21' 
_symmetry.pdbx_full_space_group_name_H-M   ? 
_symmetry.cell_setting                     ? 
_symmetry.Int_Tables_number                19 
# 
loop_
_entity.id 
_entity.type 
_entity.src_method 
_entity.pdbx_description 
_entity.formula_weight 
_entity.pdbx_number_of_molecules 
_entity.pdbx_ec 
_entity.pdbx_mutation 
_entity.pdbx_fragment 
_entity.details 
1 polymer     nat RETROPEPSIN 10765.687 2  3.4.23.16 
'GLN7LYS, LEU33ILE, CYS67ABA, CYS95ABA, GLN107LYS, LEU133ILE, CYS167ABA, CYS195ABA' ? ? 
2 non-polymer syn 'SULFATE ION' 96.063    3  ?         ? ? ? 
3 non-polymer syn 
;N-[3-(8-SEC-BUTYL-7,10-DIOXO-2-OXA-6,9-DIAZA-BICYCLO[11.2.2]HEPTADECA-1(16),13(17),14- TRIEN-11-YLAMINO)-2-HYDROXY-1-(4-HYDROXY-BENZYL)-PROPYL]-3-METHYL-2- (2-OXO-PYRROLIDIN-1-YL)-BUTYRAMIDE
;
679.846   1  ?         ?                                                                                   ? ? 
4 water       nat water 18.015    95 ?         ?                                                                                   
? ? 
# 
_entity_name_com.entity_id   1 
_entity_name_com.name        'HIV-1 PR' 
# 
_entity_poly.entity_id                      1 
_entity_poly.type                           'polypeptide(L)' 
_entity_poly.nstd_linkage                   no 
_entity_poly.nstd_monomer                   yes 
_entity_poly.pdbx_seq_one_letter_code       
;PQITLWKRPLVTIRIGGQLKEALLDTGADDTVIEEMNLPGKWKPKMIGGIGGFIKVRQYDQIPVEI(ABA)GHKAIGTVL
VGPTPVNIIGRNLLTQIG(ABA)TLNF
;
_entity_poly.pdbx_seq_one_letter_code_can   
;PQITLWKRPLVTIRIGGQLKEALLDTGADDTVIEEMNLPGKWKPKMIGGIGGFIKVRQYDQIPVEIAGHKAIGTVLVGPT
PVNIIGRNLLTQIGATLNF
;
_entity_poly.pdbx_strand_id                 A,B 
_entity_poly.pdbx_target_identifier         ? 
# 
loop_
_entity_poly_seq.entity_id 
_entity_poly_seq.num 
_entity_poly_seq.mon_id 
_entity_poly_seq.hetero 
1 1  PRO n 
1 2  GLN n 
1 3  ILE n 
1 4  THR n 
1 5  LEU n 
1 6  TRP n 
1 7  LYS n 
1 8  ARG n 
1 9  PRO n 
1 10 LEU n 
1 11 VAL n 
1 12 THR n 
1 13 ILE n 
1 14 ARG n 
1 15 ILE n 
1 16 GLY n 
1 17 GLY n 
1 18 GLN n 
1 19 LEU n 
1 20 LYS n 
1 21 GLU n 
1 22 ALA n 
1 23 LEU n 
1 24 LEU n 
1 25 ASP n 
1 26 THR n 
1 27 GLY n 
1 28 ALA n 
1 29 ASP n 
1 30 ASP n 
1 31 THR n 
1 32 VAL n 
1 33 ILE n 
1 34 GLU n 
1 35 GLU n 
1 36 MET n 
1 37 ASN n 
1 38 LEU n 
1 39 PRO n 
1 40 GLY n 
1 41 LYS n 
1 42 TRP n 
1 43 LYS n 
1 44 PRO n 
1 45 LYS n 
1 46 MET n 
1 47 ILE n 
1 48 GLY n 
1 49 GLY n 
1 50 ILE n 
1 51 GLY n 
1 52 GLY n 
1 53 PHE n 
1 54 ILE n 
1 55 LYS n 
1 56 VAL n 
1 57 ARG n 
1 58 GLN n 
1 59 TYR n 
1 60 ASP n 
1 61 GLN n 
1 62 ILE n 
1 63 PRO n 
1 64 VAL n 
1 65 GLU n 
1 66 ILE n 
1 67 ABA n 
1 68 GLY n 
1 69 HIS n 
1 70 LYS n 
1 71 ALA n 
1 72 ILE n 
1 73 GLY n 
1 74 THR n 
1 75 VAL n 
1 76 LEU n 
1 77 VAL n 
1 78 GLY n 
1 79 PRO n 
1 80 THR n 
1 81 PRO n 
1 82 VAL n 
1 83 ASN n 
1 84 ILE n 
1 85 ILE n 
1 86 GLY n 
1 87 ARG n 
1 88 ASN n 
1 89 LEU n 
1 90 LEU n 
1 91 THR n 
1 92 GLN n 
1 93 ILE n 
1 94 GLY n 
1 95 ABA n 
1 96 THR n 
1 97 LEU n 
1 98 ASN n 
1 99 PHE n 
# 
_entity_src_nat.entity_id                  1 
_entity_src_nat.pdbx_src_id                1 
_entity_src_nat.pdbx_alt_source_flag       sample 
_entity_src_nat.pdbx_beg_seq_num           ? 
_entity_src_nat.pdbx_end_seq_num           ? 
_entity_src_nat.common_name                ? 
_entity_src_nat.pdbx_organism_scientific   'Human immunodeficiency virus 1' 
_entity_src_nat.pdbx_ncbi_taxonomy_id      11676 
_entity_src_nat.genus                      Lentivirus 
_entity_src_nat.species                    ? 
_entity_src_nat.strain                     ? 
_entity_src_nat.tissue                     ? 
_entity_src_nat.tissue_fraction            ? 
_entity_src_nat.pdbx_secretion             ? 
_entity_src_nat.pdbx_fragment              ? 
_entity_src_nat.pdbx_variant               ? 
_entity_src_nat.pdbx_cell_line             ? 
_entity_src_nat.pdbx_atcc                  ? 
_entity_src_nat.pdbx_cellular_location     ? 
_entity_src_nat.pdbx_organ                 ? 
_entity_src_nat.pdbx_organelle             ? 
_entity_src_nat.pdbx_cell                  ? 
_entity_src_nat.pdbx_plasmid_name          ? 
_entity_src_nat.pdbx_plasmid_details       ? 
_entity_src_nat.details                    'CYS RESIDUES REPLACED WITH ABA' 
# 
_struct_ref.id                         1 
_struct_ref.db_name                    UNP 
_struct_ref.db_code                    POL_HV1A2 
_struct_ref.entity_id                  1 
_struct_ref.pdbx_db_accession          P03369 
_struct_ref.pdbx_align_begin           ? 
_struct_ref.pdbx_seq_one_letter_code   ? 
_struct_ref.pdbx_db_isoform            ? 
# 
loop_
_struct_ref_seq.align_id 
_struct_ref_seq.ref_id 
_struct_ref_seq.pdbx_PDB_id_code 
_struct_ref_seq.pdbx_strand_id 
_struct_ref_seq.seq_align_beg 
_struct_ref_seq.pdbx_seq_align_beg_ins_code 
_struct_ref_seq.seq_align_end 
_struct_ref_seq.pdbx_seq_align_end_ins_code 
_struct_ref_seq.pdbx_db_accession 
_struct_ref_seq.db_align_beg 
_struct_ref_seq.pdbx_db_align_beg_ins_code 
_struct_ref_seq.db_align_end 
_struct_ref_seq.pdbx_db_align_end_ins_code 
_struct_ref_seq.pdbx_auth_seq_align_beg 
_struct_ref_seq.pdbx_auth_seq_align_end 
1 1 1B6K A 1 ? 99 ? P03369 57 ? 155 ? 1   99  
2 1 1B6K B 1 ? 99 ? P03369 57 ? 155 ? 101 199 
# 
loop_
_struct_ref_seq_dif.align_id 
_struct_ref_seq_dif.pdbx_pdb_id_code 
_struct_ref_seq_dif.mon_id 
_struct_ref_seq_dif.pdbx_pdb_strand_id 
_struct_ref_seq_dif.seq_num 
_struct_ref_seq_dif.pdbx_pdb_ins_code 
_struct_ref_seq_dif.pdbx_seq_db_name 
_struct_ref_seq_dif.pdbx_seq_db_accession_code 
_struct_ref_seq_dif.db_mon_id 
_struct_ref_seq_dif.pdbx_seq_db_seq_num 
_struct_ref_seq_dif.details 
_struct_ref_seq_dif.pdbx_auth_seq_num 
_struct_ref_seq_dif.pdbx_ordinal 
1 1B6K ABA A 67 ? UNP P03369 CYS 123 'SEE REMARK 999' 67  1 
1 1B6K ABA A 95 ? UNP P03369 CYS 151 'SEE REMARK 999' 95  2 
2 1B6K ABA B 67 ? UNP P03369 CYS 123 'SEE REMARK 999' 167 3 
2 1B6K ABA B 95 ? UNP P03369 CYS 151 'SEE REMARK 999' 195 4 
1 1B6K ILE A 33 ? UNP P03369 LEU 89  'SEE REMARK 999' 33  5 
2 1B6K LYS B 7  ? UNP P03369 GLN 63  'SEE REMARK 999' 107 6 
2 1B6K ILE B 33 ? UNP P03369 LEU 89  'SEE REMARK 999' 133 7 
# 
loop_
_chem_comp.id 
_chem_comp.type 
_chem_comp.mon_nstd_flag 
_chem_comp.name 
_chem_comp.pdbx_synonyms 
_chem_comp.formula 
_chem_comp.formula_weight 
ABA 'L-peptide linking' n 'ALPHA-AMINOBUTYRIC ACID' ?                                        'C4 H9 N O2'     103.120 
ALA 'L-peptide linking' y ALANINE ?                                        'C3 H7 N O2'     89.093  
ARG 'L-peptide linking' y ARGININE ?                                        'C6 H15 N4 O2 1' 175.209 
ASN 'L-peptide linking' y ASPARAGINE ?                                        'C4 H8 N2 O3'    132.118 
ASP 'L-peptide linking' y 'ASPARTIC ACID' ?                                        'C4 H7 N O4'     133.103 
CYS 'L-peptide linking' y CYSTEINE ?                                        'C3 H7 N O2 S'   121.158 
GLN 'L-peptide linking' y GLUTAMINE ?                                        'C5 H10 N2 O3'   146.144 
GLU 'L-peptide linking' y 'GLUTAMIC ACID' ?                                        'C5 H9 N O4'     147.129 
GLY 'peptide linking'   y GLYCINE ?                                        'C2 H5 N O2'     75.067  
HIS 'L-peptide linking' y HISTIDINE ?                                        'C6 H10 N3 O2 1' 156.162 
HOH non-polymer         . WATER ?                                        'H2 O'           18.015  
ILE 'L-peptide linking' y ISOLEUCINE ?                                        'C6 H13 N O2'    131.173 
LEU 'L-peptide linking' y LEUCINE ?                                        'C6 H13 N O2'    131.173 
LYS 'L-peptide linking' y LYSINE ?                                        'C6 H15 N2 O2 1' 147.195 
MET 'L-peptide linking' y METHIONINE ?                                        'C5 H11 N O2 S'  149.211 
PHE 'L-peptide linking' y PHENYLALANINE ?                                        'C9 H11 N O2'    165.189 
PI5 non-polymer         . 
;N-[3-(8-SEC-BUTYL-7,10-DIOXO-2-OXA-6,9-DIAZA-BICYCLO[11.2.2]HEPTADECA-1(16),13(17),14- TRIEN-11-YLAMINO)-2-HYDROXY-1-(4-HYDROXY-BENZYL)-PROPYL]-3-METHYL-2- (2-OXO-PYRROLIDIN-1-YL)-BUTYRAMIDE
;
'MACROCYCLIC PEPTIDOMIMETIC INHIBITOR 5' 'C37 H53 N5 O7'  679.846 
PRO 'L-peptide linking' y PROLINE ?                                        'C5 H9 N O2'     115.130 
SO4 non-polymer         . 'SULFATE ION' ?                                        'O4 S -2'        96.063  
THR 'L-peptide linking' y THREONINE ?                                        'C4 H9 N O3'     119.119 
TRP 'L-peptide linking' y TRYPTOPHAN ?                                        'C11 H12 N2 O2'  204.225 
TYR 'L-peptide linking' y TYROSINE ?                                        'C9 H11 N O3'    181.189 
VAL 'L-peptide linking' y VALINE ?                                        'C5 H11 N O2'    117.146 
# 
_exptl.entry_id          1B6K 
_exptl.method            'X-RAY DIFFRACTION' 
_exptl.crystals_number   1 
# 
_exptl_crystal.id                    1 
_exptl_crystal.density_meas          ? 
_exptl_crystal.density_Matthews      2.20 
_exptl_crystal.density_percent_sol   43.99 
_exptl_crystal.description           ? 
# 
_exptl_crystal_grow.crystal_id      1 
_exptl_crystal_grow.method          ? 
_exptl_crystal_grow.temp            ? 
_exptl_crystal_grow.temp_details    ? 
_exptl_crystal_grow.pH              5.5 
_exptl_crystal_grow.pdbx_details    '0.1 M ACETATE BUFFER PH 5.5 AND 30-60% AMMONIUM SULFATE' 
_exptl_crystal_grow.pdbx_pH_range   . 
# 
_diffrn.id                     1 
_diffrn.ambient_temp           289 
_diffrn.ambient_temp_details   ? 
_diffrn.crystal_id             1 
# 
_diffrn_detector.diffrn_id              1 
_diffrn_detector.detector               'IMAGE PLATE' 
_diffrn_detector.type                   'RIGAKU RAXIS IIC' 
_diffrn_detector.pdbx_collection_date   1995-06-01 
_diffrn_detector.details                'YALE MIRRORS' 
# 
_diffrn_radiation.diffrn_id                        1 
_diffrn_radiation.wavelength_id                    1 
_diffrn_radiation.pdbx_monochromatic_or_laue_m_l   M 
_diffrn_radiation.monochromator                    'NI FILTER' 
_diffrn_radiation.pdbx_diffrn_protocol             'SINGLE WAVELENGTH' 
_diffrn_radiation.pdbx_scattering_type             x-ray 
# 
_diffrn_radiation_wavelength.id           1 
_diffrn_radiation_wavelength.wavelength   1.5418 
_diffrn_radiation_wavelength.wt           1.0 
# 
_diffrn_source.diffrn_id                   1 
_diffrn_source.source                      'ROTATING ANODE' 
_diffrn_source.type                        'RIGAKU RU200' 
_diffrn_source.pdbx_synchrotron_site       ? 
_diffrn_source.pdbx_synchrotron_beamline   ? 
_diffrn_source.pdbx_wavelength             1.5418 
_diffrn_source.pdbx_wavelength_list        ? 
# 
_reflns.entry_id                     1B6K 
_reflns.observed_criterion_sigma_I   1.0 
_reflns.observed_criterion_sigma_F   ? 
_reflns.d_resolution_low             50.0 
_reflns.d_resolution_high            1.85 
_reflns.number_obs                   15429 
_reflns.number_all                   ? 
_reflns.percent_possible_obs         92 
_reflns.pdbx_Rmerge_I_obs            ? 
_reflns.pdbx_Rsym_value              0.065 
_reflns.pdbx_netI_over_sigmaI        10.7 
_reflns.B_iso_Wilson_estimate        4.5 
_reflns.pdbx_redundancy              3.0 
_reflns.R_free_details               ? 
_reflns.limit_h_max                  ? 
_reflns.limit_h_min                  ? 
_reflns.limit_k_max                  ? 
_reflns.limit_k_min                  ? 
_reflns.limit_l_max                  ? 
_reflns.limit_l_min                  ? 
_reflns.observed_criterion_F_max     ? 
_reflns.observed_criterion_F_min     ? 
_reflns.pdbx_diffrn_id               1 
_reflns.pdbx_ordinal                 1 
# 
_reflns_shell.d_res_high             1.85 
_reflns_shell.d_res_low              1.92 
_reflns_shell.percent_possible_all   81 
_reflns_shell.Rmerge_I_obs           ? 
_reflns_shell.pdbx_Rsym_value        0.276 
_reflns_shell.meanI_over_sigI_obs    2.7 
_reflns_shell.pdbx_redundancy        ? 
_reflns_shell.percent_possible_obs   ? 
_reflns_shell.number_unique_all      ? 
_reflns_shell.pdbx_diffrn_id         ? 
_reflns_shell.pdbx_ordinal           1 
# 
_refine.entry_id                                 1B6K 
_refine.ls_number_reflns_obs                     15126 
_refine.ls_number_reflns_all                     ? 
_refine.pdbx_ls_sigma_I                          ? 
_refine.pdbx_ls_sigma_F                          0.0 
_refine.pdbx_data_cutoff_high_absF               10000000.00 
_refine.pdbx_data_cutoff_low_absF                0.00100 
_refine.pdbx_data_cutoff_high_rms_absF           ? 
_refine.ls_d_res_low                             8.00 
_refine.ls_d_res_high                            1.85 
_refine.ls_percent_reflns_obs                    91.6 
_refine.ls_R_factor_obs                          ? 
_refine.ls_R_factor_all                          ? 
_refine.ls_R_factor_R_work                       0.2090000 
_refine.ls_R_factor_R_free                       0.2390000 
_refine.ls_R_factor_R_free_error                 0.006 
_refine.ls_R_factor_R_free_error_details         ? 
_refine.ls_percent_reflns_R_free                 10.1 
_refine.ls_number_reflns_R_free                  1528 
_refine.ls_number_parameters                     ? 
_refine.ls_number_restraints                     ? 
_refine.occupancy_min                            ? 
_refine.occupancy_max                            ? 
_refine.B_iso_mean                               16.8 
_refine.aniso_B[1][1]                            0.00 
_refine.aniso_B[2][2]                            0.00 
_refine.aniso_B[3][3]                            0.00 
_refine.aniso_B[1][2]                            0.00 
_refine.aniso_B[1][3]                            0.00 
_refine.aniso_B[2][3]                            0.00 
_refine.solvent_model_details                    ? 
_refine.solvent_model_param_ksol                 ? 
_refine.solvent_model_param_bsol                 ? 
_refine.pdbx_ls_cross_valid_method               THROUGHOUT 
_refine.details                                  ? 
_refine.pdbx_starting_model                      'PDB ENTRY 1CPI' 
_refine.pdbx_method_to_determine_struct          OTHER 
_refine.pdbx_isotropic_thermal_model             RESTRAINED 
_refine.pdbx_stereochemistry_target_values       ? 
_refine.pdbx_stereochem_target_val_spec_case     ? 
_refine.pdbx_R_Free_selection_details            RANDOM 
_refine.pdbx_overall_ESU_R                       ? 
_refine.pdbx_overall_ESU_R_Free                  ? 
_refine.overall_SU_ML                            ? 
_refine.overall_SU_B                             ? 
_refine.ls_redundancy_reflns_obs                 ? 
_refine.B_iso_min                                ? 
_refine.B_iso_max                                ? 
_refine.pdbx_refine_id                           'X-RAY DIFFRACTION' 
_refine.pdbx_diffrn_id                           1 
_refine.pdbx_TLS_residual_ADP_flag               ? 
_refine.correlation_coeff_Fo_to_Fc               ? 
_refine.correlation_coeff_Fo_to_Fc_free          ? 
_refine.pdbx_solvent_vdw_probe_radii             ? 
_refine.pdbx_solvent_ion_probe_radii             ? 
_refine.pdbx_solvent_shrinkage_radii             ? 
_refine.pdbx_overall_phase_error                 ? 
_refine.overall_SU_R_Cruickshank_DPI             ? 
_refine.pdbx_overall_SU_R_free_Cruickshank_DPI   ? 
_refine.pdbx_overall_SU_R_Blow_DPI               ? 
_refine.pdbx_overall_SU_R_free_Blow_DPI          ? 
# 
_refine_analyze.entry_id                        1B6K 
_refine_analyze.Luzzati_coordinate_error_obs    0.21 
_refine_analyze.Luzzati_sigma_a_obs             0.25 
_refine_analyze.Luzzati_d_res_low_obs           5.00 
_refine_analyze.Luzzati_coordinate_error_free   0.24 
_refine_analyze.Luzzati_sigma_a_free            0.26 
_refine_analyze.Luzzati_d_res_low_free          ? 
_refine_analyze.number_disordered_residues      ? 
_refine_analyze.occupancy_sum_hydrogen          ? 
_refine_analyze.occupancy_sum_non_hydrogen      ? 
_refine_analyze.pdbx_Luzzati_d_res_high_obs     ? 
_refine_analyze.pdbx_refine_id                  'X-RAY DIFFRACTION' 
# 
_refine_hist.pdbx_refine_id                   'X-RAY DIFFRACTION' 
_refine_hist.cycle_id                         LAST 
_refine_hist.pdbx_number_atoms_protein        1515 
_refine_hist.pdbx_number_atoms_nucleic_acid   0 
_refine_hist.pdbx_number_atoms_ligand         64 
_refine_hist.number_atoms_solvent             95 
_refine_hist.number_atoms_total               1674 
_refine_hist.d_res_high                       1.85 
_refine_hist.d_res_low                        8.00 
# 
loop_
_refine_ls_restr.type 
_refine_ls_restr.dev_ideal 
_refine_ls_restr.dev_ideal_target 
_refine_ls_restr.weight 
_refine_ls_restr.number 
_refine_ls_restr.pdbx_refine_id 
_refine_ls_restr.pdbx_restraint_function 
x_bond_d                0.006 ?    ? ? 'X-RAY DIFFRACTION' ? 
x_bond_d_na             ?     ?    ? ? 'X-RAY DIFFRACTION' ? 
x_bond_d_prot           ?     ?    ? ? 'X-RAY DIFFRACTION' ? 
x_angle_d               ?     ?    ? ? 'X-RAY DIFFRACTION' ? 
x_angle_d_na            ?     ?    ? ? 'X-RAY DIFFRACTION' ? 
x_angle_d_prot          ?     ?    ? ? 'X-RAY DIFFRACTION' ? 
x_angle_deg             1.3   ?    ? ? 'X-RAY DIFFRACTION' ? 
x_angle_deg_na          ?     ?    ? ? 'X-RAY DIFFRACTION' ? 
x_angle_deg_prot        ?     ?    ? ? 'X-RAY DIFFRACTION' ? 
x_dihedral_angle_d      27.0  ?    ? ? 'X-RAY DIFFRACTION' ? 
x_dihedral_angle_d_na   ?     ?    ? ? 'X-RAY DIFFRACTION' ? 
x_dihedral_angle_d_prot ?     ?    ? ? 'X-RAY DIFFRACTION' ? 
x_improper_angle_d      1.16  ?    ? ? 'X-RAY DIFFRACTION' ? 
x_improper_angle_d_na   ?     ?    ? ? 'X-RAY DIFFRACTION' ? 
x_improper_angle_d_prot ?     ?    ? ? 'X-RAY DIFFRACTION' ? 
x_mcbond_it             1.15  1.50 ? ? 'X-RAY DIFFRACTION' ? 
x_mcangle_it            1.76  2.00 ? ? 'X-RAY DIFFRACTION' ? 
x_scbond_it             1.97  2.00 ? ? 'X-RAY DIFFRACTION' ? 
x_scangle_it            3.11  2.50 ? ? 'X-RAY DIFFRACTION' ? 
# 
_refine_ls_shell.pdbx_total_number_of_bins_used   6 
_refine_ls_shell.d_res_high                       1.85 
_refine_ls_shell.d_res_low                        1.96 
_refine_ls_shell.number_reflns_R_work             2014 
_refine_ls_shell.R_factor_R_work                  0.2920000 
_refine_ls_shell.percent_reflns_obs               82.3 
_refine_ls_shell.R_factor_R_free                  0.3120000 
_refine_ls_shell.R_factor_R_free_error            0.021 
_refine_ls_shell.percent_reflns_R_free            9.7 
_refine_ls_shell.number_reflns_R_free             217 
_refine_ls_shell.redundancy_reflns_obs            ? 
_refine_ls_shell.number_reflns_all                ? 
_refine_ls_shell.number_reflns_obs                ? 
_refine_ls_shell.pdbx_refine_id                   'X-RAY DIFFRACTION' 
_refine_ls_shell.R_factor_all                     ? 
# 
loop_
_pdbx_xplor_file.serial_no 
_pdbx_xplor_file.param_file 
_pdbx_xplor_file.topol_file 
_pdbx_xplor_file.pdbx_refine_id 
1 PARHCSDXJA11R.PRO TOPHCSDXJA11R.PRO 'X-RAY DIFFRACTION' 
2 PARAM19.SOL       TOPH19.SOL        'X-RAY DIFFRACTION' 
3 ?                 INHIBTOP.INP      'X-RAY DIFFRACTION' 
# 
_struct.entry_id                  1B6K 
_struct.title                     'HIV-1 PROTEASE COMPLEXED WITH MACROCYCLIC PEPTIDOMIMETIC INHIBITOR 5' 
_struct.pdbx_model_details        ? 
_struct.pdbx_CASP_flag            ? 
_struct.pdbx_model_type_details   ? 
# 
_struct_keywords.entry_id        1B6K 
_struct_keywords.pdbx_keywords   'HYDROLASE/HYDROLASE INHIBITOR' 
_struct_keywords.text            'COMPLEX (ACID PROTEINASE-PEPTIDE), HYDROLASE-HYDROLASE INHIBITOR COMPLEX' 
# 
loop_
_struct_asym.id 
_struct_asym.pdbx_blank_PDB_chainid_flag 
_struct_asym.pdbx_modified 
_struct_asym.entity_id 
_struct_asym.details 
A N N 1 ? 
B N N 1 ? 
C N N 2 ? 
D N N 2 ? 
E N N 3 ? 
F N N 2 ? 
G N N 4 ? 
H N N 4 ? 
# 
_struct_biol.id   1 
# 
loop_
_struct_conf.conf_type_id 
_struct_conf.id 
_struct_conf.pdbx_PDB_helix_id 
_struct_conf.beg_label_comp_id 
_struct_conf.beg_label_asym_id 
_struct_conf.beg_label_seq_id 
_struct_conf.pdbx_beg_PDB_ins_code 
_struct_conf.end_label_comp_id 
_struct_conf.end_label_asym_id 
_struct_conf.end_label_seq_id 
_struct_conf.pdbx_end_PDB_ins_code 
_struct_conf.beg_auth_comp_id 
_struct_conf.beg_auth_asym_id 
_struct_conf.beg_auth_seq_id 
_struct_conf.end_auth_comp_id 
_struct_conf.end_auth_asym_id 
_struct_conf.end_auth_seq_id 
_struct_conf.pdbx_PDB_helix_class 
_struct_conf.details 
_struct_conf.pdbx_PDB_helix_length 
HELX_P HELX_P1 1 GLY A 86 ? THR A 91 ? GLY A 86  THR A 91  1 ? 6 
HELX_P HELX_P2 2 GLY B 86 ? THR B 91 ? GLY B 186 THR B 191 1 ? 6 
# 
_struct_conf_type.id          HELX_P 
_struct_conf_type.criteria    ? 
_struct_conf_type.reference   ? 
# 
loop_
_struct_conn.id 
_struct_conn.conn_type_id 
_struct_conn.pdbx_leaving_atom_flag 
_struct_conn.pdbx_PDB_id 
_struct_conn.ptnr1_label_asym_id 
_struct_conn.ptnr1_label_comp_id 
_struct_conn.ptnr1_label_seq_id 
_struct_conn.ptnr1_label_atom_id 
_struct_conn.pdbx_ptnr1_label_alt_id 
_struct_conn.pdbx_ptnr1_PDB_ins_code 
_struct_conn.pdbx_ptnr1_standard_comp_id 
_struct_conn.ptnr1_symmetry 
_struct_conn.ptnr2_label_asym_id 
_struct_conn.ptnr2_label_comp_id 
_struct_conn.ptnr2_label_seq_id 
_struct_conn.ptnr2_label_atom_id 
_struct_conn.pdbx_ptnr2_label_alt_id 
_struct_conn.pdbx_ptnr2_PDB_ins_code 
_struct_conn.ptnr1_auth_asym_id 
_struct_conn.ptnr1_auth_comp_id 
_struct_conn.ptnr1_auth_seq_id 
_struct_conn.ptnr2_auth_asym_id 
_struct_conn.ptnr2_auth_comp_id 
_struct_conn.ptnr2_auth_seq_id 
_struct_conn.ptnr2_symmetry 
_struct_conn.pdbx_ptnr3_label_atom_id 
_struct_conn.pdbx_ptnr3_label_seq_id 
_struct_conn.pdbx_ptnr3_label_comp_id 
_struct_conn.pdbx_ptnr3_label_asym_id 
_struct_conn.pdbx_ptnr3_label_alt_id 
_struct_conn.pdbx_ptnr3_PDB_ins_code 
_struct_conn.details 
_struct_conn.pdbx_dist_value 
_struct_conn.pdbx_value_order 
_struct_conn.pdbx_role 
covale1 covale both ? A ILE 66 C ? ? ? 1_555 A ABA 67 N ? ? A ILE 66  A ABA 67  1_555 ? ? ? ? ? ? ? 1.327 ? ? 
covale2 covale both ? A ABA 67 C ? ? ? 1_555 A GLY 68 N ? ? A ABA 67  A GLY 68  1_555 ? ? ? ? ? ? ? 1.330 ? ? 
covale3 covale both ? A GLY 94 C ? ? ? 1_555 A ABA 95 N ? ? A GLY 94  A ABA 95  1_555 ? ? ? ? ? ? ? 1.328 ? ? 
covale4 covale both ? A ABA 95 C ? ? ? 1_555 A THR 96 N ? ? A ABA 95  A THR 96  1_555 ? ? ? ? ? ? ? 1.328 ? ? 
covale5 covale both ? B ILE 66 C ? ? ? 1_555 B ABA 67 N ? ? B ILE 166 B ABA 167 1_555 ? ? ? ? ? ? ? 1.331 ? ? 
covale6 covale both ? B ABA 67 C ? ? ? 1_555 B GLY 68 N ? ? B ABA 167 B GLY 168 1_555 ? ? ? ? ? ? ? 1.331 ? ? 
covale7 covale both ? B GLY 94 C ? ? ? 1_555 B ABA 95 N ? ? B GLY 194 B ABA 195 1_555 ? ? ? ? ? ? ? 1.331 ? ? 
covale8 covale both ? B ABA 95 C ? ? ? 1_555 B THR 96 N ? ? B ABA 195 B THR 196 1_555 ? ? ? ? ? ? ? 1.332 ? ? 
# 
_struct_conn_type.id          covale 
_struct_conn_type.criteria    ? 
_struct_conn_type.reference   ? 
# 
_struct_sheet.id               A 
_struct_sheet.type             ? 
_struct_sheet.number_strands   4 
_struct_sheet.details          ? 
# 
loop_
_struct_sheet_order.sheet_id 
_struct_sheet_order.range_id_1 
_struct_sheet_order.range_id_2 
_struct_sheet_order.offset 
_struct_sheet_order.sense 
A 1 2 ? anti-parallel 
A 2 3 ? anti-parallel 
A 3 4 ? anti-parallel 
# 
loop_
_struct_sheet_range.sheet_id 
_struct_sheet_range.id 
_struct_sheet_range.beg_label_comp_id 
_struct_sheet_range.beg_label_asym_id 
_struct_sheet_range.beg_label_seq_id 
_struct_sheet_range.pdbx_beg_PDB_ins_code 
_struct_sheet_range.end_label_comp_id 
_struct_sheet_range.end_label_asym_id 
_struct_sheet_range.end_label_seq_id 
_struct_sheet_range.pdbx_end_PDB_ins_code 
_struct_sheet_range.beg_auth_comp_id 
_struct_sheet_range.beg_auth_asym_id 
_struct_sheet_range.beg_auth_seq_id 
_struct_sheet_range.end_auth_comp_id 
_struct_sheet_range.end_auth_asym_id 
_struct_sheet_range.end_auth_seq_id 
A 1 GLN A 2  ? THR A 4  ? GLN A 2   THR A 4   
A 2 THR B 96 ? ASN B 98 ? THR B 196 ASN B 198 
A 3 THR A 96 ? ASN A 98 ? THR A 96  ASN A 98  
A 4 GLN B 2  ? THR B 4  ? GLN B 102 THR B 104 
# 
loop_
_pdbx_struct_sheet_hbond.sheet_id 
_pdbx_struct_sheet_hbond.range_id_1 
_pdbx_struct_sheet_hbond.range_id_2 
_pdbx_struct_sheet_hbond.range_1_label_atom_id 
_pdbx_struct_sheet_hbond.range_1_label_comp_id 
_pdbx_struct_sheet_hbond.range_1_label_asym_id 
_pdbx_struct_sheet_hbond.range_1_label_seq_id 
_pdbx_struct_sheet_hbond.range_1_PDB_ins_code 
_pdbx_struct_sheet_hbond.range_1_auth_atom_id 
_pdbx_struct_sheet_hbond.range_1_auth_comp_id 
_pdbx_struct_sheet_hbond.range_1_auth_asym_id 
_pdbx_struct_sheet_hbond.range_1_auth_seq_id 
_pdbx_struct_sheet_hbond.range_2_label_atom_id 
_pdbx_struct_sheet_hbond.range_2_label_comp_id 
_pdbx_struct_sheet_hbond.range_2_label_asym_id 
_pdbx_struct_sheet_hbond.range_2_label_seq_id 
_pdbx_struct_sheet_hbond.range_2_PDB_ins_code 
_pdbx_struct_sheet_hbond.range_2_auth_atom_id 
_pdbx_struct_sheet_hbond.range_2_auth_comp_id 
_pdbx_struct_sheet_hbond.range_2_auth_asym_id 
_pdbx_struct_sheet_hbond.range_2_auth_seq_id 
A 1 2 N ILE A 3  ? N ILE A 3   O LEU B 97 ? O LEU B 197 
A 2 3 O ASN B 98 ? O ASN B 198 N THR A 96 ? N THR A 96  
A 3 4 O LEU A 97 ? O LEU A 97  N ILE B 3  ? N ILE B 103 
# 
loop_
_struct_site.id 
_struct_site.pdbx_evidence_code 
_struct_site.pdbx_auth_asym_id 
_struct_site.pdbx_auth_comp_id 
_struct_site.pdbx_auth_seq_id 
_struct_site.pdbx_auth_ins_code 
_struct_site.pdbx_num_residues 
_struct_site.details 
AC1 Software B SO4 501 ? 7  'BINDING SITE FOR RESIDUE SO4 B 501' 
AC2 Software A SO4 502 ? 4  'BINDING SITE FOR RESIDUE SO4 A 502' 
AC3 Software A SO4 503 ? 6  'BINDING SITE FOR RESIDUE SO4 A 503' 
AC4 Software A PI5 201 ? 18 'BINDING SITE FOR RESIDUE PI5 A 201' 
# 
loop_
_struct_site_gen.id 
_struct_site_gen.site_id 
_struct_site_gen.pdbx_num_res 
_struct_site_gen.label_comp_id 
_struct_site_gen.label_asym_id 
_struct_site_gen.label_seq_id 
_struct_site_gen.pdbx_auth_ins_code 
_struct_site_gen.auth_comp_id 
_struct_site_gen.auth_asym_id 
_struct_site_gen.auth_seq_id 
_struct_site_gen.label_atom_id 
_struct_site_gen.label_alt_id 
_struct_site_gen.symmetry 
_struct_site_gen.details 
1  AC1 7  GLY A 68 ? GLY A 68  . ? 3_545 ? 
2  AC1 7  HIS A 69 ? HIS A 69  . ? 3_545 ? 
3  AC1 7  LYS A 70 ? LYS A 70  . ? 3_545 ? 
4  AC1 7  PRO B 1  ? PRO B 101 . ? 2_554 ? 
5  AC1 7  LYS B 55 ? LYS B 155 . ? 1_555 ? 
6  AC1 7  HOH H .  ? HOH B 384 . ? 1_555 ? 
7  AC1 7  HOH H .  ? HOH B 389 . ? 1_555 ? 
8  AC2 4  PRO A 1  ? PRO A 1   . ? 1_555 ? 
9  AC2 4  ARG A 57 ? ARG A 57  . ? 2_455 ? 
10 AC2 4  HIS A 69 ? HIS A 69  . ? 1_555 ? 
11 AC2 4  HOH G .  ? HOH A 391 . ? 1_555 ? 
12 AC3 6  ARG A 14 ? ARG A 14  . ? 1_555 ? 
13 AC3 6  HOH G .  ? HOH A 357 . ? 1_555 ? 
14 AC3 6  ARG B 14 ? ARG B 114 . ? 1_455 ? 
15 AC3 6  GLY B 16 ? GLY B 116 . ? 1_455 ? 
16 AC3 6  GLY B 17 ? GLY B 117 . ? 1_455 ? 
17 AC3 6  HOH H .  ? HOH B 392 . ? 1_455 ? 
18 AC4 18 ASP A 25 ? ASP A 25  . ? 1_555 ? 
19 AC4 18 GLY A 27 ? GLY A 27  . ? 1_555 ? 
20 AC4 18 ALA A 28 ? ALA A 28  . ? 1_555 ? 
21 AC4 18 ASP A 29 ? ASP A 29  . ? 1_555 ? 
22 AC4 18 GLY A 48 ? GLY A 48  . ? 1_555 ? 
23 AC4 18 GLY A 49 ? GLY A 49  . ? 1_555 ? 
24 AC4 18 PRO A 81 ? PRO A 81  . ? 1_555 ? 
25 AC4 18 HOH G .  ? HOH A 301 . ? 1_555 ? 
26 AC4 18 HOH G .  ? HOH A 317 . ? 1_555 ? 
27 AC4 18 HOH G .  ? HOH A 382 . ? 1_555 ? 
28 AC4 18 HOH G .  ? HOH A 395 . ? 1_555 ? 
29 AC4 18 ARG B 8  ? ARG B 108 . ? 1_555 ? 
30 AC4 18 ASP B 25 ? ASP B 125 . ? 1_555 ? 
31 AC4 18 GLY B 27 ? GLY B 127 . ? 1_555 ? 
32 AC4 18 ALA B 28 ? ALA B 128 . ? 1_555 ? 
33 AC4 18 ASP B 29 ? ASP B 129 . ? 1_555 ? 
34 AC4 18 GLY B 48 ? GLY B 148 . ? 1_555 ? 
35 AC4 18 ILE B 84 ? ILE B 184 . ? 1_555 ? 
# 
_atom_sites.entry_id                    1B6K 
_atom_sites.fract_transf_matrix[1][1]   0.01513731 
_atom_sites.fract_transf_matrix[1][2]   -0.00842524 
_atom_sites.fract_transf_matrix[1][3]   0.00876245 
_atom_sites.fract_transf_matrix[2][1]   -0.01052152 
_atom_sites.fract_transf_matrix[2][2]   -0.00743630 
_atom_sites.fract_transf_matrix[2][3]   0.01102601 
_atom_sites.fract_transf_matrix[3][1]   -0.00135211 
_atom_sites.fract_transf_matrix[3][2]   -0.01263057 
_atom_sites.fract_transf_matrix[3][3]   -0.00980871 
_atom_sites.fract_transf_vector[1]      0.100500 
_atom_sites.fract_transf_vector[2]      0.022440 
_atom_sites.fract_transf_vector[3]      0.295154 
# 
loop_
_atom_type.symbol 
C 
N 
O 
S 
# 
loop_
_atom_site.group_PDB 
_atom_site.id 
_atom_site.type_symbol 
_atom_site.label_atom_id 
_atom_site.label_alt_id 
_atom_site.label_comp_id 
_atom_site.label_asym_id 
_atom_site.label_entity_id 
_atom_site.label_seq_id 
_atom_site.pdbx_PDB_ins_code 
_atom_site.Cartn_x 
_atom_site.Cartn_y 
_atom_site.Cartn_z 
_atom_site.occupancy 
_atom_site.B_iso_or_equiv 
_atom_site.pdbx_formal_charge 
_atom_site.auth_seq_id 
_atom_site.auth_comp_id 
_atom_site.auth_asym_id 
_atom_site.auth_atom_id 
_atom_site.pdbx_PDB_model_num 
ATOM   1    N N   . PRO A 1 1  ? -11.955 -11.557 -9.226  1.00 16.82 ? 1   PRO A N   1 
ATOM   2    C CA  . PRO A 1 1  ? -10.706 -11.840 -9.900  1.00 17.53 ? 1   PRO A CA  1 
ATOM   3    C C   . PRO A 1 1  ? -9.656  -12.121 -8.878  1.00 16.39 ? 1   PRO A C   1 
ATOM   4    O O   . PRO A 1 1  ? -9.675  -11.683 -7.738  1.00 16.72 ? 1   PRO A O   1 
ATOM   5    C CB  . PRO A 1 1  ? -10.438 -10.582 -10.681 1.00 17.75 ? 1   PRO A CB  1 
ATOM   6    C CG  . PRO A 1 1  ? -11.168 -9.499  -9.940  1.00 17.55 ? 1   PRO A CG  1 
ATOM   7    C CD  . PRO A 1 1  ? -12.380 -10.159 -9.347  1.00 17.29 ? 1   PRO A CD  1 
ATOM   8    N N   . GLN A 1 2  ? -8.669  -12.998 -9.254  1.00 15.66 ? 2   GLN A N   1 
ATOM   9    C CA  . GLN A 1 2  ? -7.521  -13.328 -8.393  1.00 16.16 ? 2   GLN A CA  1 
ATOM   10   C C   . GLN A 1 2  ? -6.347  -12.602 -9.038  1.00 16.45 ? 2   GLN A C   1 
ATOM   11   O O   . GLN A 1 2  ? -5.952  -12.909 -10.166 1.00 17.42 ? 2   GLN A O   1 
ATOM   12   C CB  . GLN A 1 2  ? -7.249  -14.835 -8.313  1.00 17.34 ? 2   GLN A CB  1 
ATOM   13   C CG  . GLN A 1 2  ? -6.026  -15.169 -7.427  1.00 20.89 ? 2   GLN A CG  1 
ATOM   14   C CD  . GLN A 1 2  ? -5.860  -16.653 -7.117  1.00 24.07 ? 2   GLN A CD  1 
ATOM   15   O OE1 . GLN A 1 2  ? -6.060  -17.088 -5.982  1.00 27.52 ? 2   GLN A OE1 1 
ATOM   16   N NE2 . GLN A 1 2  ? -5.451  -17.425 -8.115  1.00 25.73 ? 2   GLN A NE2 1 
ATOM   17   N N   . ILE A 1 3  ? -5.813  -11.616 -8.331  1.00 13.87 ? 3   ILE A N   1 
ATOM   18   C CA  . ILE A 1 3  ? -4.711  -10.801 -8.850  1.00 12.04 ? 3   ILE A CA  1 
ATOM   19   C C   . ILE A 1 3  ? -3.381  -11.134 -8.200  1.00 10.97 ? 3   ILE A C   1 
ATOM   20   O O   . ILE A 1 3  ? -3.262  -11.144 -6.973  1.00 9.65  ? 3   ILE A O   1 
ATOM   21   C CB  . ILE A 1 3  ? -5.039  -9.299  -8.659  1.00 12.37 ? 3   ILE A CB  1 
ATOM   22   C CG1 . ILE A 1 3  ? -6.399  -8.991  -9.291  1.00 11.36 ? 3   ILE A CG1 1 
ATOM   23   C CG2 . ILE A 1 3  ? -3.975  -8.421  -9.290  1.00 13.17 ? 3   ILE A CG2 1 
ATOM   24   C CD1 . ILE A 1 3  ? -6.929  -7.599  -8.980  1.00 14.64 ? 3   ILE A CD1 1 
ATOM   25   N N   . THR A 1 4  ? -2.401  -11.469 -9.035  1.00 9.14  ? 4   THR A N   1 
ATOM   26   C CA  . THR A 1 4  ? -1.043  -11.788 -8.565  1.00 9.03  ? 4   THR A CA  1 
ATOM   27   C C   . THR A 1 4  ? -0.279  -10.470 -8.428  1.00 8.65  ? 4   THR A C   1 
ATOM   28   O O   . THR A 1 4  ? -0.680  -9.450  -8.995  1.00 10.33 ? 4   THR A O   1 
ATOM   29   C CB  . THR A 1 4  ? -0.309  -12.733 -9.531  1.00 9.65  ? 4   THR A CB  1 
ATOM   30   O OG1 . THR A 1 4  ? -0.372  -12.202 -10.860 1.00 10.95 ? 4   THR A OG1 1 
ATOM   31   C CG2 . THR A 1 4  ? -0.938  -14.118 -9.502  1.00 9.22  ? 4   THR A CG2 1 
ATOM   32   N N   . LEU A 1 5  ? 0.836   -10.497 -7.708  1.00 7.29  ? 5   LEU A N   1 
ATOM   33   C CA  . LEU A 1 5  ? 1.594   -9.265  -7.458  1.00 9.77  ? 5   LEU A CA  1 
ATOM   34   C C   . LEU A 1 5  ? 2.942   -9.121  -8.163  1.00 10.58 ? 5   LEU A C   1 
ATOM   35   O O   . LEU A 1 5  ? 3.817   -8.395  -7.690  1.00 10.23 ? 5   LEU A O   1 
ATOM   36   C CB  . LEU A 1 5  ? 1.751   -9.077  -5.946  1.00 9.23  ? 5   LEU A CB  1 
ATOM   37   C CG  . LEU A 1 5  ? 0.411   -9.054  -5.201  1.00 5.82  ? 5   LEU A CG  1 
ATOM   38   C CD1 . LEU A 1 5  ? 0.617   -9.235  -3.713  1.00 8.13  ? 5   LEU A CD1 1 
ATOM   39   C CD2 . LEU A 1 5  ? -0.318  -7.772  -5.496  1.00 7.33  ? 5   LEU A CD2 1 
ATOM   40   N N   . TRP A 1 6  ? 3.093   -9.791  -9.302  1.00 12.75 ? 6   TRP A N   1 
ATOM   41   C CA  . TRP A 1 6  ? 4.338   -9.716  -10.086 1.00 14.39 ? 6   TRP A CA  1 
ATOM   42   C C   . TRP A 1 6  ? 4.406   -8.324  -10.706 1.00 12.16 ? 6   TRP A C   1 
ATOM   43   O O   . TRP A 1 6  ? 5.483   -7.794  -10.964 1.00 13.98 ? 6   TRP A O   1 
ATOM   44   C CB  . TRP A 1 6  ? 4.353   -10.810 -11.164 1.00 18.79 ? 6   TRP A CB  1 
ATOM   45   C CG  . TRP A 1 6  ? 4.114   -12.191 -10.591 1.00 22.01 ? 6   TRP A CG  1 
ATOM   46   C CD1 . TRP A 1 6  ? 2.955   -12.914 -10.638 1.00 24.41 ? 6   TRP A CD1 1 
ATOM   47   C CD2 . TRP A 1 6  ? 5.036   -12.965 -9.819  1.00 23.17 ? 6   TRP A CD2 1 
ATOM   48   N NE1 . TRP A 1 6  ? 3.092   -14.086 -9.929  1.00 23.67 ? 6   TRP A NE1 1 
ATOM   49   C CE2 . TRP A 1 6  ? 4.358   -14.142 -9.416  1.00 23.68 ? 6   TRP A CE2 1 
ATOM   50   C CE3 . TRP A 1 6  ? 6.365   -12.781 -9.423  1.00 23.24 ? 6   TRP A CE3 1 
ATOM   51   C CZ2 . TRP A 1 6  ? 4.969   -15.124 -8.637  1.00 24.65 ? 6   TRP A CZ2 1 
ATOM   52   C CZ3 . TRP A 1 6  ? 6.972   -13.757 -8.649  1.00 24.63 ? 6   TRP A CZ3 1 
ATOM   53   C CH2 . TRP A 1 6  ? 6.271   -14.916 -8.263  1.00 25.55 ? 6   TRP A CH2 1 
ATOM   54   N N   . LYS A 1 7  ? 3.239   -7.730  -10.909 1.00 10.79 ? 7   LYS A N   1 
ATOM   55   C CA  . LYS A 1 7  ? 3.133   -6.375  -11.464 1.00 11.97 ? 7   LYS A CA  1 
ATOM   56   C C   . LYS A 1 7  ? 2.266   -5.573  -10.495 1.00 12.58 ? 7   LYS A C   1 
ATOM   57   O O   . LYS A 1 7  ? 1.600   -6.157  -9.639  1.00 13.32 ? 7   LYS A O   1 
ATOM   58   C CB  . LYS A 1 7  ? 2.487   -6.421  -12.848 1.00 11.28 ? 7   LYS A CB  1 
ATOM   59   N N   . ARG A 1 8  ? 2.296   -4.245  -10.593 1.00 11.91 ? 8   ARG A N   1 
ATOM   60   C CA  . ARG A 1 8  ? 1.464   -3.404  -9.709  1.00 13.10 ? 8   ARG A CA  1 
ATOM   61   C C   . ARG A 1 8  ? -0.007  -3.733  -9.956  1.00 11.90 ? 8   ARG A C   1 
ATOM   62   O O   . ARG A 1 8  ? -0.444  -3.847  -11.107 1.00 11.67 ? 8   ARG A O   1 
ATOM   63   C CB  . ARG A 1 8  ? 1.690   -1.914  -9.981  1.00 15.83 ? 8   ARG A CB  1 
ATOM   64   C CG  . ARG A 1 8  ? 3.031   -1.382  -9.542  1.00 17.13 ? 8   ARG A CG  1 
ATOM   65   C CD  . ARG A 1 8  ? 3.073   0.123   -9.700  1.00 21.63 ? 8   ARG A CD  1 
ATOM   66   N NE  . ARG A 1 8  ? 4.410   0.678   -9.431  1.00 26.96 ? 8   ARG A NE  1 
ATOM   67   C CZ  . ARG A 1 8  ? 4.707   1.974   -9.489  1.00 28.95 ? 8   ARG A CZ  1 
ATOM   68   N NH1 . ARG A 1 8  ? 3.769   2.860   -9.797  1.00 30.46 ? 8   ARG A NH1 1 
ATOM   69   N NH2 . ARG A 1 8  ? 5.949   2.385   -9.267  1.00 30.08 ? 8   ARG A NH2 1 
ATOM   70   N N   . PRO A 1 9  ? -0.782  -3.933  -8.878  1.00 9.67  ? 9   PRO A N   1 
ATOM   71   C CA  . PRO A 1 9  ? -2.206  -4.255  -9.025  1.00 9.29  ? 9   PRO A CA  1 
ATOM   72   C C   . PRO A 1 9  ? -3.054  -3.050  -9.416  1.00 10.01 ? 9   PRO A C   1 
ATOM   73   O O   . PRO A 1 9  ? -3.787  -2.491  -8.601  1.00 10.86 ? 9   PRO A O   1 
ATOM   74   C CB  . PRO A 1 9  ? -2.573  -4.810  -7.649  1.00 6.10  ? 9   PRO A CB  1 
ATOM   75   C CG  . PRO A 1 9  ? -1.652  -4.084  -6.733  1.00 7.18  ? 9   PRO A CG  1 
ATOM   76   C CD  . PRO A 1 9  ? -0.343  -4.087  -7.479  1.00 8.72  ? 9   PRO A CD  1 
ATOM   77   N N   . LEU A 1 10 ? -2.943  -2.652  -10.679 1.00 12.41 ? 10  LEU A N   1 
ATOM   78   C CA  . LEU A 1 10 ? -3.699  -1.509  -11.205 1.00 13.45 ? 10  LEU A CA  1 
ATOM   79   C C   . LEU A 1 10 ? -4.969  -1.980  -11.892 1.00 13.00 ? 10  LEU A C   1 
ATOM   80   O O   . LEU A 1 10 ? -4.962  -2.971  -12.618 1.00 14.30 ? 10  LEU A O   1 
ATOM   81   C CB  . LEU A 1 10 ? -2.842  -0.711  -12.188 1.00 14.00 ? 10  LEU A CB  1 
ATOM   82   C CG  . LEU A 1 10 ? -1.648  0.001   -11.562 1.00 16.13 ? 10  LEU A CG  1 
ATOM   83   C CD1 . LEU A 1 10 ? -0.696  0.477   -12.642 1.00 19.60 ? 10  LEU A CD1 1 
ATOM   84   C CD2 . LEU A 1 10 ? -2.127  1.159   -10.713 1.00 16.59 ? 10  LEU A CD2 1 
ATOM   85   N N   . VAL A 1 11 ? -6.058  -1.263  -11.656 1.00 12.28 ? 11  VAL A N   1 
ATOM   86   C CA  . VAL A 1 11 ? -7.349  -1.608  -12.253 1.00 12.18 ? 11  VAL A CA  1 
ATOM   87   C C   . VAL A 1 11 ? -8.082  -0.349  -12.685 1.00 11.38 ? 11  VAL A C   1 
ATOM   88   O O   . VAL A 1 11 ? -7.777  0.749   -12.220 1.00 12.49 ? 11  VAL A O   1 
ATOM   89   C CB  . VAL A 1 11 ? -8.232  -2.377  -11.250 1.00 10.70 ? 11  VAL A CB  1 
ATOM   90   C CG1 . VAL A 1 11 ? -7.538  -3.665  -10.818 1.00 11.48 ? 11  VAL A CG1 1 
ATOM   91   C CG2 . VAL A 1 11 ? -8.544  -1.498  -10.044 1.00 11.13 ? 11  VAL A CG2 1 
ATOM   92   N N   . THR A 1 12 ? -9.036  -0.512  -13.595 1.00 12.61 ? 12  THR A N   1 
ATOM   93   C CA  . THR A 1 12 ? -9.831  0.615   -14.086 1.00 13.75 ? 12  THR A CA  1 
ATOM   94   C C   . THR A 1 12 ? -10.992 0.854   -13.136 1.00 14.46 ? 12  THR A C   1 
ATOM   95   O O   . THR A 1 12 ? -11.678 -0.080  -12.717 1.00 12.55 ? 12  THR A O   1 
ATOM   96   C CB  . THR A 1 12 ? -10.405 0.354   -15.505 1.00 16.90 ? 12  THR A CB  1 
ATOM   97   O OG1 . THR A 1 12 ? -9.331  0.154   -16.432 1.00 17.54 ? 12  THR A OG1 1 
ATOM   98   C CG2 . THR A 1 12 ? -11.241 1.542   -15.974 1.00 18.17 ? 12  THR A CG2 1 
ATOM   99   N N   . ILE A 1 13 ? -11.177 2.113   -12.769 1.00 13.87 ? 13  ILE A N   1 
ATOM   100  C CA  . ILE A 1 13 ? -12.268 2.503   -11.882 1.00 14.23 ? 13  ILE A CA  1 
ATOM   101  C C   . ILE A 1 13 ? -13.038 3.593   -12.598 1.00 16.52 ? 13  ILE A C   1 
ATOM   102  O O   . ILE A 1 13 ? -12.568 4.152   -13.590 1.00 16.06 ? 13  ILE A O   1 
ATOM   103  C CB  . ILE A 1 13 ? -11.753 3.066   -10.522 1.00 13.13 ? 13  ILE A CB  1 
ATOM   104  C CG1 . ILE A 1 13 ? -11.037 4.399   -10.726 1.00 11.77 ? 13  ILE A CG1 1 
ATOM   105  C CG2 . ILE A 1 13 ? -10.806 2.076   -9.856  1.00 11.31 ? 13  ILE A CG2 1 
ATOM   106  C CD1 . ILE A 1 13 ? -10.674 5.108   -9.434  1.00 12.11 ? 13  ILE A CD1 1 
ATOM   107  N N   . ARG A 1 14 ? -14.245 3.860   -12.124 1.00 18.57 ? 14  ARG A N   1 
ATOM   108  C CA  . ARG A 1 14 ? -15.059 4.922   -12.707 1.00 20.55 ? 14  ARG A CA  1 
ATOM   109  C C   . ARG A 1 14 ? -15.540 5.772   -11.550 1.00 20.90 ? 14  ARG A C   1 
ATOM   110  O O   . ARG A 1 14 ? -16.160 5.273   -10.611 1.00 20.62 ? 14  ARG A O   1 
ATOM   111  C CB  . ARG A 1 14 ? -16.232 4.360   -13.504 1.00 23.01 ? 14  ARG A CB  1 
ATOM   112  C CG  . ARG A 1 14 ? -16.829 5.393   -14.431 1.00 27.35 ? 14  ARG A CG  1 
ATOM   113  C CD  . ARG A 1 14 ? -17.675 4.761   -15.520 1.00 32.45 ? 14  ARG A CD  1 
ATOM   114  N NE  . ARG A 1 14 ? -18.889 4.118   -14.997 1.00 37.39 ? 14  ARG A NE  1 
ATOM   115  C CZ  . ARG A 1 14 ? -19.792 4.723   -14.230 1.00 39.75 ? 14  ARG A CZ  1 
ATOM   116  N NH1 . ARG A 1 14 ? -19.631 5.993   -13.876 1.00 40.81 ? 14  ARG A NH1 1 
ATOM   117  N NH2 . ARG A 1 14 ? -20.877 4.066   -13.838 1.00 41.35 ? 14  ARG A NH2 1 
ATOM   118  N N   . ILE A 1 15 ? -15.204 7.054   -11.602 1.00 21.38 ? 15  ILE A N   1 
ATOM   119  C CA  . ILE A 1 15 ? -15.562 7.987   -10.536 1.00 21.95 ? 15  ILE A CA  1 
ATOM   120  C C   . ILE A 1 15 ? -15.975 9.316   -11.145 1.00 23.43 ? 15  ILE A C   1 
ATOM   121  O O   . ILE A 1 15 ? -15.293 9.837   -12.027 1.00 24.64 ? 15  ILE A O   1 
ATOM   122  C CB  . ILE A 1 15 ? -14.367 8.164   -9.564  1.00 21.33 ? 15  ILE A CB  1 
ATOM   123  C CG1 . ILE A 1 15 ? -14.696 9.190   -8.478  1.00 21.31 ? 15  ILE A CG1 1 
ATOM   124  C CG2 . ILE A 1 15 ? -13.101 8.514   -10.334 1.00 20.98 ? 15  ILE A CG2 1 
ATOM   125  C CD1 . ILE A 1 15 ? -13.636 9.292   -7.404  1.00 21.77 ? 15  ILE A CD1 1 
ATOM   126  N N   . GLY A 1 16 ? -17.111 9.839   -10.689 1.00 24.06 ? 16  GLY A N   1 
ATOM   127  C CA  . GLY A 1 16 ? -17.622 11.095  -11.211 1.00 25.66 ? 16  GLY A CA  1 
ATOM   128  C C   . GLY A 1 16 ? -18.027 10.970  -12.673 1.00 26.27 ? 16  GLY A C   1 
ATOM   129  O O   . GLY A 1 16 ? -18.131 11.971  -13.383 1.00 27.63 ? 16  GLY A O   1 
ATOM   130  N N   . GLY A 1 17 ? -18.271 9.738   -13.113 1.00 25.37 ? 17  GLY A N   1 
ATOM   131  C CA  . GLY A 1 17 ? -18.649 9.491   -14.492 1.00 25.99 ? 17  GLY A CA  1 
ATOM   132  C C   . GLY A 1 17 ? -17.436 9.521   -15.405 1.00 26.32 ? 17  GLY A C   1 
ATOM   133  O O   . GLY A 1 17 ? -17.569 9.689   -16.617 1.00 28.08 ? 17  GLY A O   1 
ATOM   134  N N   . GLN A 1 18 ? -16.257 9.310   -14.825 1.00 26.38 ? 18  GLN A N   1 
ATOM   135  C CA  . GLN A 1 18 ? -14.989 9.334   -15.575 1.00 25.92 ? 18  GLN A CA  1 
ATOM   136  C C   . GLN A 1 18 ? -14.125 8.103   -15.281 1.00 24.04 ? 18  GLN A C   1 
ATOM   137  O O   . GLN A 1 18 ? -14.023 7.669   -14.135 1.00 24.43 ? 18  GLN A O   1 
ATOM   138  C CB  . GLN A 1 18 ? -14.237 10.612  -15.205 1.00 27.79 ? 18  GLN A CB  1 
ATOM   139  C CG  . GLN A 1 18 ? -12.918 10.821  -15.902 1.00 32.38 ? 18  GLN A CG  1 
ATOM   140  C CD  . GLN A 1 18 ? -12.363 12.207  -15.644 1.00 34.54 ? 18  GLN A CD  1 
ATOM   141  O OE1 . GLN A 1 18 ? -11.591 12.420  -14.705 1.00 35.87 ? 18  GLN A OE1 1 
ATOM   142  N NE2 . GLN A 1 18 ? -12.770 13.166  -16.466 1.00 36.02 ? 18  GLN A NE2 1 
ATOM   143  N N   . LEU A 1 19 ? -13.521 7.534   -16.322 1.00 21.59 ? 19  LEU A N   1 
ATOM   144  C CA  . LEU A 1 19 ? -12.654 6.350   -16.168 1.00 20.59 ? 19  LEU A CA  1 
ATOM   145  C C   . LEU A 1 19 ? -11.223 6.723   -15.798 1.00 21.16 ? 19  LEU A C   1 
ATOM   146  O O   . LEU A 1 19 ? -10.645 7.650   -16.368 1.00 20.56 ? 19  LEU A O   1 
ATOM   147  C CB  . LEU A 1 19 ? -12.626 5.516   -17.451 1.00 21.12 ? 19  LEU A CB  1 
ATOM   148  C CG  . LEU A 1 19 ? -13.717 4.483   -17.735 1.00 21.79 ? 19  LEU A CG  1 
ATOM   149  C CD1 . LEU A 1 19 ? -15.088 5.127   -17.737 1.00 23.51 ? 19  LEU A CD1 1 
ATOM   150  C CD2 . LEU A 1 19 ? -13.438 3.837   -19.082 1.00 23.41 ? 19  LEU A CD2 1 
ATOM   151  N N   . LYS A 1 20 ? -10.655 5.981   -14.849 1.00 19.08 ? 20  LYS A N   1 
ATOM   152  C CA  . LYS A 1 20 ? -9.278  6.198   -14.381 1.00 18.23 ? 20  LYS A CA  1 
ATOM   153  C C   . LYS A 1 20 ? -8.617  4.884   -13.983 1.00 18.09 ? 20  LYS A C   1 
ATOM   154  O O   . LYS A 1 20 ? -9.282  3.857   -13.851 1.00 18.77 ? 20  LYS A O   1 
ATOM   155  C CB  . LYS A 1 20 ? -9.249  7.163   -13.195 1.00 18.93 ? 20  LYS A CB  1 
ATOM   156  C CG  . LYS A 1 20 ? -9.684  8.576   -13.528 1.00 22.07 ? 20  LYS A CG  1 
ATOM   157  C CD  . LYS A 1 20 ? -9.246  9.560   -12.453 1.00 25.78 ? 20  LYS A CD  1 
ATOM   158  C CE  . LYS A 1 20 ? -9.503  11.001  -12.884 1.00 27.01 ? 20  LYS A CE  1 
ATOM   159  N NZ  . LYS A 1 20 ? -8.985  11.286  -14.259 1.00 30.54 ? 20  LYS A NZ  1 
ATOM   160  N N   . GLU A 1 21 ? -7.300  4.921   -13.828 1.00 17.44 ? 21  GLU A N   1 
ATOM   161  C CA  . GLU A 1 21 ? -6.518  3.739   -13.437 1.00 16.73 ? 21  GLU A CA  1 
ATOM   162  C C   . GLU A 1 21 ? -6.131  3.932   -11.970 1.00 15.52 ? 21  GLU A C   1 
ATOM   163  O O   . GLU A 1 21 ? -5.633  4.993   -11.587 1.00 15.08 ? 21  GLU A O   1 
ATOM   164  C CB  A GLU A 1 21 ? -5.252  3.602   -14.283 0.50 17.30 ? 21  GLU A CB  1 
ATOM   165  C CB  B GLU A 1 21 ? -5.264  3.662   -14.313 0.50 18.10 ? 21  GLU A CB  1 
ATOM   166  C CG  A GLU A 1 21 ? -5.312  2.479   -15.297 0.50 18.76 ? 21  GLU A CG  1 
ATOM   167  C CG  B GLU A 1 21 ? -4.713  2.262   -14.589 0.50 20.22 ? 21  GLU A CG  1 
ATOM   168  C CD  A GLU A 1 21 ? -3.934  2.090   -15.810 0.50 18.98 ? 21  GLU A CD  1 
ATOM   169  C CD  B GLU A 1 21 ? -5.636  1.400   -15.454 0.50 21.66 ? 21  GLU A CD  1 
ATOM   170  O OE1 A GLU A 1 21 ? -3.021  2.948   -15.809 0.50 20.45 ? 21  GLU A OE1 1 
ATOM   171  O OE1 B GLU A 1 21 ? -6.366  1.940   -16.323 0.50 22.72 ? 21  GLU A OE1 1 
ATOM   172  O OE2 A GLU A 1 21 ? -3.759  0.918   -16.205 0.50 19.65 ? 21  GLU A OE2 1 
ATOM   173  O OE2 B GLU A 1 21 ? -5.614  0.165   -15.276 0.50 21.60 ? 21  GLU A OE2 1 
ATOM   174  N N   . ALA A 1 22 ? -6.370  2.922   -11.144 1.00 12.82 ? 22  ALA A N   1 
ATOM   175  C CA  . ALA A 1 22 ? -6.039  3.042   -9.720  1.00 10.21 ? 22  ALA A CA  1 
ATOM   176  C C   . ALA A 1 22 ? -5.336  1.813   -9.184  1.00 10.63 ? 22  ALA A C   1 
ATOM   177  O O   . ALA A 1 22 ? -5.483  0.718   -9.718  1.00 12.71 ? 22  ALA A O   1 
ATOM   178  C CB  . ALA A 1 22 ? -7.287  3.330   -8.913  1.00 10.89 ? 22  ALA A CB  1 
ATOM   179  N N   . LEU A 1 23 ? -4.562  2.017   -8.124  1.00 10.20 ? 23  LEU A N   1 
ATOM   180  C CA  . LEU A 1 23 ? -3.789  0.953   -7.471  1.00 9.57  ? 23  LEU A CA  1 
ATOM   181  C C   . LEU A 1 23 ? -4.525  0.392   -6.251  1.00 9.72  ? 23  LEU A C   1 
ATOM   182  O O   . LEU A 1 23 ? -4.942  1.151   -5.378  1.00 9.64  ? 23  LEU A O   1 
ATOM   183  C CB  . LEU A 1 23 ? -2.445  1.525   -7.017  1.00 9.33  ? 23  LEU A CB  1 
ATOM   184  C CG  . LEU A 1 23 ? -1.384  0.622   -6.388  1.00 9.52  ? 23  LEU A CG  1 
ATOM   185  C CD1 . LEU A 1 23 ? -0.770  -0.294  -7.448  1.00 9.92  ? 23  LEU A CD1 1 
ATOM   186  C CD2 . LEU A 1 23 ? -0.316  1.499   -5.760  1.00 8.98  ? 23  LEU A CD2 1 
ATOM   187  N N   . LEU A 1 24 ? -4.696  -0.930  -6.209  1.00 8.93  ? 24  LEU A N   1 
ATOM   188  C CA  . LEU A 1 24 ? -5.353  -1.590  -5.065  1.00 7.07  ? 24  LEU A CA  1 
ATOM   189  C C   . LEU A 1 24 ? -4.270  -1.660  -4.004  1.00 5.29  ? 24  LEU A C   1 
ATOM   190  O O   . LEU A 1 24 ? -3.332  -2.452  -4.097  1.00 6.50  ? 24  LEU A O   1 
ATOM   191  C CB  . LEU A 1 24 ? -5.844  -2.987  -5.452  1.00 7.30  ? 24  LEU A CB  1 
ATOM   192  C CG  . LEU A 1 24 ? -6.793  -3.012  -6.650  1.00 8.19  ? 24  LEU A CG  1 
ATOM   193  C CD1 . LEU A 1 24 ? -7.307  -4.430  -6.826  1.00 9.31  ? 24  LEU A CD1 1 
ATOM   194  C CD2 . LEU A 1 24 ? -7.951  -2.044  -6.439  1.00 5.10  ? 24  LEU A CD2 1 
ATOM   195  N N   . ASP A 1 25 ? -4.435  -0.843  -2.975  1.00 3.92  ? 25  ASP A N   1 
ATOM   196  C CA  . ASP A 1 25 ? -3.437  -0.696  -1.918  1.00 3.28  ? 25  ASP A CA  1 
ATOM   197  C C   . ASP A 1 25 ? -3.920  -1.125  -0.542  1.00 4.42  ? 25  ASP A C   1 
ATOM   198  O O   . ASP A 1 25 ? -4.611  -0.371  0.141   1.00 3.21  ? 25  ASP A O   1 
ATOM   199  C CB  . ASP A 1 25 ? -3.035  0.785   -1.901  1.00 5.12  ? 25  ASP A CB  1 
ATOM   200  C CG  . ASP A 1 25 ? -1.781  1.062   -1.102  1.00 8.33  ? 25  ASP A CG  1 
ATOM   201  O OD1 . ASP A 1 25 ? -1.396  0.263   -0.230  1.00 11.65 ? 25  ASP A OD1 1 
ATOM   202  O OD2 . ASP A 1 25 ? -1.176  2.121   -1.347  1.00 8.85  ? 25  ASP A OD2 1 
ATOM   203  N N   . THR A 1 26 ? -3.495  -2.311  -0.120  1.00 3.60  ? 26  THR A N   1 
ATOM   204  C CA  . THR A 1 26 ? -3.872  -2.846  1.194   1.00 4.83  ? 26  THR A CA  1 
ATOM   205  C C   . THR A 1 26 ? -3.132  -2.145  2.327   1.00 3.87  ? 26  THR A C   1 
ATOM   206  O O   . THR A 1 26 ? -3.430  -2.359  3.496   1.00 5.14  ? 26  THR A O   1 
ATOM   207  C CB  . THR A 1 26 ? -3.594  -4.348  1.275   1.00 4.79  ? 26  THR A CB  1 
ATOM   208  O OG1 . THR A 1 26 ? -2.191  -4.588  1.100   1.00 6.83  ? 26  THR A OG1 1 
ATOM   209  C CG2 . THR A 1 26 ? -4.384  -5.084  0.195   1.00 5.51  ? 26  THR A CG2 1 
ATOM   210  N N   . GLY A 1 27 ? -2.149  -1.324  1.976   1.00 3.53  ? 27  GLY A N   1 
ATOM   211  C CA  . GLY A 1 27 ? -1.394  -0.600  2.983   1.00 2.95  ? 27  GLY A CA  1 
ATOM   212  C C   . GLY A 1 27 ? -1.934  0.799   3.208   1.00 2.00  ? 27  GLY A C   1 
ATOM   213  O O   . GLY A 1 27 ? -1.342  1.587   3.935   1.00 4.85  ? 27  GLY A O   1 
ATOM   214  N N   . ALA A 1 28 ? -3.049  1.113   2.565   1.00 3.04  ? 28  ALA A N   1 
ATOM   215  C CA  . ALA A 1 28 ? -3.682  2.431   2.692   1.00 3.44  ? 28  ALA A CA  1 
ATOM   216  C C   . ALA A 1 28 ? -5.011  2.340   3.425   1.00 5.55  ? 28  ALA A C   1 
ATOM   217  O O   . ALA A 1 28 ? -5.885  1.573   3.026   1.00 5.13  ? 28  ALA A O   1 
ATOM   218  C CB  . ALA A 1 28 ? -3.914  3.020   1.315   1.00 5.24  ? 28  ALA A CB  1 
ATOM   219  N N   . ASP A 1 29 ? -5.178  3.140   4.474   1.00 6.41  ? 29  ASP A N   1 
ATOM   220  C CA  . ASP A 1 29 ? -6.449  3.142   5.218   1.00 7.72  ? 29  ASP A CA  1 
ATOM   221  C C   . ASP A 1 29 ? -7.505  3.797   4.355   1.00 7.50  ? 29  ASP A C   1 
ATOM   222  O O   . ASP A 1 29 ? -8.653  3.365   4.321   1.00 6.21  ? 29  ASP A O   1 
ATOM   223  C CB  . ASP A 1 29 ? -6.345  3.966   6.500   1.00 6.18  ? 29  ASP A CB  1 
ATOM   224  C CG  . ASP A 1 29 ? -5.370  3.396   7.493   1.00 6.33  ? 29  ASP A CG  1 
ATOM   225  O OD1 . ASP A 1 29 ? -4.993  2.208   7.390   1.00 8.02  ? 29  ASP A OD1 1 
ATOM   226  O OD2 . ASP A 1 29 ? -4.987  4.154   8.403   1.00 8.85  ? 29  ASP A OD2 1 
ATOM   227  N N   . ASP A 1 30 ? -7.085  4.835   3.638   1.00 7.89  ? 30  ASP A N   1 
ATOM   228  C CA  . ASP A 1 30 ? -7.988  5.617   2.800   1.00 8.90  ? 30  ASP A CA  1 
ATOM   229  C C   . ASP A 1 30 ? -7.719  5.572   1.312   1.00 7.80  ? 30  ASP A C   1 
ATOM   230  O O   . ASP A 1 30 ? -6.692  5.061   0.859   1.00 6.03  ? 30  ASP A O   1 
ATOM   231  C CB  . ASP A 1 30 ? -7.967  7.070   3.264   1.00 12.94 ? 30  ASP A CB  1 
ATOM   232  C CG  . ASP A 1 30 ? -8.239  7.207   4.744   1.00 17.04 ? 30  ASP A CG  1 
ATOM   233  O OD1 . ASP A 1 30 ? -9.315  6.754   5.192   1.00 21.07 ? 30  ASP A OD1 1 
ATOM   234  O OD2 . ASP A 1 30 ? -7.367  7.751   5.454   1.00 19.38 ? 30  ASP A OD2 1 
ATOM   235  N N   . THR A 1 31 ? -8.667  6.144   0.572   1.00 6.08  ? 31  THR A N   1 
ATOM   236  C CA  . THR A 1 31 ? -8.627  6.238   -0.891  1.00 6.16  ? 31  THR A CA  1 
ATOM   237  C C   . THR A 1 31 ? -8.222  7.664   -1.287  1.00 7.81  ? 31  THR A C   1 
ATOM   238  O O   . THR A 1 31 ? -8.847  8.642   -0.861  1.00 8.43  ? 31  THR A O   1 
ATOM   239  C CB  . THR A 1 31 ? -10.009 5.880   -1.477  1.00 3.61  ? 31  THR A CB  1 
ATOM   240  O OG1 . THR A 1 31 ? -10.278 4.496   -1.214  1.00 5.23  ? 31  THR A OG1 1 
ATOM   241  C CG2 . THR A 1 31 ? -10.055 6.110   -2.979  1.00 2.00  ? 31  THR A CG2 1 
ATOM   242  N N   . VAL A 1 32 ? -7.139  7.778   -2.052  1.00 8.86  ? 32  VAL A N   1 
ATOM   243  C CA  . VAL A 1 32 ? -6.646  9.089   -2.493  1.00 7.92  ? 32  VAL A CA  1 
ATOM   244  C C   . VAL A 1 32 ? -6.584  9.125   -4.019  1.00 9.31  ? 32  VAL A C   1 
ATOM   245  O O   . VAL A 1 32 ? -5.879  8.335   -4.645  1.00 9.36  ? 32  VAL A O   1 
ATOM   246  C CB  . VAL A 1 32 ? -5.243  9.412   -1.914  1.00 7.76  ? 32  VAL A CB  1 
ATOM   247  C CG1 . VAL A 1 32 ? -4.944  10.896  -2.070  1.00 7.27  ? 32  VAL A CG1 1 
ATOM   248  C CG2 . VAL A 1 32 ? -5.152  9.007   -0.459  1.00 6.60  ? 32  VAL A CG2 1 
ATOM   249  N N   . ILE A 1 33 ? -7.340  10.054  -4.599  1.00 9.68  ? 33  ILE A N   1 
ATOM   250  C CA  . ILE A 1 33 ? -7.422  10.224  -6.052  1.00 11.55 ? 33  ILE A CA  1 
ATOM   251  C C   . ILE A 1 33 ? -6.695  11.499  -6.466  1.00 12.32 ? 33  ILE A C   1 
ATOM   252  O O   . ILE A 1 33 ? -6.653  12.470  -5.711  1.00 12.07 ? 33  ILE A O   1 
ATOM   253  C CB  . ILE A 1 33 ? -8.903  10.327  -6.505  1.00 11.72 ? 33  ILE A CB  1 
ATOM   254  C CG1 . ILE A 1 33 ? -9.706  9.126   -5.993  1.00 11.73 ? 33  ILE A CG1 1 
ATOM   255  C CG2 . ILE A 1 33 ? -8.999  10.393  -8.027  1.00 13.80 ? 33  ILE A CG2 1 
ATOM   256  C CD1 . ILE A 1 33 ? -9.260  7.796   -6.544  1.00 12.29 ? 33  ILE A CD1 1 
ATOM   257  N N   . GLU A 1 34 ? -6.116  11.483  -7.661  1.00 13.82 ? 34  GLU A N   1 
ATOM   258  C CA  . GLU A 1 34 ? -5.400  12.654  -8.191  1.00 15.44 ? 34  GLU A CA  1 
ATOM   259  C C   . GLU A 1 34 ? -6.373  13.821  -8.332  1.00 16.63 ? 34  GLU A C   1 
ATOM   260  O O   . GLU A 1 34 ? -7.580  13.618  -8.485  1.00 15.43 ? 34  GLU A O   1 
ATOM   261  C CB  A GLU A 1 34 ? -4.745  12.309  -9.531  0.50 17.15 ? 34  GLU A CB  1 
ATOM   262  C CB  B GLU A 1 34 ? -4.791  12.321  -9.557  0.50 14.82 ? 34  GLU A CB  1 
ATOM   263  C CG  A GLU A 1 34 ? -3.628  11.275  -9.393  0.50 19.36 ? 34  GLU A CG  1 
ATOM   264  C CG  B GLU A 1 34 ? -5.820  11.988  -10.640 0.50 14.94 ? 34  GLU A CG  1 
ATOM   265  C CD  A GLU A 1 34 ? -3.223  10.633  -10.708 0.50 21.67 ? 34  GLU A CD  1 
ATOM   266  C CD  B GLU A 1 34 ? -5.209  11.330  -11.864 0.50 15.08 ? 34  GLU A CD  1 
ATOM   267  O OE1 A GLU A 1 34 ? -4.056  10.571  -11.640 0.50 22.17 ? 34  GLU A OE1 1 
ATOM   268  O OE1 B GLU A 1 34 ? -4.028  11.596  -12.165 0.50 15.22 ? 34  GLU A OE1 1 
ATOM   269  O OE2 A GLU A 1 34 ? -2.068  10.166  -10.799 0.50 22.36 ? 34  GLU A OE2 1 
ATOM   270  O OE2 B GLU A 1 34 ? -5.909  10.535  -12.525 0.50 14.46 ? 34  GLU A OE2 1 
ATOM   271  N N   . GLU A 1 35 ? -5.841  15.038  -8.243  1.00 19.34 ? 35  GLU A N   1 
ATOM   272  C CA  A GLU A 1 35 ? -6.653  16.261  -8.346  1.00 21.04 ? 35  GLU A CA  1 
ATOM   273  C C   . GLU A 1 35 ? -7.599  16.239  -9.542  1.00 22.30 ? 35  GLU A C   1 
ATOM   274  O O   . GLU A 1 35 ? -7.179  16.029  -10.683 1.00 22.37 ? 35  GLU A O   1 
ATOM   275  C CB  A GLU A 1 35 ? -5.738  17.488  -8.402  0.50 21.02 ? 35  GLU A CB  1 
ATOM   276  C CB  B GLU A 1 35 ? -5.756  17.501  -8.418  0.50 22.10 ? 35  GLU A CB  1 
ATOM   277  C CG  A GLU A 1 35 ? -4.831  17.612  -7.183  0.50 20.80 ? 35  GLU A CG  1 
ATOM   278  C CG  B GLU A 1 35 ? -5.222  17.975  -7.069  0.50 23.18 ? 35  GLU A CG  1 
ATOM   279  C CD  A GLU A 1 35 ? -3.809  18.725  -7.308  0.50 21.88 ? 35  GLU A CD  1 
ATOM   280  C CD  B GLU A 1 35 ? -6.303  18.562  -6.165  0.50 24.45 ? 35  GLU A CD  1 
ATOM   281  O OE1 A GLU A 1 35 ? -3.055  18.733  -8.306  0.50 21.85 ? 35  GLU A OE1 1 
ATOM   282  O OE1 B GLU A 1 35 ? -7.280  19.151  -6.681  0.50 25.96 ? 35  GLU A OE1 1 
ATOM   283  O OE2 A GLU A 1 35 ? -3.753  19.584  -6.402  0.50 21.16 ? 35  GLU A OE2 1 
ATOM   284  O OE2 B GLU A 1 35 ? -6.169  18.444  -4.930  0.50 24.88 ? 35  GLU A OE2 1 
ATOM   285  N N   . MET A 1 36 ? -8.887  16.390  -9.251  1.00 23.38 ? 36  MET A N   1 
ATOM   286  C CA  . MET A 1 36 ? -9.934  16.393  -10.282 1.00 25.10 ? 36  MET A CA  1 
ATOM   287  C C   . MET A 1 36 ? -11.190 17.055  -9.727  1.00 25.66 ? 36  MET A C   1 
ATOM   288  O O   . MET A 1 36 ? -11.292 17.309  -8.522  1.00 25.44 ? 36  MET A O   1 
ATOM   289  C CB  . MET A 1 36 ? -10.258 14.964  -10.738 1.00 25.26 ? 36  MET A CB  1 
ATOM   290  C CG  . MET A 1 36 ? -10.915 14.094  -9.681  1.00 26.35 ? 36  MET A CG  1 
ATOM   291  S SD  . MET A 1 36 ? -11.367 12.470  -10.315 1.00 27.44 ? 36  MET A SD  1 
ATOM   292  C CE  . MET A 1 36 ? -12.934 12.842  -11.146 1.00 27.52 ? 36  MET A CE  1 
ATOM   293  N N   . ASN A 1 37 ? -12.140 17.339  -10.614 1.00 26.32 ? 37  ASN A N   1 
ATOM   294  C CA  . ASN A 1 37 ? -13.401 17.979  -10.215 1.00 26.68 ? 37  ASN A CA  1 
ATOM   295  C C   . ASN A 1 37 ? -14.451 16.937  -9.868  1.00 26.41 ? 37  ASN A C   1 
ATOM   296  O O   . ASN A 1 37 ? -14.833 16.124  -10.707 1.00 26.55 ? 37  ASN A O   1 
ATOM   297  C CB  . ASN A 1 37 ? -13.912 18.891  -11.332 1.00 27.33 ? 37  ASN A CB  1 
ATOM   298  N N   . LEU A 1 38 ? -14.872 16.934  -8.608  1.00 25.61 ? 38  LEU A N   1 
ATOM   299  C CA  . LEU A 1 38 ? -15.905 16.000  -8.150  1.00 25.37 ? 38  LEU A CA  1 
ATOM   300  C C   . LEU A 1 38 ? -17.109 16.780  -7.661  1.00 25.36 ? 38  LEU A C   1 
ATOM   301  O O   . LEU A 1 38 ? -16.967 17.814  -7.005  1.00 25.96 ? 38  LEU A O   1 
ATOM   302  C CB  . LEU A 1 38 ? -15.390 15.093  -7.028  1.00 24.21 ? 38  LEU A CB  1 
ATOM   303  C CG  . LEU A 1 38 ? -14.569 13.866  -7.429  1.00 24.45 ? 38  LEU A CG  1 
ATOM   304  C CD1 . LEU A 1 38 ? -14.141 13.116  -6.180  1.00 22.89 ? 38  LEU A CD1 1 
ATOM   305  C CD2 . LEU A 1 38 ? -15.386 12.961  -8.337  1.00 23.65 ? 38  LEU A CD2 1 
ATOM   306  N N   . PRO A 1 39 ? -18.312 16.322  -8.029  1.00 25.51 ? 39  PRO A N   1 
ATOM   307  C CA  . PRO A 1 39 ? -19.567 16.963  -7.632  1.00 25.31 ? 39  PRO A CA  1 
ATOM   308  C C   . PRO A 1 39 ? -19.750 16.932  -6.116  1.00 25.61 ? 39  PRO A C   1 
ATOM   309  O O   . PRO A 1 39 ? -19.257 16.024  -5.443  1.00 25.41 ? 39  PRO A O   1 
ATOM   310  C CB  . PRO A 1 39 ? -20.612 16.096  -8.323  1.00 25.27 ? 39  PRO A CB  1 
ATOM   311  C CG  . PRO A 1 39 ? -19.901 15.643  -9.564  1.00 26.04 ? 39  PRO A CG  1 
ATOM   312  C CD  . PRO A 1 39 ? -18.561 15.255  -9.014  1.00 24.94 ? 39  PRO A CD  1 
ATOM   313  N N   . GLY A 1 40 ? -20.433 17.940  -5.582  1.00 25.89 ? 40  GLY A N   1 
ATOM   314  C CA  . GLY A 1 40 ? -20.680 17.992  -4.154  1.00 25.91 ? 40  GLY A CA  1 
ATOM   315  C C   . GLY A 1 40 ? -19.702 18.819  -3.345  1.00 26.61 ? 40  GLY A C   1 
ATOM   316  O O   . GLY A 1 40 ? -18.720 19.342  -3.872  1.00 26.63 ? 40  GLY A O   1 
ATOM   317  N N   . LYS A 1 41 ? -19.976 18.924  -2.048  1.00 26.48 ? 41  LYS A N   1 
ATOM   318  C CA  . LYS A 1 41 ? -19.131 19.696  -1.126  1.00 26.80 ? 41  LYS A CA  1 
ATOM   319  C C   . LYS A 1 41 ? -17.914 18.903  -0.642  1.00 26.70 ? 41  LYS A C   1 
ATOM   320  O O   . LYS A 1 41 ? -17.892 17.673  -0.705  1.00 28.15 ? 41  LYS A O   1 
ATOM   321  C CB  . LYS A 1 41 ? -19.962 20.171  0.063   1.00 26.93 ? 41  LYS A CB  1 
ATOM   322  N N   . TRP A 1 42 ? -16.896 19.622  -0.179  1.00 25.73 ? 42  TRP A N   1 
ATOM   323  C CA  . TRP A 1 42 ? -15.663 19.002  0.329   1.00 24.62 ? 42  TRP A CA  1 
ATOM   324  C C   . TRP A 1 42 ? -15.114 19.785  1.513   1.00 23.62 ? 42  TRP A C   1 
ATOM   325  O O   . TRP A 1 42 ? -15.321 20.994  1.625   1.00 24.87 ? 42  TRP A O   1 
ATOM   326  C CB  . TRP A 1 42 ? -14.594 18.916  -0.770  1.00 23.70 ? 42  TRP A CB  1 
ATOM   327  C CG  . TRP A 1 42 ? -14.189 20.244  -1.359  1.00 22.91 ? 42  TRP A CG  1 
ATOM   328  C CD1 . TRP A 1 42 ? -14.740 20.856  -2.447  1.00 22.24 ? 42  TRP A CD1 1 
ATOM   329  C CD2 . TRP A 1 42 ? -13.134 21.109  -0.904  1.00 23.07 ? 42  TRP A CD2 1 
ATOM   330  N NE1 . TRP A 1 42 ? -14.096 22.042  -2.701  1.00 22.00 ? 42  TRP A NE1 1 
ATOM   331  C CE2 . TRP A 1 42 ? -13.110 22.223  -1.774  1.00 22.82 ? 42  TRP A CE2 1 
ATOM   332  C CE3 . TRP A 1 42 ? -12.213 21.049  0.151   1.00 23.48 ? 42  TRP A CE3 1 
ATOM   333  C CZ2 . TRP A 1 42 ? -12.189 23.272  -1.618  1.00 22.46 ? 42  TRP A CZ2 1 
ATOM   334  C CZ3 . TRP A 1 42 ? -11.299 22.097  0.303   1.00 22.77 ? 42  TRP A CZ3 1 
ATOM   335  C CH2 . TRP A 1 42 ? -11.297 23.190  -0.579  1.00 23.00 ? 42  TRP A CH2 1 
ATOM   336  N N   . LYS A 1 43 ? -14.408 19.083  2.391   1.00 21.99 ? 43  LYS A N   1 
ATOM   337  C CA  . LYS A 1 43 ? -13.801 19.705  3.571   1.00 20.53 ? 43  LYS A CA  1 
ATOM   338  C C   . LYS A 1 43 ? -12.299 19.472  3.503   1.00 19.28 ? 43  LYS A C   1 
ATOM   339  O O   . LYS A 1 43 ? -11.851 18.375  3.181   1.00 19.54 ? 43  LYS A O   1 
ATOM   340  C CB  . LYS A 1 43 ? -14.373 19.088  4.834   1.00 20.93 ? 43  LYS A CB  1 
ATOM   341  N N   . PRO A 1 44 ? -11.496 20.516  3.755   1.00 18.68 ? 44  PRO A N   1 
ATOM   342  C CA  . PRO A 1 44 ? -10.044 20.349  3.706   1.00 18.80 ? 44  PRO A CA  1 
ATOM   343  C C   . PRO A 1 44 ? -9.521  19.421  4.802   1.00 19.19 ? 44  PRO A C   1 
ATOM   344  O O   . PRO A 1 44 ? -9.985  19.462  5.944   1.00 20.20 ? 44  PRO A O   1 
ATOM   345  C CB  . PRO A 1 44 ? -9.526  21.783  3.857   1.00 18.84 ? 44  PRO A CB  1 
ATOM   346  C CG  . PRO A 1 44 ? -10.617 22.471  4.616   1.00 19.14 ? 44  PRO A CG  1 
ATOM   347  C CD  . PRO A 1 44 ? -11.858 21.927  3.974   1.00 18.73 ? 44  PRO A CD  1 
ATOM   348  N N   . LYS A 1 45 ? -8.580  18.560  4.429   1.00 17.88 ? 45  LYS A N   1 
ATOM   349  C CA  . LYS A 1 45 ? -7.981  17.603  5.366   1.00 17.63 ? 45  LYS A CA  1 
ATOM   350  C C   . LYS A 1 45 ? -6.486  17.452  5.093   1.00 18.21 ? 45  LYS A C   1 
ATOM   351  O O   . LYS A 1 45 ? -5.994  17.860  4.045   1.00 17.24 ? 45  LYS A O   1 
ATOM   352  C CB  . LYS A 1 45 ? -8.680  16.250  5.252   1.00 15.50 ? 45  LYS A CB  1 
ATOM   353  N N   . MET A 1 46 ? -5.775  16.865  6.049   1.00 18.58 ? 46  MET A N   1 
ATOM   354  C CA  . MET A 1 46 ? -4.329  16.640  5.930   1.00 20.45 ? 46  MET A CA  1 
ATOM   355  C C   . MET A 1 46 ? -3.987  15.202  6.269   1.00 19.55 ? 46  MET A C   1 
ATOM   356  O O   . MET A 1 46 ? -4.343  14.721  7.343   1.00 20.89 ? 46  MET A O   1 
ATOM   357  C CB  . MET A 1 46 ? -3.567  17.548  6.891   1.00 23.38 ? 46  MET A CB  1 
ATOM   358  C CG  . MET A 1 46 ? -3.032  18.822  6.281   1.00 28.58 ? 46  MET A CG  1 
ATOM   359  S SD  . MET A 1 46 ? -2.057  19.729  7.496   1.00 35.17 ? 46  MET A SD  1 
ATOM   360  C CE  . MET A 1 46 ? -0.633  18.671  7.657   1.00 34.57 ? 46  MET A CE  1 
ATOM   361  N N   . ILE A 1 47 ? -3.314  14.514  5.351   1.00 17.99 ? 47  ILE A N   1 
ATOM   362  C CA  . ILE A 1 47 ? -2.897  13.120  5.588   1.00 18.03 ? 47  ILE A CA  1 
ATOM   363  C C   . ILE A 1 47 ? -1.389  13.028  5.418   1.00 17.47 ? 47  ILE A C   1 
ATOM   364  O O   . ILE A 1 47 ? -0.780  13.877  4.766   1.00 17.78 ? 47  ILE A O   1 
ATOM   365  C CB  . ILE A 1 47 ? -3.584  12.109  4.627   1.00 17.51 ? 47  ILE A CB  1 
ATOM   366  C CG1 . ILE A 1 47 ? -3.272  12.447  3.168   1.00 18.33 ? 47  ILE A CG1 1 
ATOM   367  C CG2 . ILE A 1 47 ? -5.086  12.097  4.851   1.00 18.34 ? 47  ILE A CG2 1 
ATOM   368  C CD1 . ILE A 1 47 ? -3.814  11.434  2.183   1.00 19.33 ? 47  ILE A CD1 1 
ATOM   369  N N   . GLY A 1 48 ? -0.785  12.001  5.999   1.00 18.44 ? 48  GLY A N   1 
ATOM   370  C CA  . GLY A 1 48 ? 0.652   11.860  5.878   1.00 19.26 ? 48  GLY A CA  1 
ATOM   371  C C   . GLY A 1 48 ? 1.166   10.441  5.826   1.00 19.55 ? 48  GLY A C   1 
ATOM   372  O O   . GLY A 1 48 ? 0.855   9.623   6.686   1.00 19.34 ? 48  GLY A O   1 
ATOM   373  N N   . GLY A 1 49 ? 1.950   10.149  4.794   1.00 19.78 ? 49  GLY A N   1 
ATOM   374  C CA  . GLY A 1 49 ? 2.532   8.828   4.648   1.00 19.27 ? 49  GLY A CA  1 
ATOM   375  C C   . GLY A 1 49 ? 4.035   8.989   4.741   1.00 18.92 ? 49  GLY A C   1 
ATOM   376  O O   . GLY A 1 49 ? 4.520   9.911   5.403   1.00 17.62 ? 49  GLY A O   1 
ATOM   377  N N   . ILE A 1 50 ? 4.788   8.093   4.113   1.00 19.36 ? 50  ILE A N   1 
ATOM   378  C CA  . ILE A 1 50 ? 6.246   8.229   4.153   1.00 20.65 ? 50  ILE A CA  1 
ATOM   379  C C   . ILE A 1 50 ? 6.573   9.379   3.198   1.00 19.15 ? 50  ILE A C   1 
ATOM   380  O O   . ILE A 1 50 ? 5.942   9.526   2.148   1.00 18.94 ? 50  ILE A O   1 
ATOM   381  C CB  A ILE A 1 50 ? 6.948   6.908   3.733   0.50 20.39 ? 50  ILE A CB  1 
ATOM   382  C CB  B ILE A 1 50 ? 6.984   6.907   3.742   0.50 19.34 ? 50  ILE A CB  1 
ATOM   383  C CG1 A ILE A 1 50 ? 7.277   6.087   4.981   0.50 20.79 ? 50  ILE A CG1 1 
ATOM   384  C CG1 B ILE A 1 50 ? 7.020   6.724   2.224   0.50 17.94 ? 50  ILE A CG1 1 
ATOM   385  C CG2 A ILE A 1 50 ? 8.208   7.182   2.924   0.50 20.25 ? 50  ILE A CG2 1 
ATOM   386  C CG2 B ILE A 1 50 ? 6.316   5.699   4.386   0.50 18.77 ? 50  ILE A CG2 1 
ATOM   387  C CD1 A ILE A 1 50 ? 7.829   4.722   4.678   0.50 20.85 ? 50  ILE A CD1 1 
ATOM   388  C CD1 B ILE A 1 50 ? 8.262   7.299   1.569   0.50 18.84 ? 50  ILE A CD1 1 
ATOM   389  N N   . GLY A 1 51 ? 7.481   10.247  3.619   1.00 18.88 ? 51  GLY A N   1 
ATOM   390  C CA  . GLY A 1 51 ? 7.849   11.376  2.787   1.00 17.70 ? 51  GLY A CA  1 
ATOM   391  C C   . GLY A 1 51 ? 7.237   12.656  3.310   1.00 18.31 ? 51  GLY A C   1 
ATOM   392  O O   . GLY A 1 51 ? 7.719   13.743  3.007   1.00 18.40 ? 51  GLY A O   1 
ATOM   393  N N   . GLY A 1 52 ? 6.147   12.533  4.062   1.00 17.72 ? 52  GLY A N   1 
ATOM   394  C CA  . GLY A 1 52 ? 5.516   13.715  4.616   1.00 17.80 ? 52  GLY A CA  1 
ATOM   395  C C   . GLY A 1 52 ? 4.009   13.818  4.513   1.00 16.57 ? 52  GLY A C   1 
ATOM   396  O O   . GLY A 1 52 ? 3.330   12.885  4.085   1.00 16.41 ? 52  GLY A O   1 
ATOM   397  N N   . PHE A 1 53 ? 3.504   14.980  4.923   1.00 17.32 ? 53  PHE A N   1 
ATOM   398  C CA  . PHE A 1 53 ? 2.070   15.299  4.912   1.00 17.14 ? 53  PHE A CA  1 
ATOM   399  C C   . PHE A 1 53 ? 1.667   16.127  3.703   1.00 16.73 ? 53  PHE A C   1 
ATOM   400  O O   . PHE A 1 53 ? 2.434   16.967  3.230   1.00 16.27 ? 53  PHE A O   1 
ATOM   401  C CB  . PHE A 1 53 ? 1.688   16.073  6.177   1.00 17.10 ? 53  PHE A CB  1 
ATOM   402  C CG  . PHE A 1 53 ? 1.549   15.213  7.390   1.00 19.31 ? 53  PHE A CG  1 
ATOM   403  C CD1 . PHE A 1 53 ? 2.647   14.536  7.910   1.00 20.56 ? 53  PHE A CD1 1 
ATOM   404  C CD2 . PHE A 1 53 ? 0.313   15.053  7.997   1.00 21.15 ? 53  PHE A CD2 1 
ATOM   405  C CE1 . PHE A 1 53 ? 2.515   13.708  9.023   1.00 22.03 ? 53  PHE A CE1 1 
ATOM   406  C CE2 . PHE A 1 53 ? 0.167   14.229  9.111   1.00 22.06 ? 53  PHE A CE2 1 
ATOM   407  C CZ  . PHE A 1 53 ? 1.271   13.552  9.623   1.00 22.58 ? 53  PHE A CZ  1 
ATOM   408  N N   . ILE A 1 54 ? 0.456   15.877  3.210   1.00 15.45 ? 54  ILE A N   1 
ATOM   409  C CA  . ILE A 1 54 ? -0.096  16.618  2.071   1.00 14.42 ? 54  ILE A CA  1 
ATOM   410  C C   . ILE A 1 54 ? -1.509  17.070  2.426   1.00 13.63 ? 54  ILE A C   1 
ATOM   411  O O   . ILE A 1 54 ? -2.160  16.488  3.301   1.00 13.98 ? 54  ILE A O   1 
ATOM   412  C CB  . ILE A 1 54 ? -0.139  15.767  0.764   1.00 13.74 ? 54  ILE A CB  1 
ATOM   413  C CG1 . ILE A 1 54 ? -1.052  14.552  0.925   1.00 15.05 ? 54  ILE A CG1 1 
ATOM   414  C CG2 . ILE A 1 54 ? 1.262   15.320  0.380   1.00 14.02 ? 54  ILE A CG2 1 
ATOM   415  C CD1 . ILE A 1 54 ? -1.301  13.813  -0.367  1.00 14.97 ? 54  ILE A CD1 1 
ATOM   416  N N   . LYS A 1 55 ? -1.951  18.150  1.792   1.00 13.15 ? 55  LYS A N   1 
ATOM   417  C CA  . LYS A 1 55 ? -3.296  18.694  2.012   1.00 13.26 ? 55  LYS A CA  1 
ATOM   418  C C   . LYS A 1 55 ? -4.218  18.097  0.954   1.00 13.54 ? 55  LYS A C   1 
ATOM   419  O O   . LYS A 1 55 ? -3.882  18.071  -0.232  1.00 13.24 ? 55  LYS A O   1 
ATOM   420  C CB  . LYS A 1 55 ? -3.279  20.226  1.913   1.00 13.55 ? 55  LYS A CB  1 
ATOM   421  N N   . VAL A 1 56 ? -5.365  17.591  1.395   1.00 12.25 ? 56  VAL A N   1 
ATOM   422  C CA  . VAL A 1 56 ? -6.340  16.974  0.488   1.00 12.72 ? 56  VAL A CA  1 
ATOM   423  C C   . VAL A 1 56 ? -7.748  17.537  0.681   1.00 13.81 ? 56  VAL A C   1 
ATOM   424  O O   . VAL A 1 56 ? -8.010  18.273  1.631   1.00 15.39 ? 56  VAL A O   1 
ATOM   425  C CB  . VAL A 1 56 ? -6.400  15.431  0.688   1.00 12.64 ? 56  VAL A CB  1 
ATOM   426  C CG1 . VAL A 1 56 ? -5.079  14.791  0.300   1.00 12.27 ? 56  VAL A CG1 1 
ATOM   427  C CG2 . VAL A 1 56 ? -6.754  15.088  2.137   1.00 13.04 ? 56  VAL A CG2 1 
ATOM   428  N N   . ARG A 1 57 ? -8.628  17.234  -0.270  1.00 13.03 ? 57  ARG A N   1 
ATOM   429  C CA  . ARG A 1 57 ? -10.035 17.653  -0.199  1.00 13.85 ? 57  ARG A CA  1 
ATOM   430  C C   . ARG A 1 57 ? -10.791 16.379  0.126   1.00 13.96 ? 57  ARG A C   1 
ATOM   431  O O   . ARG A 1 57 ? -10.617 15.367  -0.552  1.00 14.10 ? 57  ARG A O   1 
ATOM   432  C CB  . ARG A 1 57 ? -10.526 18.165  -1.545  1.00 15.36 ? 57  ARG A CB  1 
ATOM   433  C CG  . ARG A 1 57 ? -9.907  19.453  -2.017  1.00 19.88 ? 57  ARG A CG  1 
ATOM   434  C CD  . ARG A 1 57 ? -10.450 19.773  -3.396  1.00 22.62 ? 57  ARG A CD  1 
ATOM   435  N NE  . ARG A 1 57 ? -10.111 21.131  -3.830  1.00 27.33 ? 57  ARG A NE  1 
ATOM   436  C CZ  . ARG A 1 57 ? -10.718 21.766  -4.830  1.00 28.69 ? 57  ARG A CZ  1 
ATOM   437  N NH1 . ARG A 1 57 ? -11.696 21.177  -5.509  1.00 28.71 ? 57  ARG A NH1 1 
ATOM   438  N NH2 . ARG A 1 57 ? -10.352 23.002  -5.140  1.00 30.77 ? 57  ARG A NH2 1 
ATOM   439  N N   . GLN A 1 58 ? -11.609 16.412  1.168   1.00 13.30 ? 58  GLN A N   1 
ATOM   440  C CA  . GLN A 1 58 ? -12.377 15.222  1.551   1.00 14.12 ? 58  GLN A CA  1 
ATOM   441  C C   . GLN A 1 58 ? -13.818 15.235  1.035   1.00 14.36 ? 58  GLN A C   1 
ATOM   442  O O   . GLN A 1 58 ? -14.624 16.083  1.422   1.00 16.05 ? 58  GLN A O   1 
ATOM   443  C CB  . GLN A 1 58 ? -12.372 15.057  3.067   1.00 14.47 ? 58  GLN A CB  1 
ATOM   444  C CG  . GLN A 1 58 ? -13.062 13.797  3.533   1.00 18.95 ? 58  GLN A CG  1 
ATOM   445  C CD  . GLN A 1 58 ? -13.182 13.718  5.029   1.00 21.48 ? 58  GLN A CD  1 
ATOM   446  O OE1 . GLN A 1 58 ? -12.279 14.125  5.760   1.00 25.77 ? 58  GLN A OE1 1 
ATOM   447  N NE2 . GLN A 1 58 ? -14.308 13.196  5.503   1.00 24.77 ? 58  GLN A NE2 1 
ATOM   448  N N   . TYR A 1 59 ? -14.124 14.292  0.145   1.00 15.37 ? 59  TYR A N   1 
ATOM   449  C CA  . TYR A 1 59 ? -15.472 14.140  -0.419  1.00 16.13 ? 59  TYR A CA  1 
ATOM   450  C C   . TYR A 1 59 ? -16.109 12.898  0.188   1.00 17.31 ? 59  TYR A C   1 
ATOM   451  O O   . TYR A 1 59 ? -15.533 11.813  0.135   1.00 17.61 ? 59  TYR A O   1 
ATOM   452  C CB  . TYR A 1 59 ? -15.405 13.968  -1.932  1.00 15.94 ? 59  TYR A CB  1 
ATOM   453  C CG  . TYR A 1 59 ? -15.087 15.234  -2.685  1.00 17.56 ? 59  TYR A CG  1 
ATOM   454  C CD1 . TYR A 1 59 ? -13.766 15.593  -2.951  1.00 17.13 ? 59  TYR A CD1 1 
ATOM   455  C CD2 . TYR A 1 59 ? -16.106 16.063  -3.148  1.00 16.30 ? 59  TYR A CD2 1 
ATOM   456  C CE1 . TYR A 1 59 ? -13.468 16.745  -3.658  1.00 18.04 ? 59  TYR A CE1 1 
ATOM   457  C CE2 . TYR A 1 59 ? -15.820 17.217  -3.857  1.00 18.30 ? 59  TYR A CE2 1 
ATOM   458  C CZ  . TYR A 1 59 ? -14.495 17.551  -4.108  1.00 18.65 ? 59  TYR A CZ  1 
ATOM   459  O OH  . TYR A 1 59 ? -14.191 18.688  -4.811  1.00 20.43 ? 59  TYR A OH  1 
ATOM   460  N N   . ASP A 1 60 ? -17.300 13.053  0.755   1.00 17.81 ? 60  ASP A N   1 
ATOM   461  C CA  . ASP A 1 60 ? -17.998 11.919  1.373   1.00 19.43 ? 60  ASP A CA  1 
ATOM   462  C C   . ASP A 1 60 ? -19.059 11.299  0.471   1.00 19.38 ? 60  ASP A C   1 
ATOM   463  O O   . ASP A 1 60 ? -19.540 11.933  -0.472  1.00 19.20 ? 60  ASP A O   1 
ATOM   464  C CB  . ASP A 1 60 ? -18.626 12.347  2.698   1.00 20.77 ? 60  ASP A CB  1 
ATOM   465  C CG  . ASP A 1 60 ? -17.591 12.761  3.724   1.00 23.63 ? 60  ASP A CG  1 
ATOM   466  O OD1 . ASP A 1 60 ? -16.528 12.106  3.794   1.00 23.44 ? 60  ASP A OD1 1 
ATOM   467  O OD2 . ASP A 1 60 ? -17.837 13.738  4.463   1.00 24.44 ? 60  ASP A OD2 1 
ATOM   468  N N   . GLN A 1 61 ? -19.393 10.043  0.764   1.00 18.46 ? 61  GLN A N   1 
ATOM   469  C CA  . GLN A 1 61 ? -20.410 9.276   0.025   1.00 18.81 ? 61  GLN A CA  1 
ATOM   470  C C   . GLN A 1 61 ? -20.304 9.353   -1.500  1.00 17.13 ? 61  GLN A C   1 
ATOM   471  O O   . GLN A 1 61 ? -21.298 9.580   -2.193  1.00 16.03 ? 61  GLN A O   1 
ATOM   472  C CB  . GLN A 1 61 ? -21.816 9.683   0.488   1.00 22.12 ? 61  GLN A CB  1 
ATOM   473  C CG  . GLN A 1 61 ? -22.590 8.567   1.179   1.00 28.86 ? 61  GLN A CG  1 
ATOM   474  C CD  . GLN A 1 61 ? -24.011 8.974   1.527   1.00 32.09 ? 61  GLN A CD  1 
ATOM   475  O OE1 . GLN A 1 61 ? -24.230 9.805   2.408   1.00 34.94 ? 61  GLN A OE1 1 
ATOM   476  N NE2 . GLN A 1 61 ? -24.983 8.396   0.828   1.00 34.31 ? 61  GLN A NE2 1 
ATOM   477  N N   . ILE A 1 62 ? -19.095 9.152   -2.014  1.00 15.68 ? 62  ILE A N   1 
ATOM   478  C CA  . ILE A 1 62 ? -18.842 9.185   -3.466  1.00 12.55 ? 62  ILE A CA  1 
ATOM   479  C C   . ILE A 1 62 ? -18.898 7.780   -4.058  1.00 11.31 ? 62  ILE A C   1 
ATOM   480  O O   . ILE A 1 62 ? -18.228 6.866   -3.575  1.00 11.33 ? 62  ILE A O   1 
ATOM   481  C CB  . ILE A 1 62 ? -17.458 9.803   -3.775  1.00 14.20 ? 62  ILE A CB  1 
ATOM   482  C CG1 . ILE A 1 62 ? -17.425 11.266  -3.329  1.00 13.16 ? 62  ILE A CG1 1 
ATOM   483  C CG2 . ILE A 1 62 ? -17.141 9.698   -5.267  1.00 12.22 ? 62  ILE A CG2 1 
ATOM   484  C CD1 . ILE A 1 62 ? -18.468 12.138  -4.003  1.00 12.46 ? 62  ILE A CD1 1 
ATOM   485  N N   . PRO A 1 63 ? -19.737 7.580   -5.083  1.00 9.75  ? 63  PRO A N   1 
ATOM   486  C CA  . PRO A 1 63 ? -19.874 6.277   -5.740  1.00 9.47  ? 63  PRO A CA  1 
ATOM   487  C C   . PRO A 1 63 ? -18.646 6.003   -6.604  1.00 11.50 ? 63  PRO A C   1 
ATOM   488  O O   . PRO A 1 63 ? -18.223 6.860   -7.380  1.00 11.35 ? 63  PRO A O   1 
ATOM   489  C CB  . PRO A 1 63 ? -21.120 6.460   -6.613  1.00 9.88  ? 63  PRO A CB  1 
ATOM   490  C CG  . PRO A 1 63 ? -21.872 7.568   -5.935  1.00 10.18 ? 63  PRO A CG  1 
ATOM   491  C CD  . PRO A 1 63 ? -20.772 8.509   -5.558  1.00 9.33  ? 63  PRO A CD  1 
ATOM   492  N N   . VAL A 1 64 ? -18.053 4.829   -6.433  1.00 11.73 ? 64  VAL A N   1 
ATOM   493  C CA  . VAL A 1 64 ? -16.875 4.437   -7.209  1.00 13.54 ? 64  VAL A CA  1 
ATOM   494  C C   . VAL A 1 64 ? -17.101 3.018   -7.706  1.00 14.77 ? 64  VAL A C   1 
ATOM   495  O O   . VAL A 1 64 ? -17.591 2.167   -6.963  1.00 15.09 ? 64  VAL A O   1 
ATOM   496  C CB  . VAL A 1 64 ? -15.574 4.472   -6.346  1.00 14.17 ? 64  VAL A CB  1 
ATOM   497  C CG1 . VAL A 1 64 ? -14.359 4.100   -7.190  1.00 13.67 ? 64  VAL A CG1 1 
ATOM   498  C CG2 . VAL A 1 64 ? -15.370 5.849   -5.737  1.00 14.00 ? 64  VAL A CG2 1 
ATOM   499  N N   . GLU A 1 65 ? -16.789 2.782   -8.979  1.00 15.19 ? 65  GLU A N   1 
ATOM   500  C CA  . GLU A 1 65 ? -16.935 1.449   -9.574  1.00 15.85 ? 65  GLU A CA  1 
ATOM   501  C C   . GLU A 1 65 ? -15.540 0.889   -9.815  1.00 16.40 ? 65  GLU A C   1 
ATOM   502  O O   . GLU A 1 65 ? -14.796 1.402   -10.644 1.00 18.04 ? 65  GLU A O   1 
ATOM   503  C CB  . GLU A 1 65 ? -17.702 1.528   -10.887 1.00 17.52 ? 65  GLU A CB  1 
ATOM   504  C CG  . GLU A 1 65 ? -18.009 0.176   -11.472 1.00 23.66 ? 65  GLU A CG  1 
ATOM   505  C CD  . GLU A 1 65 ? -18.807 0.271   -12.746 1.00 26.71 ? 65  GLU A CD  1 
ATOM   506  O OE1 . GLU A 1 65 ? -20.027 0.516   -12.659 1.00 28.84 ? 65  GLU A OE1 1 
ATOM   507  O OE2 . GLU A 1 65 ? -18.212 0.107   -13.832 1.00 29.01 ? 65  GLU A OE2 1 
ATOM   508  N N   . ILE A 1 66 ? -15.194 -0.161  -9.076  1.00 14.51 ? 66  ILE A N   1 
ATOM   509  C CA  . ILE A 1 66 ? -13.871 -0.794  -9.169  1.00 13.25 ? 66  ILE A CA  1 
ATOM   510  C C   . ILE A 1 66 ? -13.966 -2.137  -9.870  1.00 15.03 ? 66  ILE A C   1 
ATOM   511  O O   . ILE A 1 66 ? -14.476 -3.110  -9.307  1.00 14.53 ? 66  ILE A O   1 
ATOM   512  C CB  . ILE A 1 66 ? -13.280 -1.007  -7.758  1.00 11.57 ? 66  ILE A CB  1 
ATOM   513  C CG1 . ILE A 1 66 ? -13.310 0.312   -6.984  1.00 10.25 ? 66  ILE A CG1 1 
ATOM   514  C CG2 . ILE A 1 66 ? -11.852 -1.543  -7.846  1.00 10.97 ? 66  ILE A CG2 1 
ATOM   515  C CD1 . ILE A 1 66 ? -13.212 0.152   -5.480  1.00 10.57 ? 66  ILE A CD1 1 
HETATM 516  N N   . ABA A 1 67 ? -13.485 -2.190  -11.106 1.00 15.58 ? 67  ABA A N   1 
HETATM 517  C CA  . ABA A 1 67 ? -13.512 -3.437  -11.887 1.00 17.39 ? 67  ABA A CA  1 
HETATM 518  C C   . ABA A 1 67 ? -14.930 -4.015  -11.953 1.00 18.21 ? 67  ABA A C   1 
HETATM 519  O O   . ABA A 1 67 ? -15.124 -5.224  -11.826 1.00 20.01 ? 67  ABA A O   1 
HETATM 520  C CB  . ABA A 1 67 ? -12.546 -4.463  -11.283 1.00 18.27 ? 67  ABA A CB  1 
HETATM 521  C CG  . ABA A 1 67 ? -11.240 -4.596  -12.013 1.00 18.03 ? 67  ABA A CG  1 
ATOM   522  N N   . GLY A 1 68 ? -15.916 -3.137  -12.116 1.00 18.72 ? 68  GLY A N   1 
ATOM   523  C CA  . GLY A 1 68 ? -17.297 -3.578  -12.201 1.00 18.97 ? 68  GLY A CA  1 
ATOM   524  C C   . GLY A 1 68 ? -18.004 -3.704  -10.864 1.00 18.78 ? 68  GLY A C   1 
ATOM   525  O O   . GLY A 1 68 ? -19.205 -3.954  -10.821 1.00 20.84 ? 68  GLY A O   1 
ATOM   526  N N   . HIS A 1 69 ? -17.270 -3.541  -9.771  1.00 16.57 ? 69  HIS A N   1 
ATOM   527  C CA  . HIS A 1 69 ? -17.876 -3.648  -8.439  1.00 15.78 ? 69  HIS A CA  1 
ATOM   528  C C   . HIS A 1 69 ? -18.156 -2.277  -7.849  1.00 14.49 ? 69  HIS A C   1 
ATOM   529  O O   . HIS A 1 69 ? -17.288 -1.403  -7.817  1.00 14.32 ? 69  HIS A O   1 
ATOM   530  C CB  . HIS A 1 69 ? -16.987 -4.458  -7.499  1.00 15.57 ? 69  HIS A CB  1 
ATOM   531  C CG  . HIS A 1 69 ? -16.792 -5.876  -7.931  1.00 17.17 ? 69  HIS A CG  1 
ATOM   532  N ND1 . HIS A 1 69 ? -17.327 -6.943  -7.247  1.00 19.03 ? 69  HIS A ND1 1 
ATOM   533  C CD2 . HIS A 1 69 ? -16.127 -6.403  -8.987  1.00 18.81 ? 69  HIS A CD2 1 
ATOM   534  C CE1 . HIS A 1 69 ? -17.003 -8.067  -7.859  1.00 18.61 ? 69  HIS A CE1 1 
ATOM   535  N NE2 . HIS A 1 69 ? -16.275 -7.767  -8.919  1.00 19.17 ? 69  HIS A NE2 1 
ATOM   536  N N   . LYS A 1 70 ? -19.379 -2.106  -7.368  1.00 12.47 ? 70  LYS A N   1 
ATOM   537  C CA  . LYS A 1 70 ? -19.814 -0.839  -6.778  1.00 12.51 ? 70  LYS A CA  1 
ATOM   538  C C   . LYS A 1 70 ? -19.376 -0.625  -5.325  1.00 12.66 ? 70  LYS A C   1 
ATOM   539  O O   . LYS A 1 70 ? -19.320 -1.554  -4.520  1.00 13.16 ? 70  LYS A O   1 
ATOM   540  C CB  . LYS A 1 70 ? -21.336 -0.704  -6.901  1.00 12.22 ? 70  LYS A CB  1 
ATOM   541  N N   . ALA A 1 71 ? -19.052 0.621   -5.015  1.00 9.97  ? 71  ALA A N   1 
ATOM   542  C CA  . ALA A 1 71 ? -18.643 1.032   -3.671  1.00 10.08 ? 71  ALA A CA  1 
ATOM   543  C C   . ALA A 1 71 ? -19.080 2.480   -3.548  1.00 9.83  ? 71  ALA A C   1 
ATOM   544  O O   . ALA A 1 71 ? -19.231 3.169   -4.553  1.00 9.86  ? 71  ALA A O   1 
ATOM   545  C CB  . ALA A 1 71 ? -17.132 0.917   -3.504  1.00 9.72  ? 71  ALA A CB  1 
ATOM   546  N N   . ILE A 1 72 ? -19.366 2.917   -2.330  1.00 9.78  ? 72  ILE A N   1 
ATOM   547  C CA  . ILE A 1 72 ? -19.784 4.307   -2.083  1.00 8.98  ? 72  ILE A CA  1 
ATOM   548  C C   . ILE A 1 72 ? -19.126 4.699   -0.775  1.00 10.17 ? 72  ILE A C   1 
ATOM   549  O O   . ILE A 1 72 ? -19.443 4.149   0.278   1.00 10.08 ? 72  ILE A O   1 
ATOM   550  C CB  . ILE A 1 72 ? -21.322 4.450   -1.936  1.00 8.07  ? 72  ILE A CB  1 
ATOM   551  C CG1 . ILE A 1 72 ? -22.028 3.931   -3.186  1.00 7.32  ? 72  ILE A CG1 1 
ATOM   552  C CG2 . ILE A 1 72 ? -21.695 5.913   -1.688  1.00 9.10  ? 72  ILE A CG2 1 
ATOM   553  C CD1 . ILE A 1 72 ? -23.529 3.986   -3.105  1.00 9.73  ? 72  ILE A CD1 1 
ATOM   554  N N   . GLY A 1 73 ? -18.177 5.622   -0.840  1.00 8.75  ? 73  GLY A N   1 
ATOM   555  C CA  . GLY A 1 73 ? -17.510 6.020   0.378   1.00 9.03  ? 73  GLY A CA  1 
ATOM   556  C C   . GLY A 1 73 ? -16.736 7.309   0.271   1.00 9.18  ? 73  GLY A C   1 
ATOM   557  O O   . GLY A 1 73 ? -16.933 8.099   -0.655  1.00 9.30  ? 73  GLY A O   1 
ATOM   558  N N   . THR A 1 74 ? -15.850 7.514   1.236   1.00 9.57  ? 74  THR A N   1 
ATOM   559  C CA  . THR A 1 74 ? -15.028 8.719   1.291   1.00 9.67  ? 74  THR A CA  1 
ATOM   560  C C   . THR A 1 74 ? -13.841 8.634   0.344   1.00 10.33 ? 74  THR A C   1 
ATOM   561  O O   . THR A 1 74 ? -13.181 7.602   0.240   1.00 10.01 ? 74  THR A O   1 
ATOM   562  C CB  . THR A 1 74 ? -14.523 8.963   2.715   1.00 12.29 ? 74  THR A CB  1 
ATOM   563  O OG1 . THR A 1 74 ? -15.649 9.140   3.585   1.00 10.62 ? 74  THR A OG1 1 
ATOM   564  C CG2 . THR A 1 74 ? -13.631 10.206  2.769   1.00 9.21  ? 74  THR A CG2 1 
ATOM   565  N N   . VAL A 1 75 ? -13.620 9.713   -0.391  1.00 11.47 ? 75  VAL A N   1 
ATOM   566  C CA  . VAL A 1 75 ? -12.499 9.788   -1.332  1.00 11.55 ? 75  VAL A CA  1 
ATOM   567  C C   . VAL A 1 75 ? -11.771 11.109  -1.102  1.00 11.65 ? 75  VAL A C   1 
ATOM   568  O O   . VAL A 1 75 ? -12.394 12.171  -0.996  1.00 11.98 ? 75  VAL A O   1 
ATOM   569  C CB  A VAL A 1 75 ? -12.946 9.662   -2.819  0.50 11.56 ? 75  VAL A CB  1 
ATOM   570  C CB  B VAL A 1 75 ? -13.010 9.719   -2.796  0.50 11.22 ? 75  VAL A CB  1 
ATOM   571  C CG1 A VAL A 1 75 ? -13.632 8.328   -3.056  0.50 12.06 ? 75  VAL A CG1 1 
ATOM   572  C CG1 B VAL A 1 75 ? -11.920 10.120  -3.764  0.50 10.29 ? 75  VAL A CG1 1 
ATOM   573  C CG2 A VAL A 1 75 ? -13.856 10.805  -3.211  0.50 11.75 ? 75  VAL A CG2 1 
ATOM   574  C CG2 B VAL A 1 75 ? -13.499 8.318   -3.117  0.50 11.80 ? 75  VAL A CG2 1 
ATOM   575  N N   . LEU A 1 76 ? -10.460 11.015  -0.909  1.00 12.15 ? 76  LEU A N   1 
ATOM   576  C CA  . LEU A 1 76 ? -9.615  12.199  -0.700  1.00 11.51 ? 76  LEU A CA  1 
ATOM   577  C C   . LEU A 1 76 ? -9.000  12.562  -2.053  1.00 11.86 ? 76  LEU A C   1 
ATOM   578  O O   . LEU A 1 76 ? -8.513  11.694  -2.769  1.00 11.61 ? 76  LEU A O   1 
ATOM   579  C CB  . LEU A 1 76 ? -8.509  11.883  0.311   1.00 10.12 ? 76  LEU A CB  1 
ATOM   580  C CG  . LEU A 1 76 ? -8.966  11.329  1.664   1.00 12.06 ? 76  LEU A CG  1 
ATOM   581  C CD1 . LEU A 1 76 ? -7.760  10.933  2.487   1.00 11.90 ? 76  LEU A CD1 1 
ATOM   582  C CD2 . LEU A 1 76 ? -9.797  12.360  2.405   1.00 11.09 ? 76  LEU A CD2 1 
ATOM   583  N N   . VAL A 1 77 ? -9.072  13.835  -2.421  1.00 12.00 ? 77  VAL A N   1 
ATOM   584  C CA  . VAL A 1 77 ? -8.517  14.303  -3.698  1.00 11.21 ? 77  VAL A CA  1 
ATOM   585  C C   . VAL A 1 77 ? -7.326  15.198  -3.389  1.00 11.02 ? 77  VAL A C   1 
ATOM   586  O O   . VAL A 1 77 ? -7.447  16.158  -2.629  1.00 9.54  ? 77  VAL A O   1 
ATOM   587  C CB  . VAL A 1 77 ? -9.585  15.066  -4.519  1.00 11.38 ? 77  VAL A CB  1 
ATOM   588  C CG1 . VAL A 1 77 ? -8.970  15.707  -5.752  1.00 11.65 ? 77  VAL A CG1 1 
ATOM   589  C CG2 . VAL A 1 77 ? -10.695 14.099  -4.932  1.00 11.45 ? 77  VAL A CG2 1 
ATOM   590  N N   . GLY A 1 78 ? -6.170  14.859  -3.951  1.00 11.36 ? 78  GLY A N   1 
ATOM   591  C CA  . GLY A 1 78 ? -4.981  15.646  -3.689  1.00 11.33 ? 78  GLY A CA  1 
ATOM   592  C C   . GLY A 1 78 ? -3.801  15.310  -4.569  1.00 12.56 ? 78  GLY A C   1 
ATOM   593  O O   . GLY A 1 78 ? -3.922  14.505  -5.488  1.00 11.88 ? 78  GLY A O   1 
ATOM   594  N N   . PRO A 1 79 ? -2.636  15.928  -4.309  1.00 13.78 ? 79  PRO A N   1 
ATOM   595  C CA  . PRO A 1 79 ? -1.379  15.748  -5.042  1.00 14.36 ? 79  PRO A CA  1 
ATOM   596  C C   . PRO A 1 79 ? -0.674  14.405  -4.790  1.00 15.88 ? 79  PRO A C   1 
ATOM   597  O O   . PRO A 1 79 ? 0.419   14.376  -4.230  1.00 18.30 ? 79  PRO A O   1 
ATOM   598  C CB  . PRO A 1 79 ? -0.540  16.934  -4.558  1.00 13.96 ? 79  PRO A CB  1 
ATOM   599  C CG  . PRO A 1 79 ? -0.999  17.110  -3.147  1.00 14.09 ? 79  PRO A CG  1 
ATOM   600  C CD  . PRO A 1 79 ? -2.495  16.964  -3.267  1.00 13.29 ? 79  PRO A CD  1 
ATOM   601  N N   . THR A 1 80 ? -1.275  13.319  -5.260  1.00 17.27 ? 80  THR A N   1 
ATOM   602  C CA  . THR A 1 80 ? -0.729  11.964  -5.085  1.00 17.51 ? 80  THR A CA  1 
ATOM   603  C C   . THR A 1 80 ? -0.022  11.462  -6.344  1.00 16.95 ? 80  THR A C   1 
ATOM   604  O O   . THR A 1 80 ? -0.458  11.736  -7.474  1.00 17.52 ? 80  THR A O   1 
ATOM   605  C CB  . THR A 1 80 ? -1.883  10.971  -4.661  1.00 18.30 ? 80  THR A CB  1 
ATOM   606  O OG1 . THR A 1 80 ? -1.375  9.641   -4.480  1.00 18.59 ? 80  THR A OG1 1 
ATOM   607  C CG2 . THR A 1 80 ? -3.012  10.964  -5.688  1.00 16.49 ? 80  THR A CG2 1 
ATOM   608  N N   . PRO A 1 81 ? 1.107   10.734  -6.170  1.00 17.85 ? 81  PRO A N   1 
ATOM   609  C CA  . PRO A 1 81 ? 1.800   10.250  -7.380  1.00 17.28 ? 81  PRO A CA  1 
ATOM   610  C C   . PRO A 1 81 ? 1.019   9.230   -8.177  1.00 18.37 ? 81  PRO A C   1 
ATOM   611  O O   . PRO A 1 81 ? 1.250   9.046   -9.369  1.00 18.75 ? 81  PRO A O   1 
ATOM   612  C CB  . PRO A 1 81 ? 3.105   9.681   -6.819  1.00 17.41 ? 81  PRO A CB  1 
ATOM   613  C CG  . PRO A 1 81 ? 2.725   9.242   -5.446  1.00 19.04 ? 81  PRO A CG  1 
ATOM   614  C CD  . PRO A 1 81 ? 1.742   10.244  -4.932  1.00 16.70 ? 81  PRO A CD  1 
ATOM   615  N N   . VAL A 1 82 ? 0.035   8.588   -7.550  1.00 15.82 ? 82  VAL A N   1 
ATOM   616  C CA  . VAL A 1 82 ? -0.831  7.560   -8.155  1.00 15.45 ? 82  VAL A CA  1 
ATOM   617  C C   . VAL A 1 82 ? -2.230  7.532   -7.498  1.00 14.19 ? 82  VAL A C   1 
ATOM   618  O O   . VAL A 1 82 ? -2.382  7.952   -6.355  1.00 12.62 ? 82  VAL A O   1 
ATOM   619  C CB  A VAL A 1 82 ? -0.193  6.143   -8.050  0.50 16.43 ? 82  VAL A CB  1 
ATOM   620  C CB  B VAL A 1 82 ? -0.208  6.130   -7.999  0.50 16.74 ? 82  VAL A CB  1 
ATOM   621  C CG1 A VAL A 1 82 ? -0.230  5.640   -6.617  0.50 16.36 ? 82  VAL A CG1 1 
ATOM   622  C CG1 B VAL A 1 82 ? -1.105  5.079   -8.629  0.50 17.35 ? 82  VAL A CG1 1 
ATOM   623  C CG2 A VAL A 1 82 ? -0.894  5.161   -8.977  0.50 17.34 ? 82  VAL A CG2 1 
ATOM   624  C CG2 B VAL A 1 82 ? 1.186   6.060   -8.620  0.50 17.72 ? 82  VAL A CG2 1 
ATOM   625  N N   . ASN A 1 83 ? -3.248  7.085   -8.243  1.00 11.58 ? 83  ASN A N   1 
ATOM   626  C CA  . ASN A 1 83 ? -4.618  6.955   -7.701  1.00 10.81 ? 83  ASN A CA  1 
ATOM   627  C C   . ASN A 1 83 ? -4.588  5.715   -6.806  1.00 9.06  ? 83  ASN A C   1 
ATOM   628  O O   . ASN A 1 83 ? -4.205  4.630   -7.251  1.00 7.07  ? 83  ASN A O   1 
ATOM   629  C CB  . ASN A 1 83 ? -5.637  6.755   -8.827  1.00 11.16 ? 83  ASN A CB  1 
ATOM   630  C CG  . ASN A 1 83 ? -5.841  7.998   -9.651  1.00 9.55  ? 83  ASN A CG  1 
ATOM   631  O OD1 . ASN A 1 83 ? -5.841  9.106   -9.123  1.00 9.96  ? 83  ASN A OD1 1 
ATOM   632  N ND2 . ASN A 1 83 ? -6.020  7.825   -10.956 1.00 11.31 ? 83  ASN A ND2 1 
ATOM   633  N N   . ILE A 1 84 ? -4.990  5.880   -5.549  1.00 8.67  ? 84  ILE A N   1 
ATOM   634  C CA  . ILE A 1 84 ? -4.961  4.780   -4.564  1.00 6.74  ? 84  ILE A CA  1 
ATOM   635  C C   . ILE A 1 84 ? -6.336  4.377   -4.037  1.00 7.57  ? 84  ILE A C   1 
ATOM   636  O O   . ILE A 1 84 ? -7.099  5.227   -3.591  1.00 7.98  ? 84  ILE A O   1 
ATOM   637  C CB  . ILE A 1 84 ? -4.081  5.184   -3.347  1.00 7.12  ? 84  ILE A CB  1 
ATOM   638  C CG1 . ILE A 1 84 ? -2.622  5.359   -3.790  1.00 6.36  ? 84  ILE A CG1 1 
ATOM   639  C CG2 . ILE A 1 84 ? -4.181  4.152   -2.223  1.00 4.67  ? 84  ILE A CG2 1 
ATOM   640  C CD1 . ILE A 1 84 ? -1.772  6.155   -2.828  1.00 8.75  ? 84  ILE A CD1 1 
ATOM   641  N N   . ILE A 1 85 ? -6.642  3.083   -4.121  1.00 7.86  ? 85  ILE A N   1 
ATOM   642  C CA  . ILE A 1 85 ? -7.904  2.530   -3.599  1.00 6.06  ? 85  ILE A CA  1 
ATOM   643  C C   . ILE A 1 85 ? -7.502  1.871   -2.278  1.00 5.03  ? 85  ILE A C   1 
ATOM   644  O O   . ILE A 1 85 ? -6.788  0.861   -2.260  1.00 4.86  ? 85  ILE A O   1 
ATOM   645  C CB  . ILE A 1 85 ? -8.514  1.469   -4.543  1.00 7.54  ? 85  ILE A CB  1 
ATOM   646  C CG1 . ILE A 1 85 ? -8.804  2.081   -5.917  1.00 7.63  ? 85  ILE A CG1 1 
ATOM   647  C CG2 . ILE A 1 85 ? -9.794  0.891   -3.929  1.00 6.29  ? 85  ILE A CG2 1 
ATOM   648  C CD1 . ILE A 1 85 ? -9.781  3.250   -5.890  1.00 9.14  ? 85  ILE A CD1 1 
ATOM   649  N N   . GLY A 1 86 ? -7.917  2.484   -1.177  1.00 4.45  ? 86  GLY A N   1 
ATOM   650  C CA  . GLY A 1 86 ? -7.575  1.982   0.139   1.00 3.79  ? 86  GLY A CA  1 
ATOM   651  C C   . GLY A 1 86 ? -8.586  1.019   0.713   1.00 3.61  ? 86  GLY A C   1 
ATOM   652  O O   . GLY A 1 86 ? -9.593  0.717   0.078   1.00 3.62  ? 86  GLY A O   1 
ATOM   653  N N   . ARG A 1 87 ? -8.324  0.574   1.938   1.00 3.87  ? 87  ARG A N   1 
ATOM   654  C CA  . ARG A 1 87 ? -9.187  -0.393  2.629   1.00 3.79  ? 87  ARG A CA  1 
ATOM   655  C C   . ARG A 1 87 ? -10.633 0.038   2.814   1.00 4.06  ? 87  ARG A C   1 
ATOM   656  O O   . ARG A 1 87 ? -11.521 -0.811  2.855   1.00 5.63  ? 87  ARG A O   1 
ATOM   657  C CB  . ARG A 1 87 ? -8.567  -0.798  3.970   1.00 3.12  ? 87  ARG A CB  1 
ATOM   658  C CG  . ARG A 1 87 ? -7.234  -1.526  3.830   1.00 2.00  ? 87  ARG A CG  1 
ATOM   659  C CD  . ARG A 1 87 ? -6.718  -2.036  5.164   1.00 4.24  ? 87  ARG A CD  1 
ATOM   660  N NE  . ARG A 1 87 ? -6.492  -0.950  6.130   1.00 4.66  ? 87  ARG A NE  1 
ATOM   661  C CZ  . ARG A 1 87 ? -7.349  -0.595  7.083   1.00 6.10  ? 87  ARG A CZ  1 
ATOM   662  N NH1 . ARG A 1 87 ? -8.507  -1.229  7.227   1.00 6.08  ? 87  ARG A NH1 1 
ATOM   663  N NH2 . ARG A 1 87 ? -7.050  0.408   7.892   1.00 6.23  ? 87  ARG A NH2 1 
ATOM   664  N N   . ASN A 1 88 ? -10.891 1.340   2.897   1.00 5.08  ? 88  ASN A N   1 
ATOM   665  C CA  . ASN A 1 88 ? -12.276 1.797   3.079   1.00 5.03  ? 88  ASN A CA  1 
ATOM   666  C C   . ASN A 1 88 ? -13.191 1.348   1.934   1.00 6.41  ? 88  ASN A C   1 
ATOM   667  O O   . ASN A 1 88 ? -14.361 1.041   2.155   1.00 7.82  ? 88  ASN A O   1 
ATOM   668  C CB  . ASN A 1 88 ? -12.351 3.313   3.302   1.00 4.55  ? 88  ASN A CB  1 
ATOM   669  C CG  . ASN A 1 88 ? -11.985 4.116   2.066   1.00 4.70  ? 88  ASN A CG  1 
ATOM   670  O OD1 . ASN A 1 88 ? -10.930 3.919   1.465   1.00 6.95  ? 88  ASN A OD1 1 
ATOM   671  N ND2 . ASN A 1 88 ? -12.858 5.042   1.693   1.00 3.90  ? 88  ASN A ND2 1 
ATOM   672  N N   . LEU A 1 89 ? -12.642 1.258   0.725   1.00 5.36  ? 89  LEU A N   1 
ATOM   673  C CA  . LEU A 1 89 ? -13.431 0.818   -0.438  1.00 4.63  ? 89  LEU A CA  1 
ATOM   674  C C   . LEU A 1 89 ? -13.194 -0.649  -0.760  1.00 3.26  ? 89  LEU A C   1 
ATOM   675  O O   . LEU A 1 89 ? -14.088 -1.324  -1.253  1.00 6.10  ? 89  LEU A O   1 
ATOM   676  C CB  . LEU A 1 89 ? -13.142 1.686   -1.664  1.00 5.25  ? 89  LEU A CB  1 
ATOM   677  C CG  . LEU A 1 89 ? -13.510 3.167   -1.536  1.00 6.32  ? 89  LEU A CG  1 
ATOM   678  C CD1 . LEU A 1 89 ? -13.335 3.859   -2.883  1.00 6.74  ? 89  LEU A CD1 1 
ATOM   679  C CD2 . LEU A 1 89 ? -14.949 3.313   -1.050  1.00 7.64  ? 89  LEU A CD2 1 
ATOM   680  N N   . LEU A 1 90 ? -11.990 -1.141  -0.483  1.00 4.74  ? 90  LEU A N   1 
ATOM   681  C CA  . LEU A 1 90 ? -11.647 -2.552  -0.732  1.00 6.30  ? 90  LEU A CA  1 
ATOM   682  C C   . LEU A 1 90 ? -12.538 -3.488  0.087   1.00 5.88  ? 90  LEU A C   1 
ATOM   683  O O   . LEU A 1 90 ? -12.909 -4.564  -0.379  1.00 5.84  ? 90  LEU A O   1 
ATOM   684  C CB  . LEU A 1 90 ? -10.173 -2.824  -0.397  1.00 7.08  ? 90  LEU A CB  1 
ATOM   685  C CG  . LEU A 1 90 ? -9.100  -2.214  -1.316  1.00 6.27  ? 90  LEU A CG  1 
ATOM   686  C CD1 . LEU A 1 90 ? -7.718  -2.463  -0.755  1.00 5.92  ? 90  LEU A CD1 1 
ATOM   687  C CD2 . LEU A 1 90 ? -9.218  -2.788  -2.719  1.00 7.56  ? 90  LEU A CD2 1 
ATOM   688  N N   . THR A 1 91 ? -12.874 -3.074  1.306   1.00 7.51  ? 91  THR A N   1 
ATOM   689  C CA  . THR A 1 91 ? -13.737 -3.890  2.179   1.00 7.39  ? 91  THR A CA  1 
ATOM   690  C C   . THR A 1 91 ? -15.146 -3.954  1.622   1.00 7.44  ? 91  THR A C   1 
ATOM   691  O O   . THR A 1 91 ? -15.812 -4.975  1.742   1.00 7.76  ? 91  THR A O   1 
ATOM   692  C CB  . THR A 1 91 ? -13.805 -3.352  3.626   1.00 7.22  ? 91  THR A CB  1 
ATOM   693  O OG1 . THR A 1 91 ? -14.202 -1.978  3.615   1.00 10.48 ? 91  THR A OG1 1 
ATOM   694  C CG2 . THR A 1 91 ? -12.471 -3.492  4.320   1.00 6.55  ? 91  THR A CG2 1 
ATOM   695  N N   . GLN A 1 92 ? -15.597 -2.860  1.014   1.00 8.81  ? 92  GLN A N   1 
ATOM   696  C CA  . GLN A 1 92 ? -16.946 -2.808  0.427   1.00 8.88  ? 92  GLN A CA  1 
ATOM   697  C C   . GLN A 1 92 ? -17.131 -3.801  -0.714  1.00 9.82  ? 92  GLN A C   1 
ATOM   698  O O   . GLN A 1 92 ? -18.225 -4.326  -0.908  1.00 12.09 ? 92  GLN A O   1 
ATOM   699  C CB  . GLN A 1 92 ? -17.278 -1.397  -0.062  1.00 8.37  ? 92  GLN A CB  1 
ATOM   700  C CG  . GLN A 1 92 ? -17.362 -0.368  1.044   1.00 9.22  ? 92  GLN A CG  1 
ATOM   701  C CD  . GLN A 1 92 ? -18.076 0.904   0.618   1.00 10.21 ? 92  GLN A CD  1 
ATOM   702  O OE1 . GLN A 1 92 ? -18.862 0.908   -0.329  1.00 11.32 ? 92  GLN A OE1 1 
ATOM   703  N NE2 . GLN A 1 92 ? -17.819 1.991   1.335   1.00 10.83 ? 92  GLN A NE2 1 
ATOM   704  N N   . ILE A 1 93 ? -16.073 -4.051  -1.479  1.00 9.86  ? 93  ILE A N   1 
ATOM   705  C CA  . ILE A 1 93 ? -16.160 -5.009  -2.598  1.00 9.82  ? 93  ILE A CA  1 
ATOM   706  C C   . ILE A 1 93 ? -15.727 -6.414  -2.182  1.00 10.02 ? 93  ILE A C   1 
ATOM   707  O O   . ILE A 1 93 ? -15.641 -7.318  -3.011  1.00 13.62 ? 93  ILE A O   1 
ATOM   708  C CB  . ILE A 1 93 ? -15.356 -4.541  -3.849  1.00 8.83  ? 93  ILE A CB  1 
ATOM   709  C CG1 . ILE A 1 93 ? -13.853 -4.507  -3.557  1.00 9.19  ? 93  ILE A CG1 1 
ATOM   710  C CG2 . ILE A 1 93 ? -15.842 -3.168  -4.292  1.00 7.14  ? 93  ILE A CG2 1 
ATOM   711  C CD1 . ILE A 1 93 ? -13.007 -4.219  -4.788  1.00 10.76 ? 93  ILE A CD1 1 
ATOM   712  N N   . GLY A 1 94 ? -15.455 -6.588  -0.892  1.00 11.56 ? 94  GLY A N   1 
ATOM   713  C CA  . GLY A 1 94 ? -15.058 -7.887  -0.371  1.00 10.54 ? 94  GLY A CA  1 
ATOM   714  C C   . GLY A 1 94 ? -13.690 -8.401  -0.780  1.00 11.09 ? 94  GLY A C   1 
ATOM   715  O O   . GLY A 1 94 ? -13.511 -9.603  -1.002  1.00 11.50 ? 94  GLY A O   1 
HETATM 716  N N   . ABA A 1 95 ? -12.718 -7.501  -0.871  1.00 8.99  ? 95  ABA A N   1 
HETATM 717  C CA  . ABA A 1 95 ? -11.353 -7.882  -1.250  1.00 9.18  ? 95  ABA A CA  1 
HETATM 718  C C   . ABA A 1 95 ? -10.601 -8.441  -0.049  1.00 9.36  ? 95  ABA A C   1 
HETATM 719  O O   . ABA A 1 95 ? -10.703 -7.919  1.067   1.00 9.44  ? 95  ABA A O   1 
HETATM 720  C CB  . ABA A 1 95 ? -10.606 -6.675  -1.825  1.00 8.41  ? 95  ABA A CB  1 
HETATM 721  C CG  . ABA A 1 95 ? -9.401  -7.048  -2.655  1.00 11.24 ? 95  ABA A CG  1 
ATOM   722  N N   . THR A 1 96 ? -9.857  -9.516  -0.281  1.00 8.05  ? 96  THR A N   1 
ATOM   723  C CA  . THR A 1 96 ? -9.063  -10.146 0.781   1.00 10.15 ? 96  THR A CA  1 
ATOM   724  C C   . THR A 1 96 ? -7.669  -10.502 0.283   1.00 10.27 ? 96  THR A C   1 
ATOM   725  O O   . THR A 1 96 ? -7.422  -10.547 -0.925  1.00 10.04 ? 96  THR A O   1 
ATOM   726  C CB  . THR A 1 96 ? -9.731  -11.450 1.312   1.00 11.07 ? 96  THR A CB  1 
ATOM   727  O OG1 . THR A 1 96 ? -9.913  -12.376 0.231   1.00 12.31 ? 96  THR A OG1 1 
ATOM   728  C CG2 . THR A 1 96 ? -11.082 -11.147 1.960   1.00 8.99  ? 96  THR A CG2 1 
ATOM   729  N N   . LEU A 1 97 ? -6.756  -10.704 1.227   1.00 10.32 ? 97  LEU A N   1 
ATOM   730  C CA  . LEU A 1 97 ? -5.380  -11.113 0.925   1.00 12.28 ? 97  LEU A CA  1 
ATOM   731  C C   . LEU A 1 97 ? -5.328  -12.615 1.168   1.00 13.58 ? 97  LEU A C   1 
ATOM   732  O O   . LEU A 1 97 ? -5.824  -13.099 2.186   1.00 13.68 ? 97  LEU A O   1 
ATOM   733  C CB  . LEU A 1 97 ? -4.386  -10.417 1.853   1.00 13.10 ? 97  LEU A CB  1 
ATOM   734  C CG  . LEU A 1 97 ? -3.939  -9.003  1.489   1.00 13.45 ? 97  LEU A CG  1 
ATOM   735  C CD1 . LEU A 1 97 ? -3.043  -8.459  2.585   1.00 14.65 ? 97  LEU A CD1 1 
ATOM   736  C CD2 . LEU A 1 97 ? -3.194  -9.023  0.157   1.00 15.45 ? 97  LEU A CD2 1 
ATOM   737  N N   . ASN A 1 98 ? -4.729  -13.349 0.236   1.00 14.71 ? 98  ASN A N   1 
ATOM   738  C CA  . ASN A 1 98 ? -4.636  -14.812 0.359   1.00 16.62 ? 98  ASN A CA  1 
ATOM   739  C C   . ASN A 1 98 ? -3.245  -15.339 0.012   1.00 17.80 ? 98  ASN A C   1 
ATOM   740  O O   . ASN A 1 98 ? -2.602  -14.851 -0.907  1.00 17.50 ? 98  ASN A O   1 
ATOM   741  C CB  . ASN A 1 98 ? -5.663  -15.475 -0.565  1.00 17.01 ? 98  ASN A CB  1 
ATOM   742  C CG  . ASN A 1 98 ? -7.094  -15.075 -0.241  1.00 18.52 ? 98  ASN A CG  1 
ATOM   743  O OD1 . ASN A 1 98 ? -7.771  -15.744 0.537   1.00 19.17 ? 98  ASN A OD1 1 
ATOM   744  N ND2 . ASN A 1 98 ? -7.562  -13.986 -0.843  1.00 17.69 ? 98  ASN A ND2 1 
ATOM   745  N N   . PHE A 1 99 ? -2.781  -16.328 0.769   1.00 19.21 ? 99  PHE A N   1 
ATOM   746  C CA  . PHE A 1 99 ? -1.476  -16.963 0.514   1.00 21.19 ? 99  PHE A CA  1 
ATOM   747  C C   . PHE A 1 99 ? -1.375  -18.300 1.250   1.00 21.95 ? 99  PHE A C   1 
ATOM   748  O O   . PHE A 1 99 ? -2.435  -18.791 1.693   1.00 21.90 ? 99  PHE A O   1 
ATOM   749  C CB  . PHE A 1 99 ? -0.297  -16.024 0.852   1.00 21.26 ? 99  PHE A CB  1 
ATOM   750  C CG  . PHE A 1 99 ? -0.136  -15.724 2.314   1.00 21.67 ? 99  PHE A CG  1 
ATOM   751  C CD1 . PHE A 1 99 ? -0.902  -14.742 2.923   1.00 21.83 ? 99  PHE A CD1 1 
ATOM   752  C CD2 . PHE A 1 99 ? 0.792   -16.421 3.081   1.00 22.73 ? 99  PHE A CD2 1 
ATOM   753  C CE1 . PHE A 1 99 ? -0.745  -14.456 4.276   1.00 22.36 ? 99  PHE A CE1 1 
ATOM   754  C CE2 . PHE A 1 99 ? 0.955   -16.142 4.432   1.00 23.04 ? 99  PHE A CE2 1 
ATOM   755  C CZ  . PHE A 1 99 ? 0.183   -15.158 5.031   1.00 22.25 ? 99  PHE A CZ  1 
ATOM   756  O OXT . PHE A 1 99 ? -0.262  -18.865 1.342   1.00 24.06 ? 99  PHE A OXT 1 
ATOM   757  N N   . PRO B 1 1  ? -3.695  -18.766 4.394   1.00 22.28 ? 101 PRO B N   1 
ATOM   758  C CA  . PRO B 1 1  ? -4.599  -17.979 5.227   1.00 21.24 ? 101 PRO B CA  1 
ATOM   759  C C   . PRO B 1 1  ? -5.289  -16.923 4.413   1.00 21.01 ? 101 PRO B C   1 
ATOM   760  O O   . PRO B 1 1  ? -4.805  -16.498 3.363   1.00 21.19 ? 101 PRO B O   1 
ATOM   761  C CB  . PRO B 1 1  ? -3.687  -17.378 6.264   1.00 21.63 ? 101 PRO B CB  1 
ATOM   762  C CG  . PRO B 1 1  ? -2.477  -18.269 6.286   1.00 22.68 ? 101 PRO B CG  1 
ATOM   763  C CD  . PRO B 1 1  ? -2.317  -18.774 4.887   1.00 23.55 ? 101 PRO B CD  1 
ATOM   764  N N   . GLN B 1 2  ? -6.471  -16.495 4.867   1.00 19.38 ? 102 GLN B N   1 
ATOM   765  C CA  . GLN B 1 2  ? -7.236  -15.434 4.190   1.00 18.21 ? 102 GLN B CA  1 
ATOM   766  C C   . GLN B 1 2  ? -7.297  -14.256 5.144   1.00 18.19 ? 102 GLN B C   1 
ATOM   767  O O   . GLN B 1 2  ? -7.736  -14.395 6.285   1.00 18.19 ? 102 GLN B O   1 
ATOM   768  C CB  . GLN B 1 2  ? -8.651  -15.888 3.843   1.00 18.91 ? 102 GLN B CB  1 
ATOM   769  C CG  . GLN B 1 2  ? -9.475  -14.789 3.191   1.00 20.62 ? 102 GLN B CG  1 
ATOM   770  C CD  . GLN B 1 2  ? -10.868 -15.238 2.799   1.00 23.38 ? 102 GLN B CD  1 
ATOM   771  O OE1 . GLN B 1 2  ? -11.830 -15.037 3.542   1.00 25.28 ? 102 GLN B OE1 1 
ATOM   772  N NE2 . GLN B 1 2  ? -10.989 -15.826 1.614   1.00 23.44 ? 102 GLN B NE2 1 
ATOM   773  N N   . ILE B 1 3  ? -6.854  -13.095 4.681   1.00 16.15 ? 103 ILE B N   1 
ATOM   774  C CA  . ILE B 1 3  ? -6.849  -11.896 5.526   1.00 13.51 ? 103 ILE B CA  1 
ATOM   775  C C   . ILE B 1 3  ? -7.847  -10.863 5.037   1.00 12.44 ? 103 ILE B C   1 
ATOM   776  O O   . ILE B 1 3  ? -7.803  -10.444 3.882   1.00 10.05 ? 103 ILE B O   1 
ATOM   777  C CB  . ILE B 1 3  ? -5.437  -11.271 5.583   1.00 15.36 ? 103 ILE B CB  1 
ATOM   778  C CG1 . ILE B 1 3  ? -4.450  -12.278 6.179   1.00 16.20 ? 103 ILE B CG1 1 
ATOM   779  C CG2 . ILE B 1 3  ? -5.448  -9.979  6.396   1.00 15.20 ? 103 ILE B CG2 1 
ATOM   780  C CD1 . ILE B 1 3  ? -3.016  -11.810 6.173   1.00 17.72 ? 103 ILE B CD1 1 
ATOM   781  N N   . THR B 1 4  ? -8.789  -10.505 5.908   1.00 10.70 ? 104 THR B N   1 
ATOM   782  C CA  . THR B 1 4  ? -9.794  -9.493  5.570   1.00 9.51  ? 104 THR B CA  1 
ATOM   783  C C   . THR B 1 4  ? -9.153  -8.125  5.786   1.00 9.13  ? 104 THR B C   1 
ATOM   784  O O   . THR B 1 4  ? -8.133  -8.011  6.467   1.00 11.05 ? 104 THR B O   1 
ATOM   785  C CB  . THR B 1 4  ? -11.067 -9.635  6.419   1.00 10.11 ? 104 THR B CB  1 
ATOM   786  O OG1 . THR B 1 4  ? -10.730 -9.559  7.809   1.00 9.63  ? 104 THR B OG1 1 
ATOM   787  C CG2 . THR B 1 4  ? -11.753 -10.958 6.121   1.00 7.20  ? 104 THR B CG2 1 
ATOM   788  N N   . LEU B 1 5  ? -9.752  -7.084  5.229   1.00 8.90  ? 105 LEU B N   1 
ATOM   789  C CA  . LEU B 1 5  ? -9.159  -5.747  5.335   1.00 9.73  ? 105 LEU B CA  1 
ATOM   790  C C   . LEU B 1 5  ? -9.865  -4.767  6.259   1.00 9.77  ? 105 LEU B C   1 
ATOM   791  O O   . LEU B 1 5  ? -9.718  -3.550  6.111   1.00 9.62  ? 105 LEU B O   1 
ATOM   792  C CB  . LEU B 1 5  ? -8.985  -5.157  3.928   1.00 10.37 ? 105 LEU B CB  1 
ATOM   793  C CG  . LEU B 1 5  ? -8.107  -6.008  2.995   1.00 9.23  ? 105 LEU B CG  1 
ATOM   794  C CD1 . LEU B 1 5  ? -8.223  -5.532  1.560   1.00 7.78  ? 105 LEU B CD1 1 
ATOM   795  C CD2 . LEU B 1 5  ? -6.664  -5.985  3.475   1.00 6.95  ? 105 LEU B CD2 1 
ATOM   796  N N   . TRP B 1 6  ? -10.597 -5.294  7.239   1.00 9.92  ? 106 TRP B N   1 
ATOM   797  C CA  . TRP B 1 6  ? -11.308 -4.447  8.205   1.00 8.78  ? 106 TRP B CA  1 
ATOM   798  C C   . TRP B 1 6  ? -10.284 -3.641  8.977   1.00 8.59  ? 106 TRP B C   1 
ATOM   799  O O   . TRP B 1 6  ? -10.512 -2.488  9.324   1.00 9.06  ? 106 TRP B O   1 
ATOM   800  C CB  . TRP B 1 6  ? -12.117 -5.310  9.167   1.00 9.92  ? 106 TRP B CB  1 
ATOM   801  C CG  . TRP B 1 6  ? -13.213 -6.053  8.499   1.00 9.43  ? 106 TRP B CG  1 
ATOM   802  C CD1 . TRP B 1 6  ? -13.327 -7.402  8.366   1.00 10.14 ? 106 TRP B CD1 1 
ATOM   803  C CD2 . TRP B 1 6  ? -14.368 -5.487  7.877   1.00 10.71 ? 106 TRP B CD2 1 
ATOM   804  N NE1 . TRP B 1 6  ? -14.490 -7.717  7.702   1.00 12.98 ? 106 TRP B NE1 1 
ATOM   805  C CE2 . TRP B 1 6  ? -15.153 -6.556  7.395   1.00 11.52 ? 106 TRP B CE2 1 
ATOM   806  C CE3 . TRP B 1 6  ? -14.831 -4.175  7.696   1.00 10.65 ? 106 TRP B CE3 1 
ATOM   807  C CZ2 . TRP B 1 6  ? -16.363 -6.361  6.727   1.00 13.41 ? 106 TRP B CZ2 1 
ATOM   808  C CZ3 . TRP B 1 6  ? -16.042 -3.977  7.033   1.00 12.16 ? 106 TRP B CZ3 1 
ATOM   809  C CH2 . TRP B 1 6  ? -16.796 -5.068  6.563   1.00 13.57 ? 106 TRP B CH2 1 
ATOM   810  N N   . LYS B 1 7  ? -9.145  -4.263  9.234   1.00 8.35  ? 107 LYS B N   1 
ATOM   811  C CA  . LYS B 1 7  ? -8.053  -3.610  9.953   1.00 10.01 ? 107 LYS B CA  1 
ATOM   812  C C   . LYS B 1 7  ? -6.822  -3.659  9.055   1.00 8.46  ? 107 LYS B C   1 
ATOM   813  O O   . LYS B 1 7  ? -6.833  -4.326  8.019   1.00 7.24  ? 107 LYS B O   1 
ATOM   814  C CB  . LYS B 1 7  ? -7.742  -4.368  11.245  1.00 13.31 ? 107 LYS B CB  1 
ATOM   815  C CG  . LYS B 1 7  ? -8.931  -4.656  12.147  1.00 19.20 ? 107 LYS B CG  1 
ATOM   816  C CD  . LYS B 1 7  ? -8.448  -5.235  13.466  1.00 24.33 ? 107 LYS B CD  1 
ATOM   817  C CE  . LYS B 1 7  ? -7.536  -6.446  13.247  1.00 27.62 ? 107 LYS B CE  1 
ATOM   818  N NZ  . LYS B 1 7  ? -6.918  -6.945  14.514  1.00 29.58 ? 107 LYS B NZ  1 
ATOM   819  N N   . ARG B 1 8  ? -5.764  -2.960  9.457   1.00 8.07  ? 108 ARG B N   1 
ATOM   820  C CA  . ARG B 1 8  ? -4.506  -2.966  8.693   1.00 7.77  ? 108 ARG B CA  1 
ATOM   821  C C   . ARG B 1 8  ? -3.947  -4.379  8.749   1.00 8.70  ? 108 ARG B C   1 
ATOM   822  O O   . ARG B 1 8  ? -3.918  -4.997  9.819   1.00 8.94  ? 108 ARG B O   1 
ATOM   823  C CB  . ARG B 1 8  ? -3.485  -2.030  9.325   1.00 7.43  ? 108 ARG B CB  1 
ATOM   824  C CG  . ARG B 1 8  ? -3.852  -0.581  9.251   1.00 8.53  ? 108 ARG B CG  1 
ATOM   825  C CD  . ARG B 1 8  ? -2.754  0.269   9.840   1.00 7.96  ? 108 ARG B CD  1 
ATOM   826  N NE  . ARG B 1 8  ? -3.071  1.697   9.727   1.00 10.36 ? 108 ARG B NE  1 
ATOM   827  C CZ  . ARG B 1 8  ? -2.291  2.671   10.180  1.00 12.04 ? 108 ARG B CZ  1 
ATOM   828  N NH1 . ARG B 1 8  ? -1.142  2.376   10.776  1.00 11.88 ? 108 ARG B NH1 1 
ATOM   829  N NH2 . ARG B 1 8  ? -2.665  3.937   10.043  1.00 11.22 ? 108 ARG B NH2 1 
ATOM   830  N N   . PRO B 1 9  ? -3.515  -4.920  7.599   1.00 8.99  ? 109 PRO B N   1 
ATOM   831  C CA  . PRO B 1 9  ? -2.960  -6.277  7.556   1.00 9.48  ? 109 PRO B CA  1 
ATOM   832  C C   . PRO B 1 9  ? -1.548  -6.361  8.133   1.00 10.31 ? 109 PRO B C   1 
ATOM   833  O O   . PRO B 1 9  ? -0.566  -6.435  7.387   1.00 8.08  ? 109 PRO B O   1 
ATOM   834  C CB  . PRO B 1 9  ? -2.991  -6.606  6.066   1.00 8.57  ? 109 PRO B CB  1 
ATOM   835  C CG  . PRO B 1 9  ? -2.748  -5.269  5.439   1.00 8.08  ? 109 PRO B CG  1 
ATOM   836  C CD  . PRO B 1 9  ? -3.649  -4.365  6.241   1.00 7.22  ? 109 PRO B CD  1 
ATOM   837  N N   . LEU B 1 10 ? -1.466  -6.342  9.463   1.00 11.14 ? 110 LEU B N   1 
ATOM   838  C CA  . LEU B 1 10 ? -0.186  -6.431  10.193  1.00 12.13 ? 110 LEU B CA  1 
ATOM   839  C C   . LEU B 1 10 ? 0.103   -7.872  10.589  1.00 14.07 ? 110 LEU B C   1 
ATOM   840  O O   . LEU B 1 10 ? -0.748  -8.551  11.168  1.00 15.40 ? 110 LEU B O   1 
ATOM   841  C CB  . LEU B 1 10 ? -0.229  -5.583  11.460  1.00 13.12 ? 110 LEU B CB  1 
ATOM   842  C CG  . LEU B 1 10 ? -0.454  -4.086  11.304  1.00 14.39 ? 110 LEU B CG  1 
ATOM   843  C CD1 . LEU B 1 10 ? -0.685  -3.467  12.673  1.00 17.02 ? 110 LEU B CD1 1 
ATOM   844  C CD2 . LEU B 1 10 ? 0.747   -3.454  10.623  1.00 17.95 ? 110 LEU B CD2 1 
ATOM   845  N N   . VAL B 1 11 ? 1.309   -8.332  10.278  1.00 13.09 ? 111 VAL B N   1 
ATOM   846  C CA  . VAL B 1 11 ? 1.723   -9.702  10.609  1.00 12.32 ? 111 VAL B CA  1 
ATOM   847  C C   . VAL B 1 11 ? 3.110   -9.672  11.242  1.00 13.52 ? 111 VAL B C   1 
ATOM   848  O O   . VAL B 1 11 ? 3.776   -8.634  11.255  1.00 15.01 ? 111 VAL B O   1 
ATOM   849  C CB  . VAL B 1 11 ? 1.749   -10.612 9.350   1.00 12.96 ? 111 VAL B CB  1 
ATOM   850  C CG1 . VAL B 1 11 ? 0.346   -10.746 8.760   1.00 12.54 ? 111 VAL B CG1 1 
ATOM   851  C CG2 . VAL B 1 11 ? 2.717   -10.062 8.311   1.00 11.31 ? 111 VAL B CG2 1 
ATOM   852  N N   . THR B 1 12 ? 3.533   -10.804 11.790  1.00 13.29 ? 112 THR B N   1 
ATOM   853  C CA  . THR B 1 12 ? 4.851   -10.900 12.424  1.00 13.02 ? 112 THR B CA  1 
ATOM   854  C C   . THR B 1 12 ? 5.868   -11.349 11.390  1.00 13.04 ? 112 THR B C   1 
ATOM   855  O O   . THR B 1 12 ? 5.591   -12.238 10.586  1.00 12.88 ? 112 THR B O   1 
ATOM   856  C CB  . THR B 1 12 ? 4.844   -11.915 13.595  1.00 14.29 ? 112 THR B CB  1 
ATOM   857  O OG1 . THR B 1 12 ? 3.839   -11.540 14.545  1.00 14.15 ? 112 THR B OG1 1 
ATOM   858  C CG2 . THR B 1 12 ? 6.202   -11.946 14.293  1.00 13.58 ? 112 THR B CG2 1 
ATOM   859  N N   . ILE B 1 13 ? 7.017   -10.682 11.367  1.00 11.43 ? 113 ILE B N   1 
ATOM   860  C CA  . ILE B 1 13 ? 8.095   -11.049 10.440  1.00 13.78 ? 113 ILE B CA  1 
ATOM   861  C C   . ILE B 1 13 ? 9.372   -11.288 11.229  1.00 14.41 ? 113 ILE B C   1 
ATOM   862  O O   . ILE B 1 13 ? 9.457   -10.932 12.404  1.00 15.49 ? 113 ILE B O   1 
ATOM   863  C CB  . ILE B 1 13 ? 8.375   -9.950  9.388   1.00 12.82 ? 113 ILE B CB  1 
ATOM   864  C CG1 . ILE B 1 13 ? 8.703   -8.628  10.079  1.00 13.76 ? 113 ILE B CG1 1 
ATOM   865  C CG2 . ILE B 1 13 ? 7.201   -9.811  8.439   1.00 13.61 ? 113 ILE B CG2 1 
ATOM   866  C CD1 . ILE B 1 13 ? 9.221   -7.570  9.138   1.00 14.42 ? 113 ILE B CD1 1 
ATOM   867  N N   . ARG B 1 14 ? 10.352  -11.913 10.590  1.00 16.00 ? 114 ARG B N   1 
ATOM   868  C CA  . ARG B 1 14 ? 11.638  -12.173 11.238  1.00 17.48 ? 114 ARG B CA  1 
ATOM   869  C C   . ARG B 1 14 ? 12.737  -11.698 10.312  1.00 17.40 ? 114 ARG B C   1 
ATOM   870  O O   . ARG B 1 14 ? 12.819  -12.131 9.163   1.00 16.74 ? 114 ARG B O   1 
ATOM   871  C CB  . ARG B 1 14 ? 11.818  -13.661 11.547  1.00 20.74 ? 114 ARG B CB  1 
ATOM   872  C CG  . ARG B 1 14 ? 13.141  -13.960 12.234  1.00 26.29 ? 114 ARG B CG  1 
ATOM   873  C CD  . ARG B 1 14 ? 13.283  -15.416 12.623  1.00 31.67 ? 114 ARG B CD  1 
ATOM   874  N NE  . ARG B 1 14 ? 14.645  -15.695 13.101  1.00 37.17 ? 114 ARG B NE  1 
ATOM   875  C CZ  . ARG B 1 14 ? 14.942  -16.188 14.300  1.00 39.14 ? 114 ARG B CZ  1 
ATOM   876  N NH1 . ARG B 1 14 ? 13.981  -16.468 15.171  1.00 41.07 ? 114 ARG B NH1 1 
ATOM   877  N NH2 . ARG B 1 14 ? 16.208  -16.405 14.626  1.00 41.31 ? 114 ARG B NH2 1 
ATOM   878  N N   . ILE B 1 15 ? 13.568  -10.791 10.814  1.00 17.13 ? 115 ILE B N   1 
ATOM   879  C CA  . ILE B 1 15 ? 14.675  -10.236 10.027  1.00 17.33 ? 115 ILE B CA  1 
ATOM   880  C C   . ILE B 1 15 ? 15.851  -9.894  10.938  1.00 18.65 ? 115 ILE B C   1 
ATOM   881  O O   . ILE B 1 15 ? 15.677  -9.265  11.983  1.00 17.98 ? 115 ILE B O   1 
ATOM   882  C CB  . ILE B 1 15 ? 14.220  -8.980  9.239   1.00 17.61 ? 115 ILE B CB  1 
ATOM   883  C CG1 . ILE B 1 15 ? 15.379  -8.396  8.431   1.00 18.76 ? 115 ILE B CG1 1 
ATOM   884  C CG2 . ILE B 1 15 ? 13.629  -7.936  10.184  1.00 17.06 ? 115 ILE B CG2 1 
ATOM   885  C CD1 . ILE B 1 15 ? 14.995  -7.180  7.608   1.00 18.13 ? 115 ILE B CD1 1 
ATOM   886  N N   . GLY B 1 16 ? 17.040  -10.352 10.550  1.00 19.89 ? 116 GLY B N   1 
ATOM   887  C CA  . GLY B 1 16 ? 18.242  -10.099 11.327  1.00 21.34 ? 116 GLY B CA  1 
ATOM   888  C C   . GLY B 1 16 ? 18.217  -10.736 12.702  1.00 21.92 ? 116 GLY B C   1 
ATOM   889  O O   . GLY B 1 16 ? 18.908  -10.273 13.610  1.00 23.56 ? 116 GLY B O   1 
ATOM   890  N N   . GLY B 1 17 ? 17.418  -11.790 12.851  1.00 21.46 ? 117 GLY B N   1 
ATOM   891  C CA  . GLY B 1 17 ? 17.307  -12.484 14.119  1.00 22.67 ? 117 GLY B CA  1 
ATOM   892  C C   . GLY B 1 17 ? 16.223  -11.913 15.015  1.00 23.87 ? 117 GLY B C   1 
ATOM   893  O O   . GLY B 1 17 ? 15.932  -12.467 16.076  1.00 25.72 ? 117 GLY B O   1 
ATOM   894  N N   . GLN B 1 18 ? 15.609  -10.817 14.578  1.00 24.39 ? 118 GLN B N   1 
ATOM   895  C CA  . GLN B 1 18 ? 14.551  -10.156 15.356  1.00 24.01 ? 118 GLN B CA  1 
ATOM   896  C C   . GLN B 1 18 ? 13.157  -10.358 14.784  1.00 23.87 ? 118 GLN B C   1 
ATOM   897  O O   . GLN B 1 18 ? 12.986  -10.539 13.578  1.00 24.58 ? 118 GLN B O   1 
ATOM   898  C CB  . GLN B 1 18 ? 14.817  -8.655  15.447  1.00 25.60 ? 118 GLN B CB  1 
ATOM   899  C CG  . GLN B 1 18 ? 16.058  -8.268  16.215  1.00 29.77 ? 118 GLN B CG  1 
ATOM   900  C CD  . GLN B 1 18 ? 16.170  -6.770  16.382  1.00 31.93 ? 118 GLN B CD  1 
ATOM   901  O OE1 . GLN B 1 18 ? 15.867  -6.008  15.464  1.00 34.86 ? 118 GLN B OE1 1 
ATOM   902  N NE2 . GLN B 1 18 ? 16.593  -6.337  17.562  1.00 34.14 ? 118 GLN B NE2 1 
ATOM   903  N N   . LEU B 1 19 ? 12.164  -10.308 15.668  1.00 22.41 ? 119 LEU B N   1 
ATOM   904  C CA  . LEU B 1 19 ? 10.752  -10.448 15.286  1.00 20.96 ? 119 LEU B CA  1 
ATOM   905  C C   . LEU B 1 19 ? 10.120  -9.057  15.310  1.00 20.58 ? 119 LEU B C   1 
ATOM   906  O O   . LEU B 1 19 ? 10.309  -8.295  16.265  1.00 21.00 ? 119 LEU B O   1 
ATOM   907  C CB  . LEU B 1 19 ? 10.015  -11.368 16.264  1.00 21.99 ? 119 LEU B CB  1 
ATOM   908  C CG  . LEU B 1 19 ? 10.445  -12.837 16.338  1.00 23.39 ? 119 LEU B CG  1 
ATOM   909  C CD1 . LEU B 1 19 ? 9.569   -13.551 17.346  1.00 22.08 ? 119 LEU B CD1 1 
ATOM   910  C CD2 . LEU B 1 19 ? 10.322  -13.499 14.973  1.00 23.83 ? 119 LEU B CD2 1 
ATOM   911  N N   . LYS B 1 20 ? 9.387   -8.722  14.251  1.00 19.43 ? 120 LYS B N   1 
ATOM   912  C CA  . LYS B 1 20 ? 8.733   -7.404  14.137  1.00 18.85 ? 120 LYS B CA  1 
ATOM   913  C C   . LYS B 1 20 ? 7.333   -7.520  13.539  1.00 16.94 ? 120 LYS B C   1 
ATOM   914  O O   . LYS B 1 20 ? 6.962   -8.556  12.992  1.00 16.04 ? 120 LYS B O   1 
ATOM   915  C CB  . LYS B 1 20 ? 9.563   -6.476  13.238  1.00 18.56 ? 120 LYS B CB  1 
ATOM   916  C CG  . LYS B 1 20 ? 10.943  -6.139  13.759  1.00 22.17 ? 120 LYS B CG  1 
ATOM   917  C CD  . LYS B 1 20 ? 11.774  -5.447  12.691  1.00 24.71 ? 120 LYS B CD  1 
ATOM   918  C CE  . LYS B 1 20 ? 13.153  -5.058  13.220  1.00 27.63 ? 120 LYS B CE  1 
ATOM   919  N NZ  . LYS B 1 20 ? 13.085  -4.019  14.290  1.00 27.78 ? 120 LYS B NZ  1 
ATOM   920  N N   . GLU B 1 21 ? 6.553   -6.454  13.684  1.00 16.32 ? 121 GLU B N   1 
ATOM   921  C CA  . GLU B 1 21 ? 5.202   -6.394  13.109  1.00 17.45 ? 121 GLU B CA  1 
ATOM   922  C C   . GLU B 1 21 ? 5.351   -5.599  11.822  1.00 14.50 ? 121 GLU B C   1 
ATOM   923  O O   . GLU B 1 21 ? 5.991   -4.548  11.809  1.00 13.27 ? 121 GLU B O   1 
ATOM   924  C CB  . GLU B 1 21 ? 4.226   -5.662  14.037  1.00 21.53 ? 121 GLU B CB  1 
ATOM   925  C CG  . GLU B 1 21 ? 3.774   -6.452  15.262  1.00 30.94 ? 121 GLU B CG  1 
ATOM   926  C CD  . GLU B 1 21 ? 2.846   -7.603  14.924  1.00 34.98 ? 121 GLU B CD  1 
ATOM   927  O OE1 . GLU B 1 21 ? 1.641   -7.350  14.696  1.00 39.33 ? 121 GLU B OE1 1 
ATOM   928  O OE2 . GLU B 1 21 ? 3.315   -8.763  14.901  1.00 38.18 ? 121 GLU B OE2 1 
ATOM   929  N N   . ALA B 1 22 ? 4.769   -6.098  10.740  1.00 13.21 ? 122 ALA B N   1 
ATOM   930  C CA  . ALA B 1 22 ? 4.863   -5.409  9.451   1.00 10.77 ? 122 ALA B CA  1 
ATOM   931  C C   . ALA B 1 22 ? 3.538   -5.428  8.720   1.00 10.38 ? 122 ALA B C   1 
ATOM   932  O O   . ALA B 1 22 ? 2.731   -6.339  8.881   1.00 8.96  ? 122 ALA B O   1 
ATOM   933  C CB  . ALA B 1 22 ? 5.950   -6.036  8.589   1.00 10.73 ? 122 ALA B CB  1 
ATOM   934  N N   . LEU B 1 23 ? 3.337   -4.401  7.904   1.00 7.98  ? 123 LEU B N   1 
ATOM   935  C CA  . LEU B 1 23 ? 2.121   -4.214  7.108   1.00 7.33  ? 123 LEU B CA  1 
ATOM   936  C C   . LEU B 1 23 ? 2.270   -4.866  5.731   1.00 8.19  ? 123 LEU B C   1 
ATOM   937  O O   . LEU B 1 23 ? 3.288   -4.686  5.067   1.00 8.24  ? 123 LEU B O   1 
ATOM   938  C CB  . LEU B 1 23 ? 1.895   -2.713  6.941   1.00 6.58  ? 123 LEU B CB  1 
ATOM   939  C CG  . LEU B 1 23 ? 0.707   -2.156  6.169   1.00 8.86  ? 123 LEU B CG  1 
ATOM   940  C CD1 . LEU B 1 23 ? -0.579  -2.424  6.915   1.00 9.72  ? 123 LEU B CD1 1 
ATOM   941  C CD2 . LEU B 1 23 ? 0.906   -0.661  6.015   1.00 8.33  ? 123 LEU B CD2 1 
ATOM   942  N N   . LEU B 1 24 ? 1.279   -5.656  5.325   1.00 6.97  ? 124 LEU B N   1 
ATOM   943  C CA  . LEU B 1 24 ? 1.310   -6.299  4.002   1.00 7.52  ? 124 LEU B CA  1 
ATOM   944  C C   . LEU B 1 24 ? 0.759   -5.242  3.052   1.00 7.29  ? 124 LEU B C   1 
ATOM   945  O O   . LEU B 1 24 ? -0.428  -4.909  3.084   1.00 6.93  ? 124 LEU B O   1 
ATOM   946  C CB  . LEU B 1 24 ? 0.461   -7.574  3.983   1.00 6.92  ? 124 LEU B CB  1 
ATOM   947  C CG  . LEU B 1 24 ? 0.907   -8.665  4.966   1.00 8.72  ? 124 LEU B CG  1 
ATOM   948  C CD1 . LEU B 1 24 ? 0.028   -9.886  4.786   1.00 11.58 ? 124 LEU B CD1 1 
ATOM   949  C CD2 . LEU B 1 24 ? 2.367   -9.026  4.740   1.00 7.82  ? 124 LEU B CD2 1 
ATOM   950  N N   . ASP B 1 25 ? 1.648   -4.697  2.231   1.00 6.83  ? 125 ASP B N   1 
ATOM   951  C CA  . ASP B 1 25 ? 1.296   -3.613  1.314   1.00 5.21  ? 125 ASP B CA  1 
ATOM   952  C C   . ASP B 1 25 ? 1.399   -3.986  -0.164  1.00 4.53  ? 125 ASP B C   1 
ATOM   953  O O   . ASP B 1 25 ? 2.492   -4.053  -0.716  1.00 7.61  ? 125 ASP B O   1 
ATOM   954  C CB  . ASP B 1 25 ? 2.213   -2.425  1.645   1.00 5.99  ? 125 ASP B CB  1 
ATOM   955  C CG  . ASP B 1 25 ? 1.821   -1.136  0.945   1.00 7.15  ? 125 ASP B CG  1 
ATOM   956  O OD1 . ASP B 1 25 ? 0.874   -1.104  0.137   1.00 8.70  ? 125 ASP B OD1 1 
ATOM   957  O OD2 . ASP B 1 25 ? 2.496   -0.130  1.213   1.00 9.51  ? 125 ASP B OD2 1 
ATOM   958  N N   . THR B 1 26 ? 0.251   -4.188  -0.803  1.00 5.51  ? 126 THR B N   1 
ATOM   959  C CA  . THR B 1 26 ? 0.202   -4.521  -2.237  1.00 4.90  ? 126 THR B CA  1 
ATOM   960  C C   . THR B 1 26 ? 0.475   -3.273  -3.083  1.00 4.01  ? 126 THR B C   1 
ATOM   961  O O   . THR B 1 26 ? 0.688   -3.363  -4.290  1.00 6.97  ? 126 THR B O   1 
ATOM   962  C CB  . THR B 1 26 ? -1.166  -5.113  -2.630  1.00 4.20  ? 126 THR B CB  1 
ATOM   963  O OG1 . THR B 1 26 ? -2.204  -4.188  -2.295  1.00 6.17  ? 126 THR B OG1 1 
ATOM   964  C CG2 . THR B 1 26 ? -1.415  -6.427  -1.894  1.00 3.10  ? 126 THR B CG2 1 
ATOM   965  N N   . GLY B 1 27 ? 0.472   -2.111  -2.439  1.00 4.93  ? 127 GLY B N   1 
ATOM   966  C CA  . GLY B 1 27 ? 0.724   -0.862  -3.141  1.00 4.46  ? 127 GLY B CA  1 
ATOM   967  C C   . GLY B 1 27 ? 2.181   -0.438  -3.042  1.00 5.43  ? 127 GLY B C   1 
ATOM   968  O O   . GLY B 1 27 ? 2.557   0.642   -3.507  1.00 7.39  ? 127 GLY B O   1 
ATOM   969  N N   . ALA B 1 28 ? 2.997   -1.280  -2.419  1.00 5.64  ? 128 ALA B N   1 
ATOM   970  C CA  . ALA B 1 28 ? 4.429   -1.004  -2.252  1.00 5.84  ? 128 ALA B CA  1 
ATOM   971  C C   . ALA B 1 28 ? 5.262   -1.838  -3.206  1.00 8.22  ? 128 ALA B C   1 
ATOM   972  O O   . ALA B 1 28 ? 5.164   -3.068  -3.212  1.00 8.90  ? 128 ALA B O   1 
ATOM   973  C CB  . ALA B 1 28 ? 4.856   -1.290  -0.830  1.00 3.28  ? 128 ALA B CB  1 
ATOM   974  N N   . ASP B 1 29 ? 6.089   -1.171  -4.005  1.00 8.22  ? 129 ASP B N   1 
ATOM   975  C CA  . ASP B 1 29 ? 6.969   -1.879  -4.947  1.00 11.28 ? 129 ASP B CA  1 
ATOM   976  C C   . ASP B 1 29 ? 8.085   -2.562  -4.171  1.00 10.52 ? 129 ASP B C   1 
ATOM   977  O O   . ASP B 1 29 ? 8.529   -3.656  -4.527  1.00 11.49 ? 129 ASP B O   1 
ATOM   978  C CB  . ASP B 1 29 ? 7.625   -0.898  -5.933  1.00 12.06 ? 129 ASP B CB  1 
ATOM   979  C CG  . ASP B 1 29 ? 6.657   -0.331  -6.948  1.00 13.20 ? 129 ASP B CG  1 
ATOM   980  O OD1 . ASP B 1 29 ? 5.565   -0.897  -7.156  1.00 14.68 ? 129 ASP B OD1 1 
ATOM   981  O OD2 . ASP B 1 29 ? 7.012   0.693   -7.558  1.00 17.19 ? 129 ASP B OD2 1 
ATOM   982  N N   . ASP B 1 30 ? 8.526   -1.896  -3.106  1.00 10.82 ? 130 ASP B N   1 
ATOM   983  C CA  . ASP B 1 30 ? 9.631   -2.377  -2.270  1.00 10.94 ? 130 ASP B CA  1 
ATOM   984  C C   . ASP B 1 30 ? 9.243   -2.647  -0.829  1.00 9.83  ? 130 ASP B C   1 
ATOM   985  O O   . ASP B 1 30 ? 8.169   -2.264  -0.375  1.00 10.06 ? 130 ASP B O   1 
ATOM   986  C CB  . ASP B 1 30 ? 10.757  -1.338  -2.264  1.00 12.78 ? 130 ASP B CB  1 
ATOM   987  C CG  . ASP B 1 30 ? 11.190  -0.940  -3.654  1.00 14.69 ? 130 ASP B CG  1 
ATOM   988  O OD1 . ASP B 1 30 ? 11.877  -1.740  -4.315  1.00 16.38 ? 130 ASP B OD1 1 
ATOM   989  O OD2 . ASP B 1 30 ? 10.831  0.173   -4.085  1.00 17.89 ? 130 ASP B OD2 1 
ATOM   990  N N   . THR B 1 31 ? 10.174  -3.260  -0.106  1.00 8.29  ? 131 THR B N   1 
ATOM   991  C CA  . THR B 1 31 ? 10.003  -3.584  1.315   1.00 7.00  ? 131 THR B CA  1 
ATOM   992  C C   . THR B 1 31 ? 10.828  -2.572  2.096   1.00 8.53  ? 131 THR B C   1 
ATOM   993  O O   . THR B 1 31 ? 12.020  -2.395  1.841   1.00 8.52  ? 131 THR B O   1 
ATOM   994  C CB  . THR B 1 31 ? 10.471  -5.015  1.594   1.00 5.33  ? 131 THR B CB  1 
ATOM   995  O OG1 . THR B 1 31 ? 9.539   -5.921  0.996   1.00 6.99  ? 131 THR B OG1 1 
ATOM   996  C CG2 . THR B 1 31 ? 10.567  -5.292  3.083   1.00 4.96  ? 131 THR B CG2 1 
ATOM   997  N N   . VAL B 1 32 ? 10.170  -1.870  3.011   1.00 8.59  ? 132 VAL B N   1 
ATOM   998  C CA  . VAL B 1 32 ? 10.835  -0.842  3.822   1.00 8.97  ? 132 VAL B CA  1 
ATOM   999  C C   . VAL B 1 32 ? 10.759  -1.205  5.292   1.00 9.77  ? 132 VAL B C   1 
ATOM   1000 O O   . VAL B 1 32 ? 9.677   -1.348  5.854   1.00 9.46  ? 132 VAL B O   1 
ATOM   1001 C CB  . VAL B 1 32 ? 10.190  0.544   3.600   1.00 9.58  ? 132 VAL B CB  1 
ATOM   1002 C CG1 . VAL B 1 32 ? 11.058  1.641   4.224   1.00 9.90  ? 132 VAL B CG1 1 
ATOM   1003 C CG2 . VAL B 1 32 ? 10.001  0.798   2.114   1.00 10.48 ? 132 VAL B CG2 1 
ATOM   1004 N N   . ILE B 1 33 ? 11.923  -1.367  5.906   1.00 11.57 ? 133 ILE B N   1 
ATOM   1005 C CA  . ILE B 1 33 ? 12.016  -1.731  7.322   1.00 12.82 ? 133 ILE B CA  1 
ATOM   1006 C C   . ILE B 1 33 ? 12.553  -0.558  8.137   1.00 15.69 ? 133 ILE B C   1 
ATOM   1007 O O   . ILE B 1 33 ? 13.426  0.182   7.684   1.00 15.38 ? 133 ILE B O   1 
ATOM   1008 C CB  . ILE B 1 33 ? 12.920  -2.977  7.495   1.00 13.24 ? 133 ILE B CB  1 
ATOM   1009 C CG1 . ILE B 1 33 ? 12.301  -4.159  6.742   1.00 12.14 ? 133 ILE B CG1 1 
ATOM   1010 C CG2 . ILE B 1 33 ? 13.119  -3.319  8.976   1.00 13.31 ? 133 ILE B CG2 1 
ATOM   1011 C CD1 . ILE B 1 33 ? 10.907  -4.535  7.215   1.00 11.88 ? 133 ILE B CD1 1 
ATOM   1012 N N   . GLU B 1 34 ? 11.993  -0.368  9.326   1.00 16.00 ? 134 GLU B N   1 
ATOM   1013 C CA  . GLU B 1 34 ? 12.412  0.721   10.215  1.00 16.99 ? 134 GLU B CA  1 
ATOM   1014 C C   . GLU B 1 34 ? 13.906  0.629   10.497  1.00 18.26 ? 134 GLU B C   1 
ATOM   1015 O O   . GLU B 1 34 ? 14.511  -0.443  10.373  1.00 16.35 ? 134 GLU B O   1 
ATOM   1016 C CB  A GLU B 1 34 ? 11.620  0.661   11.524  0.50 17.95 ? 134 GLU B CB  1 
ATOM   1017 C CB  B GLU B 1 34 ? 11.613  0.671   11.520  0.50 17.63 ? 134 GLU B CB  1 
ATOM   1018 C CG  A GLU B 1 34 ? 11.825  -0.622  12.328  0.50 19.53 ? 134 GLU B CG  1 
ATOM   1019 C CG  B GLU B 1 34 ? 10.106  0.835   11.323  0.50 18.57 ? 134 GLU B CG  1 
ATOM   1020 C CD  A GLU B 1 34 ? 10.763  -0.837  13.397  0.50 19.96 ? 134 GLU B CD  1 
ATOM   1021 C CD  B GLU B 1 34 ? 9.302   0.655   12.601  0.50 20.01 ? 134 GLU B CD  1 
ATOM   1022 O OE1 A GLU B 1 34 ? 10.058  0.132   13.761  0.50 21.47 ? 134 GLU B OE1 1 
ATOM   1023 O OE1 B GLU B 1 34 ? 9.736   -0.105  13.491  0.50 21.22 ? 134 GLU B OE1 1 
ATOM   1024 O OE2 A GLU B 1 34 ? 10.628  -1.985  13.868  0.50 20.89 ? 134 GLU B OE2 1 
ATOM   1025 O OE2 B GLU B 1 34 ? 8.222   1.264   12.714  0.50 20.62 ? 134 GLU B OE2 1 
ATOM   1026 N N   . GLU B 1 35 ? 14.491  1.763   10.869  1.00 20.31 ? 135 GLU B N   1 
ATOM   1027 C CA  . GLU B 1 35 ? 15.930  1.848   11.161  1.00 22.74 ? 135 GLU B CA  1 
ATOM   1028 C C   . GLU B 1 35 ? 16.442  0.773   12.124  1.00 22.88 ? 135 GLU B C   1 
ATOM   1029 O O   . GLU B 1 35 ? 15.980  0.663   13.269  1.00 23.13 ? 135 GLU B O   1 
ATOM   1030 C CB  . GLU B 1 35 ? 16.282  3.245   11.690  1.00 23.90 ? 135 GLU B CB  1 
ATOM   1031 C CG  . GLU B 1 35 ? 17.773  3.504   11.801  1.00 25.49 ? 135 GLU B CG  1 
ATOM   1032 C CD  . GLU B 1 35 ? 18.504  3.187   10.515  1.00 27.39 ? 135 GLU B CD  1 
ATOM   1033 O OE1 . GLU B 1 35 ? 18.119  3.741   9.462   1.00 28.09 ? 135 GLU B OE1 1 
ATOM   1034 O OE2 . GLU B 1 35 ? 19.448  2.369   10.557  1.00 27.30 ? 135 GLU B OE2 1 
ATOM   1035 N N   . MET B 1 36 ? 17.361  -0.049  11.623  1.00 22.89 ? 136 MET B N   1 
ATOM   1036 C CA  . MET B 1 36 ? 17.978  -1.111  12.424  1.00 24.18 ? 136 MET B CA  1 
ATOM   1037 C C   . MET B 1 36 ? 19.390  -1.353  11.910  1.00 24.33 ? 136 MET B C   1 
ATOM   1038 O O   . MET B 1 36 ? 19.686  -1.112  10.736  1.00 24.00 ? 136 MET B O   1 
ATOM   1039 C CB  . MET B 1 36 ? 17.141  -2.400  12.403  1.00 23.72 ? 136 MET B CB  1 
ATOM   1040 C CG  . MET B 1 36 ? 17.110  -3.160  11.091  1.00 24.43 ? 136 MET B CG  1 
ATOM   1041 S SD  . MET B 1 36 ? 15.998  -4.587  11.193  1.00 25.32 ? 136 MET B SD  1 
ATOM   1042 C CE  . MET B 1 36 ? 16.918  -5.699  12.271  1.00 22.99 ? 136 MET B CE  1 
ATOM   1043 N N   . ASN B 1 37 ? 20.267  -1.785  12.811  1.00 26.15 ? 137 ASN B N   1 
ATOM   1044 C CA  . ASN B 1 37 ? 21.675  -2.040  12.469  1.00 27.33 ? 137 ASN B CA  1 
ATOM   1045 C C   . ASN B 1 37 ? 21.929  -3.405  11.830  1.00 26.93 ? 137 ASN B C   1 
ATOM   1046 O O   . ASN B 1 37 ? 22.459  -4.316  12.469  1.00 27.93 ? 137 ASN B O   1 
ATOM   1047 C CB  . ASN B 1 37 ? 22.562  -1.845  13.707  1.00 25.96 ? 137 ASN B CB  1 
ATOM   1048 N N   . LEU B 1 38 ? 21.535  -3.538  10.567  1.00 26.91 ? 138 LEU B N   1 
ATOM   1049 C CA  . LEU B 1 38 ? 21.740  -4.781  9.812   1.00 26.54 ? 138 LEU B CA  1 
ATOM   1050 C C   . LEU B 1 38 ? 23.163  -4.804  9.279   1.00 26.30 ? 138 LEU B C   1 
ATOM   1051 O O   . LEU B 1 38 ? 23.640  -3.811  8.731   1.00 26.63 ? 138 LEU B O   1 
ATOM   1052 C CB  . LEU B 1 38 ? 20.779  -4.863  8.626   1.00 26.30 ? 138 LEU B CB  1 
ATOM   1053 C CG  . LEU B 1 38 ? 19.348  -5.334  8.871   1.00 27.64 ? 138 LEU B CG  1 
ATOM   1054 C CD1 . LEU B 1 38 ? 18.563  -5.246  7.570   1.00 26.93 ? 138 LEU B CD1 1 
ATOM   1055 C CD2 . LEU B 1 38 ? 19.359  -6.764  9.405   1.00 26.18 ? 138 LEU B CD2 1 
ATOM   1056 N N   . PRO B 1 39 ? 23.877  -5.923  9.469   1.00 26.55 ? 139 PRO B N   1 
ATOM   1057 C CA  . PRO B 1 39 ? 25.250  -6.015  8.975   1.00 25.73 ? 139 PRO B CA  1 
ATOM   1058 C C   . PRO B 1 39 ? 25.237  -6.264  7.469   1.00 24.68 ? 139 PRO B C   1 
ATOM   1059 O O   . PRO B 1 39 ? 24.204  -6.616  6.896   1.00 23.68 ? 139 PRO B O   1 
ATOM   1060 C CB  . PRO B 1 39 ? 25.796  -7.218  9.738   1.00 26.58 ? 139 PRO B CB  1 
ATOM   1061 C CG  . PRO B 1 39 ? 24.594  -8.102  9.855   1.00 27.02 ? 139 PRO B CG  1 
ATOM   1062 C CD  . PRO B 1 39 ? 23.507  -7.127  10.236  1.00 27.27 ? 139 PRO B CD  1 
ATOM   1063 N N   . GLY B 1 40 ? 26.382  -6.067  6.831   1.00 25.64 ? 140 GLY B N   1 
ATOM   1064 C CA  . GLY B 1 40 ? 26.473  -6.290  5.401   1.00 25.34 ? 140 GLY B CA  1 
ATOM   1065 C C   . GLY B 1 40 ? 26.608  -5.019  4.588   1.00 25.53 ? 140 GLY B C   1 
ATOM   1066 O O   . GLY B 1 40 ? 26.427  -3.912  5.101   1.00 25.29 ? 140 GLY B O   1 
ATOM   1067 N N   . LYS B 1 41 ? 26.934  -5.187  3.310   1.00 25.17 ? 141 LYS B N   1 
ATOM   1068 C CA  . LYS B 1 41 ? 27.098  -4.054  2.393   1.00 23.81 ? 141 LYS B CA  1 
ATOM   1069 C C   . LYS B 1 41 ? 25.735  -3.522  1.961   1.00 22.71 ? 141 LYS B C   1 
ATOM   1070 O O   . LYS B 1 41 ? 24.756  -4.272  1.883   1.00 21.80 ? 141 LYS B O   1 
ATOM   1071 C CB  . LYS B 1 41 ? 27.917  -4.477  1.173   1.00 23.77 ? 141 LYS B CB  1 
ATOM   1072 N N   . TRP B 1 42 ? 25.682  -2.223  1.688   1.00 20.77 ? 142 TRP B N   1 
ATOM   1073 C CA  . TRP B 1 42 ? 24.442  -1.569  1.256   1.00 20.03 ? 142 TRP B CA  1 
ATOM   1074 C C   . TRP B 1 42 ? 24.732  -0.444  0.269   1.00 20.40 ? 142 TRP B C   1 
ATOM   1075 O O   . TRP B 1 42 ? 25.888  -0.068  0.059   1.00 19.70 ? 142 TRP B O   1 
ATOM   1076 C CB  . TRP B 1 42 ? 23.667  -1.035  2.468   1.00 19.94 ? 142 TRP B CB  1 
ATOM   1077 C CG  . TRP B 1 42 ? 24.459  -0.116  3.343   1.00 20.38 ? 142 TRP B CG  1 
ATOM   1078 C CD1 . TRP B 1 42 ? 25.194  -0.459  4.442   1.00 21.02 ? 142 TRP B CD1 1 
ATOM   1079 C CD2 . TRP B 1 42 ? 24.606  1.299   3.188   1.00 21.17 ? 142 TRP B CD2 1 
ATOM   1080 N NE1 . TRP B 1 42 ? 25.793  0.653   4.979   1.00 20.70 ? 142 TRP B NE1 1 
ATOM   1081 C CE2 . TRP B 1 42 ? 25.451  1.746   4.227   1.00 20.60 ? 142 TRP B CE2 1 
ATOM   1082 C CE3 . TRP B 1 42 ? 24.107  2.234   2.269   1.00 20.35 ? 142 TRP B CE3 1 
ATOM   1083 C CZ2 . TRP B 1 42 ? 25.807  3.084   4.375   1.00 21.18 ? 142 TRP B CZ2 1 
ATOM   1084 C CZ3 . TRP B 1 42 ? 24.459  3.563   2.416   1.00 21.69 ? 142 TRP B CZ3 1 
ATOM   1085 C CH2 . TRP B 1 42 ? 25.304  3.977   3.461   1.00 22.44 ? 142 TRP B CH2 1 
ATOM   1086 N N   . LYS B 1 43 ? 23.673  0.077   -0.344  1.00 18.84 ? 143 LYS B N   1 
ATOM   1087 C CA  . LYS B 1 43 ? 23.789  1.174   -1.316  1.00 17.98 ? 143 LYS B CA  1 
ATOM   1088 C C   . LYS B 1 43 ? 22.706  2.213   -1.040  1.00 17.96 ? 143 LYS B C   1 
ATOM   1089 O O   . LYS B 1 43 ? 21.583  1.865   -0.682  1.00 18.39 ? 143 LYS B O   1 
ATOM   1090 C CB  . LYS B 1 43 ? 23.653  0.632   -2.736  1.00 16.98 ? 143 LYS B CB  1 
ATOM   1091 N N   . PRO B 1 44 ? 23.038  3.507   -1.168  1.00 17.52 ? 144 PRO B N   1 
ATOM   1092 C CA  . PRO B 1 44 ? 22.064  4.575   -0.928  1.00 16.31 ? 144 PRO B CA  1 
ATOM   1093 C C   . PRO B 1 44 ? 20.951  4.524   -1.968  1.00 15.89 ? 144 PRO B C   1 
ATOM   1094 O O   . PRO B 1 44 ? 21.180  4.149   -3.123  1.00 15.67 ? 144 PRO B O   1 
ATOM   1095 C CB  . PRO B 1 44 ? 22.899  5.850   -1.107  1.00 17.43 ? 144 PRO B CB  1 
ATOM   1096 C CG  . PRO B 1 44 ? 24.294  5.404   -0.798  1.00 17.23 ? 144 PRO B CG  1 
ATOM   1097 C CD  . PRO B 1 44 ? 24.356  4.076   -1.494  1.00 17.47 ? 144 PRO B CD  1 
ATOM   1098 N N   . LYS B 1 45 ? 19.749  4.905   -1.550  1.00 14.43 ? 145 LYS B N   1 
ATOM   1099 C CA  . LYS B 1 45 ? 18.586  4.916   -2.443  1.00 13.26 ? 145 LYS B CA  1 
ATOM   1100 C C   . LYS B 1 45 ? 17.528  5.867   -1.885  1.00 12.38 ? 145 LYS B C   1 
ATOM   1101 O O   . LYS B 1 45 ? 17.507  6.155   -0.688  1.00 11.43 ? 145 LYS B O   1 
ATOM   1102 C CB  . LYS B 1 45 ? 18.009  3.500   -2.577  1.00 14.35 ? 145 LYS B CB  1 
ATOM   1103 C CG  . LYS B 1 45 ? 16.912  3.368   -3.621  1.00 16.35 ? 145 LYS B CG  1 
ATOM   1104 C CD  . LYS B 1 45 ? 16.409  1.940   -3.722  1.00 21.20 ? 145 LYS B CD  1 
ATOM   1105 C CE  . LYS B 1 45 ? 15.377  1.801   -4.832  1.00 24.12 ? 145 LYS B CE  1 
ATOM   1106 N NZ  . LYS B 1 45 ? 14.883  0.400   -4.958  1.00 27.97 ? 145 LYS B NZ  1 
ATOM   1107 N N   . MET B 1 46 ? 16.690  6.396   -2.767  1.00 10.95 ? 146 MET B N   1 
ATOM   1108 C CA  . MET B 1 46 ? 15.605  7.298   -2.356  1.00 11.61 ? 146 MET B CA  1 
ATOM   1109 C C   . MET B 1 46 ? 14.302  6.755   -2.903  1.00 11.43 ? 146 MET B C   1 
ATOM   1110 O O   . MET B 1 46 ? 14.188  6.505   -4.103  1.00 13.48 ? 146 MET B O   1 
ATOM   1111 C CB  A MET B 1 46 ? 15.823  8.692   -2.952  0.50 13.37 ? 146 MET B CB  1 
ATOM   1112 C CB  B MET B 1 46 ? 15.849  8.728   -2.833  0.50 12.03 ? 146 MET B CB  1 
ATOM   1113 C CG  A MET B 1 46 ? 17.229  9.248   -2.812  0.50 15.69 ? 146 MET B CG  1 
ATOM   1114 C CG  B MET B 1 46 ? 16.651  9.548   -1.840  0.50 12.15 ? 146 MET B CG  1 
ATOM   1115 S SD  A MET B 1 46 ? 17.391  10.392  -1.458  0.50 19.26 ? 146 MET B SD  1 
ATOM   1116 S SD  B MET B 1 46 ? 17.055  11.177  -2.451  0.50 14.95 ? 146 MET B SD  1 
ATOM   1117 C CE  A MET B 1 46 ? 16.565  11.813  -2.120  0.50 19.82 ? 146 MET B CE  1 
ATOM   1118 C CE  B MET B 1 46 ? 15.587  12.096  -1.972  0.50 14.38 ? 146 MET B CE  1 
ATOM   1119 N N   . ILE B 1 47 ? 13.333  6.533   -2.021  1.00 9.63  ? 147 ILE B N   1 
ATOM   1120 C CA  . ILE B 1 47 ? 12.025  6.023   -2.453  1.00 9.41  ? 147 ILE B CA  1 
ATOM   1121 C C   . ILE B 1 47 ? 10.936  7.018   -2.099  1.00 8.06  ? 147 ILE B C   1 
ATOM   1122 O O   . ILE B 1 47 ? 11.046  7.755   -1.123  1.00 8.56  ? 147 ILE B O   1 
ATOM   1123 C CB  . ILE B 1 47 ? 11.694  4.643   -1.842  1.00 10.37 ? 147 ILE B CB  1 
ATOM   1124 C CG1 . ILE B 1 47 ? 11.826  4.690   -0.317  1.00 10.23 ? 147 ILE B CG1 1 
ATOM   1125 C CG2 . ILE B 1 47 ? 12.563  3.567   -2.474  1.00 10.24 ? 147 ILE B CG2 1 
ATOM   1126 C CD1 . ILE B 1 47 ? 11.385  3.426   0.361   1.00 14.31 ? 147 ILE B CD1 1 
ATOM   1127 N N   . GLY B 1 48 ? 9.896   7.053   -2.915  1.00 8.76  ? 148 GLY B N   1 
ATOM   1128 C CA  . GLY B 1 48 ? 8.821   7.989   -2.677  1.00 10.77 ? 148 GLY B CA  1 
ATOM   1129 C C   . GLY B 1 48 ? 7.546   7.369   -2.150  1.00 11.28 ? 148 GLY B C   1 
ATOM   1130 O O   . GLY B 1 48 ? 7.171   6.257   -2.524  1.00 10.77 ? 148 GLY B O   1 
ATOM   1131 N N   . GLY B 1 49 ? 6.907   8.095   -1.245  1.00 13.24 ? 149 GLY B N   1 
ATOM   1132 C CA  . GLY B 1 49 ? 5.648   7.665   -0.675  1.00 16.35 ? 149 GLY B CA  1 
ATOM   1133 C C   . GLY B 1 49 ? 4.633   8.687   -1.136  1.00 16.82 ? 149 GLY B C   1 
ATOM   1134 O O   . GLY B 1 49 ? 4.859   9.372   -2.131  1.00 17.75 ? 149 GLY B O   1 
ATOM   1135 N N   . ILE B 1 50 ? 3.548   8.841   -0.389  1.00 17.55 ? 150 ILE B N   1 
ATOM   1136 C CA  . ILE B 1 50 ? 2.506   9.802   -0.769  1.00 17.83 ? 150 ILE B CA  1 
ATOM   1137 C C   . ILE B 1 50 ? 2.939   11.271  -0.609  1.00 17.11 ? 150 ILE B C   1 
ATOM   1138 O O   . ILE B 1 50 ? 2.594   12.116  -1.441  1.00 16.59 ? 150 ILE B O   1 
ATOM   1139 C CB  . ILE B 1 50 ? 1.186   9.528   0.017   1.00 20.33 ? 150 ILE B CB  1 
ATOM   1140 C CG1 . ILE B 1 50 ? 0.039   10.364  -0.539  1.00 23.01 ? 150 ILE B CG1 1 
ATOM   1141 C CG2 . ILE B 1 50 ? 1.359   9.824   1.489   1.00 21.15 ? 150 ILE B CG2 1 
ATOM   1142 C CD1 . ILE B 1 50 ? -0.867  9.594   -1.444  1.00 26.28 ? 150 ILE B CD1 1 
ATOM   1143 N N   . GLY B 1 51 ? 3.738   11.559  0.417   1.00 14.68 ? 151 GLY B N   1 
ATOM   1144 C CA  . GLY B 1 51 ? 4.156   12.934  0.656   1.00 14.41 ? 151 GLY B CA  1 
ATOM   1145 C C   . GLY B 1 51 ? 5.537   13.356  0.195   1.00 14.22 ? 151 GLY B C   1 
ATOM   1146 O O   . GLY B 1 51 ? 5.928   14.503  0.417   1.00 15.36 ? 151 GLY B O   1 
ATOM   1147 N N   . GLY B 1 52 ? 6.282   12.446  -0.428  1.00 12.65 ? 152 GLY B N   1 
ATOM   1148 C CA  . GLY B 1 52 ? 7.617   12.776  -0.894  1.00 10.58 ? 152 GLY B CA  1 
ATOM   1149 C C   . GLY B 1 52 ? 8.573   11.602  -0.847  1.00 8.93  ? 152 GLY B C   1 
ATOM   1150 O O   . GLY B 1 52 ? 8.145   10.456  -0.812  1.00 8.86  ? 152 GLY B O   1 
ATOM   1151 N N   . PHE B 1 53 ? 9.873   11.891  -0.841  1.00 8.95  ? 153 PHE B N   1 
ATOM   1152 C CA  . PHE B 1 53 ? 10.915  10.848  -0.810  1.00 8.81  ? 153 PHE B CA  1 
ATOM   1153 C C   . PHE B 1 53 ? 11.681  10.823  0.506   1.00 9.91  ? 153 PHE B C   1 
ATOM   1154 O O   . PHE B 1 53 ? 11.756  11.825  1.211   1.00 12.07 ? 153 PHE B O   1 
ATOM   1155 C CB  . PHE B 1 53 ? 11.936  11.066  -1.939  1.00 8.78  ? 153 PHE B CB  1 
ATOM   1156 C CG  . PHE B 1 53 ? 11.399  10.813  -3.319  1.00 8.48  ? 153 PHE B CG  1 
ATOM   1157 C CD1 . PHE B 1 53 ? 10.450  11.658  -3.881  1.00 9.92  ? 153 PHE B CD1 1 
ATOM   1158 C CD2 . PHE B 1 53 ? 11.850  9.731   -4.060  1.00 9.44  ? 153 PHE B CD2 1 
ATOM   1159 C CE1 . PHE B 1 53 ? 9.959   11.425  -5.155  1.00 9.86  ? 153 PHE B CE1 1 
ATOM   1160 C CE2 . PHE B 1 53 ? 11.363  9.487   -5.340  1.00 7.90  ? 153 PHE B CE2 1 
ATOM   1161 C CZ  . PHE B 1 53 ? 10.419  10.334  -5.888  1.00 9.75  ? 153 PHE B CZ  1 
ATOM   1162 N N   . ILE B 1 54 ? 12.251  9.666   0.824   1.00 9.40  ? 154 ILE B N   1 
ATOM   1163 C CA  . ILE B 1 54 ? 13.078  9.492   2.026   1.00 9.85  ? 154 ILE B CA  1 
ATOM   1164 C C   . ILE B 1 54 ? 14.330  8.735   1.607   1.00 8.82  ? 154 ILE B C   1 
ATOM   1165 O O   . ILE B 1 54 ? 14.303  7.958   0.649   1.00 7.99  ? 154 ILE B O   1 
ATOM   1166 C CB  . ILE B 1 54 ? 12.383  8.680   3.159   1.00 11.09 ? 154 ILE B CB  1 
ATOM   1167 C CG1 . ILE B 1 54 ? 11.987  7.286   2.672   1.00 12.15 ? 154 ILE B CG1 1 
ATOM   1168 C CG2 . ILE B 1 54 ? 11.207  9.454   3.726   1.00 12.91 ? 154 ILE B CG2 1 
ATOM   1169 C CD1 . ILE B 1 54 ? 11.631  6.328   3.804   1.00 13.95 ? 154 ILE B CD1 1 
ATOM   1170 N N   . LYS B 1 55 ? 15.427  8.993   2.308   1.00 9.07  ? 155 LYS B N   1 
ATOM   1171 C CA  . LYS B 1 55 ? 16.707  8.329   2.030   1.00 10.21 ? 155 LYS B CA  1 
ATOM   1172 C C   . LYS B 1 55 ? 16.711  7.004   2.780   1.00 9.79  ? 155 LYS B C   1 
ATOM   1173 O O   . LYS B 1 55 ? 16.348  6.951   3.953   1.00 10.62 ? 155 LYS B O   1 
ATOM   1174 C CB  . LYS B 1 55 ? 17.874  9.202   2.510   0.50 10.33 ? 155 LYS B CB  1 
ATOM   1175 C CG  . LYS B 1 55 ? 17.961  10.570  1.837   0.50 13.10 ? 155 LYS B CG  1 
ATOM   1176 C CD  . LYS B 1 55 ? 19.090  11.408  2.425   0.50 16.34 ? 155 LYS B CD  1 
ATOM   1177 C CE  . LYS B 1 55 ? 19.307  12.697  1.643   0.50 17.02 ? 155 LYS B CE  1 
ATOM   1178 N NZ  . LYS B 1 55 ? 18.121  13.595  1.669   0.50 18.08 ? 155 LYS B NZ  1 
ATOM   1179 N N   . VAL B 1 56 ? 17.097  5.937   2.093   1.00 10.28 ? 156 VAL B N   1 
ATOM   1180 C CA  . VAL B 1 56 ? 17.150  4.595   2.695   1.00 10.53 ? 156 VAL B CA  1 
ATOM   1181 C C   . VAL B 1 56 ? 18.429  3.870   2.276   1.00 12.32 ? 156 VAL B C   1 
ATOM   1182 O O   . VAL B 1 56 ? 19.143  4.324   1.377   1.00 14.21 ? 156 VAL B O   1 
ATOM   1183 C CB  . VAL B 1 56 ? 15.923  3.728   2.270   1.00 9.74  ? 156 VAL B CB  1 
ATOM   1184 C CG1 . VAL B 1 56 ? 14.620  4.327   2.805   1.00 8.36  ? 156 VAL B CG1 1 
ATOM   1185 C CG2 . VAL B 1 56 ? 15.857  3.586   0.753   1.00 4.20  ? 156 VAL B CG2 1 
ATOM   1186 N N   . ARG B 1 57 ? 18.737  2.773   2.963   1.00 10.99 ? 157 ARG B N   1 
ATOM   1187 C CA  . ARG B 1 57 ? 19.915  1.960   2.647   1.00 12.16 ? 157 ARG B CA  1 
ATOM   1188 C C   . ARG B 1 57 ? 19.397  0.653   2.070   1.00 12.56 ? 157 ARG B C   1 
ATOM   1189 O O   . ARG B 1 57 ? 18.534  0.002   2.658   1.00 14.39 ? 157 ARG B O   1 
ATOM   1190 C CB  . ARG B 1 57 ? 20.755  1.692   3.897   1.00 14.21 ? 157 ARG B CB  1 
ATOM   1191 C CG  . ARG B 1 57 ? 21.211  2.946   4.612   1.00 17.14 ? 157 ARG B CG  1 
ATOM   1192 C CD  . ARG B 1 57 ? 22.308  2.645   5.620   1.00 21.66 ? 157 ARG B CD  1 
ATOM   1193 N NE  . ARG B 1 57 ? 21.928  1.602   6.582   1.00 23.31 ? 157 ARG B NE  1 
ATOM   1194 C CZ  . ARG B 1 57 ? 21.198  1.812   7.673   1.00 25.03 ? 157 ARG B CZ  1 
ATOM   1195 N NH1 . ARG B 1 57 ? 20.754  3.031   7.959   1.00 24.44 ? 157 ARG B NH1 1 
ATOM   1196 N NH2 . ARG B 1 57 ? 20.920  0.801   8.488   1.00 25.38 ? 157 ARG B NH2 1 
ATOM   1197 N N   . GLN B 1 58 ? 19.884  0.299   0.890   1.00 13.67 ? 158 GLN B N   1 
ATOM   1198 C CA  . GLN B 1 58 ? 19.448  -0.928  0.226   1.00 14.31 ? 158 GLN B CA  1 
ATOM   1199 C C   . GLN B 1 58 ? 20.337  -2.126  0.522   1.00 15.33 ? 158 GLN B C   1 
ATOM   1200 O O   . GLN B 1 58 ? 21.538  -2.102  0.260   1.00 14.33 ? 158 GLN B O   1 
ATOM   1201 C CB  . GLN B 1 58 ? 19.366  -0.704  -1.281  1.00 15.91 ? 158 GLN B CB  1 
ATOM   1202 C CG  . GLN B 1 58 ? 19.088  -1.961  -2.061  1.00 17.80 ? 158 GLN B CG  1 
ATOM   1203 C CD  . GLN B 1 58 ? 19.049  -1.714  -3.538  1.00 19.57 ? 158 GLN B CD  1 
ATOM   1204 O OE1 . GLN B 1 58 ? 18.421  -0.765  -4.000  1.00 22.05 ? 158 GLN B OE1 1 
ATOM   1205 N NE2 . GLN B 1 58 ? 19.721  -2.567  -4.296  1.00 22.48 ? 158 GLN B NE2 1 
ATOM   1206 N N   . TYR B 1 59 ? 19.730  -3.168  1.078   1.00 14.61 ? 159 TYR B N   1 
ATOM   1207 C CA  . TYR B 1 59 ? 20.440  -4.412  1.404   1.00 16.27 ? 159 TYR B CA  1 
ATOM   1208 C C   . TYR B 1 59 ? 19.859  -5.498  0.510   1.00 16.85 ? 159 TYR B C   1 
ATOM   1209 O O   . TYR B 1 59 ? 18.641  -5.599  0.361   1.00 16.26 ? 159 TYR B O   1 
ATOM   1210 C CB  . TYR B 1 59 ? 20.221  -4.777  2.870   1.00 16.59 ? 159 TYR B CB  1 
ATOM   1211 C CG  . TYR B 1 59 ? 20.878  -3.841  3.857   1.00 17.45 ? 159 TYR B CG  1 
ATOM   1212 C CD1 . TYR B 1 59 ? 20.201  -2.725  4.346   1.00 16.97 ? 159 TYR B CD1 1 
ATOM   1213 C CD2 . TYR B 1 59 ? 22.162  -4.098  4.337   1.00 17.77 ? 159 TYR B CD2 1 
ATOM   1214 C CE1 . TYR B 1 59 ? 20.785  -1.888  5.292   1.00 18.08 ? 159 TYR B CE1 1 
ATOM   1215 C CE2 . TYR B 1 59 ? 22.757  -3.270  5.285   1.00 18.07 ? 159 TYR B CE2 1 
ATOM   1216 C CZ  . TYR B 1 59 ? 22.062  -2.167  5.759   1.00 18.68 ? 159 TYR B CZ  1 
ATOM   1217 O OH  . TYR B 1 59 ? 22.632  -1.352  6.712   1.00 18.65 ? 159 TYR B OH  1 
ATOM   1218 N N   . ASP B 1 60 ? 20.724  -6.292  -0.109  1.00 17.87 ? 160 ASP B N   1 
ATOM   1219 C CA  . ASP B 1 60 ? 20.258  -7.358  -1.006  1.00 20.45 ? 160 ASP B CA  1 
ATOM   1220 C C   . ASP B 1 60 ? 20.379  -8.743  -0.397  1.00 20.55 ? 160 ASP B C   1 
ATOM   1221 O O   . ASP B 1 60 ? 21.206  -8.968  0.487   1.00 21.52 ? 160 ASP B O   1 
ATOM   1222 C CB  . ASP B 1 60 ? 21.022  -7.315  -2.334  1.00 22.95 ? 160 ASP B CB  1 
ATOM   1223 C CG  . ASP B 1 60 ? 20.789  -6.025  -3.101  1.00 27.20 ? 160 ASP B CG  1 
ATOM   1224 O OD1 . ASP B 1 60 ? 19.687  -5.446  -2.979  1.00 28.51 ? 160 ASP B OD1 1 
ATOM   1225 O OD2 . ASP B 1 60 ? 21.706  -5.588  -3.830  1.00 29.18 ? 160 ASP B OD2 1 
ATOM   1226 N N   . GLN B 1 61 ? 19.534  -9.659  -0.862  1.00 20.47 ? 161 GLN B N   1 
ATOM   1227 C CA  . GLN B 1 61 ? 19.546  -11.056 -0.396  1.00 21.25 ? 161 GLN B CA  1 
ATOM   1228 C C   . GLN B 1 61 ? 19.388  -11.195 1.110   1.00 18.26 ? 161 GLN B C   1 
ATOM   1229 O O   . GLN B 1 61 ? 20.129  -11.940 1.750   1.00 17.95 ? 161 GLN B O   1 
ATOM   1230 C CB  . GLN B 1 61 ? 20.850  -11.739 -0.830  1.00 25.85 ? 161 GLN B CB  1 
ATOM   1231 C CG  . GLN B 1 61 ? 21.135  -11.681 -2.323  1.00 32.35 ? 161 GLN B CG  1 
ATOM   1232 C CD  . GLN B 1 61 ? 20.392  -12.743 -3.103  1.00 36.02 ? 161 GLN B CD  1 
ATOM   1233 O OE1 . GLN B 1 61 ? 20.919  -13.834 -3.340  1.00 38.58 ? 161 GLN B OE1 1 
ATOM   1234 N NE2 . GLN B 1 61 ? 19.168  -12.431 -3.519  1.00 38.15 ? 161 GLN B NE2 1 
ATOM   1235 N N   . ILE B 1 62 ? 18.453  -10.451 1.687   1.00 17.25 ? 162 ILE B N   1 
ATOM   1236 C CA  . ILE B 1 62 ? 18.221  -10.537 3.136   1.00 15.88 ? 162 ILE B CA  1 
ATOM   1237 C C   . ILE B 1 62 ? 17.116  -11.564 3.375   1.00 17.31 ? 162 ILE B C   1 
ATOM   1238 O O   . ILE B 1 62 ? 16.053  -11.492 2.757   1.00 15.95 ? 162 ILE B O   1 
ATOM   1239 C CB  . ILE B 1 62 ? 17.798  -9.170  3.741   1.00 14.87 ? 162 ILE B CB  1 
ATOM   1240 C CG1 . ILE B 1 62 ? 18.893  -8.125  3.505   1.00 12.31 ? 162 ILE B CG1 1 
ATOM   1241 C CG2 . ILE B 1 62 ? 17.511  -9.308  5.240   1.00 13.87 ? 162 ILE B CG2 1 
ATOM   1242 C CD1 . ILE B 1 62 ? 20.201  -8.420  4.208   1.00 12.21 ? 162 ILE B CD1 1 
ATOM   1243 N N   . PRO B 1 63 ? 17.399  -12.592 4.194   1.00 17.75 ? 163 PRO B N   1 
ATOM   1244 C CA  . PRO B 1 63 ? 16.399  -13.621 4.486   1.00 18.30 ? 163 PRO B CA  1 
ATOM   1245 C C   . PRO B 1 63 ? 15.338  -13.084 5.447   1.00 18.31 ? 163 PRO B C   1 
ATOM   1246 O O   . PRO B 1 63 ? 15.654  -12.589 6.530   1.00 19.30 ? 163 PRO B O   1 
ATOM   1247 C CB  . PRO B 1 63 ? 17.240  -14.743 5.099   1.00 18.26 ? 163 PRO B CB  1 
ATOM   1248 C CG  . PRO B 1 63 ? 18.346  -14.010 5.774   1.00 18.93 ? 163 PRO B CG  1 
ATOM   1249 C CD  . PRO B 1 63 ? 18.709  -12.955 4.761   1.00 18.20 ? 163 PRO B CD  1 
ATOM   1250 N N   . VAL B 1 64 ? 14.086  -13.127 5.006   1.00 18.38 ? 164 VAL B N   1 
ATOM   1251 C CA  . VAL B 1 64 ? 12.956  -12.642 5.811   1.00 20.13 ? 164 VAL B CA  1 
ATOM   1252 C C   . VAL B 1 64 ? 11.861  -13.698 5.880   1.00 20.62 ? 164 VAL B C   1 
ATOM   1253 O O   . VAL B 1 64 ? 11.449  -14.249 4.862   1.00 22.47 ? 164 VAL B O   1 
ATOM   1254 C CB  . VAL B 1 64 ? 12.337  -11.350 5.212   1.00 18.60 ? 164 VAL B CB  1 
ATOM   1255 C CG1 . VAL B 1 64 ? 11.199  -10.845 6.095   1.00 18.79 ? 164 VAL B CG1 1 
ATOM   1256 C CG2 . VAL B 1 64 ? 13.395  -10.272 5.063   1.00 19.25 ? 164 VAL B CG2 1 
ATOM   1257 N N   . GLU B 1 65 ? 11.396  -13.982 7.089   1.00 21.29 ? 165 GLU B N   1 
ATOM   1258 C CA  . GLU B 1 65 ? 10.324  -14.959 7.273   1.00 22.02 ? 165 GLU B CA  1 
ATOM   1259 C C   . GLU B 1 65 ? 9.026   -14.211 7.545   1.00 20.38 ? 165 GLU B C   1 
ATOM   1260 O O   . GLU B 1 65 ? 8.936   -13.430 8.489   1.00 19.96 ? 165 GLU B O   1 
ATOM   1261 C CB  . GLU B 1 65 ? 10.659  -15.900 8.422   1.00 24.98 ? 165 GLU B CB  1 
ATOM   1262 C CG  . GLU B 1 65 ? 9.708   -17.063 8.537   1.00 30.98 ? 165 GLU B CG  1 
ATOM   1263 C CD  . GLU B 1 65 ? 10.221  -18.123 9.473   1.00 34.01 ? 165 GLU B CD  1 
ATOM   1264 O OE1 . GLU B 1 65 ? 10.014  -17.977 10.696  1.00 36.32 ? 165 GLU B OE1 1 
ATOM   1265 O OE2 . GLU B 1 65 ? 10.839  -19.096 8.986   1.00 35.43 ? 165 GLU B OE2 1 
ATOM   1266 N N   . ILE B 1 66 ? 8.034   -14.427 6.690   1.00 20.06 ? 166 ILE B N   1 
ATOM   1267 C CA  . ILE B 1 66 ? 6.731   -13.759 6.823   1.00 20.06 ? 166 ILE B CA  1 
ATOM   1268 C C   . ILE B 1 66 ? 5.663   -14.767 7.226   1.00 20.28 ? 166 ILE B C   1 
ATOM   1269 O O   . ILE B 1 66 ? 5.301   -15.650 6.441   1.00 19.59 ? 166 ILE B O   1 
ATOM   1270 C CB  . ILE B 1 66 ? 6.317   -13.095 5.493   1.00 19.18 ? 166 ILE B CB  1 
ATOM   1271 C CG1 . ILE B 1 66 ? 7.432   -12.165 5.005   1.00 18.93 ? 166 ILE B CG1 1 
ATOM   1272 C CG2 . ILE B 1 66 ? 5.006   -12.330 5.663   1.00 17.32 ? 166 ILE B CG2 1 
ATOM   1273 C CD1 . ILE B 1 66 ? 7.291   -11.758 3.558   1.00 18.12 ? 166 ILE B CD1 1 
HETATM 1274 N N   . ABA B 1 67 ? 5.164   -14.628 8.453   1.00 21.21 ? 167 ABA B N   1 
HETATM 1275 C CA  . ABA B 1 67 ? 4.127   -15.529 8.981   1.00 22.35 ? 167 ABA B CA  1 
HETATM 1276 C C   . ABA B 1 67 ? 4.534   -16.996 8.816   1.00 23.39 ? 167 ABA B C   1 
HETATM 1277 O O   . ABA B 1 67 ? 3.738   -17.827 8.374   1.00 25.55 ? 167 ABA B O   1 
HETATM 1278 C CB  . ABA B 1 67 ? 2.788   -15.267 8.281   1.00 22.22 ? 167 ABA B CB  1 
HETATM 1279 C CG  . ABA B 1 67 ? 2.076   -14.037 8.765   1.00 22.26 ? 167 ABA B CG  1 
ATOM   1280 N N   . GLY B 1 68 ? 5.787   -17.301 9.145   1.00 23.38 ? 168 GLY B N   1 
ATOM   1281 C CA  . GLY B 1 68 ? 6.272   -18.664 9.023   1.00 23.83 ? 168 GLY B CA  1 
ATOM   1282 C C   . GLY B 1 68 ? 6.712   -19.033 7.621   1.00 24.79 ? 168 GLY B C   1 
ATOM   1283 O O   . GLY B 1 68 ? 7.253   -20.117 7.412   1.00 27.91 ? 168 GLY B O   1 
ATOM   1284 N N   . HIS B 1 69 ? 6.467   -18.144 6.662   1.00 24.23 ? 169 HIS B N   1 
ATOM   1285 C CA  . HIS B 1 69 ? 6.856   -18.368 5.261   1.00 23.72 ? 169 HIS B CA  1 
ATOM   1286 C C   . HIS B 1 69 ? 8.216   -17.740 4.954   1.00 23.10 ? 169 HIS B C   1 
ATOM   1287 O O   . HIS B 1 69 ? 8.401   -16.534 5.120   1.00 21.79 ? 169 HIS B O   1 
ATOM   1288 C CB  . HIS B 1 69 ? 5.803   -17.794 4.317   1.00 26.03 ? 169 HIS B CB  1 
ATOM   1289 C CG  . HIS B 1 69 ? 4.594   -18.660 4.155   1.00 28.90 ? 169 HIS B CG  1 
ATOM   1290 N ND1 . HIS B 1 69 ? 3.554   -18.673 5.051   1.00 31.12 ? 169 HIS B ND1 1 
ATOM   1291 C CD2 . HIS B 1 69 ? 4.281   -19.552 3.180   1.00 30.24 ? 169 HIS B CD2 1 
ATOM   1292 C CE1 . HIS B 1 69 ? 2.636   -19.536 4.644   1.00 30.68 ? 169 HIS B CE1 1 
ATOM   1293 N NE2 . HIS B 1 69 ? 3.049   -20.085 3.510   1.00 31.82 ? 169 HIS B NE2 1 
ATOM   1294 N N   . LYS B 1 70 ? 9.163   -18.565 4.520   1.00 21.66 ? 170 LYS B N   1 
ATOM   1295 C CA  . LYS B 1 70 ? 10.513  -18.089 4.196   1.00 20.49 ? 170 LYS B CA  1 
ATOM   1296 C C   . LYS B 1 70 ? 10.530  -17.300 2.894   1.00 21.04 ? 170 LYS B C   1 
ATOM   1297 O O   . LYS B 1 70 ? 9.764   -17.570 1.972   1.00 20.66 ? 170 LYS B O   1 
ATOM   1298 C CB  . LYS B 1 70 ? 11.498  -19.259 4.100   0.50 20.10 ? 170 LYS B CB  1 
ATOM   1299 C CG  . LYS B 1 70 ? 11.747  -19.998 5.402   0.50 20.27 ? 170 LYS B CG  1 
ATOM   1300 C CD  . LYS B 1 70 ? 12.745  -21.128 5.200   0.50 20.70 ? 170 LYS B CD  1 
ATOM   1301 C CE  . LYS B 1 70 ? 13.039  -21.862 6.501   0.50 22.00 ? 170 LYS B CE  1 
ATOM   1302 N NZ  . LYS B 1 70 ? 11.824  -22.496 7.086   0.50 23.98 ? 170 LYS B NZ  1 
ATOM   1303 N N   . ALA B 1 71 ? 11.411  -16.310 2.836   1.00 21.40 ? 171 ALA B N   1 
ATOM   1304 C CA  . ALA B 1 71 ? 11.574  -15.460 1.654   1.00 20.20 ? 171 ALA B CA  1 
ATOM   1305 C C   . ALA B 1 71 ? 12.960  -14.841 1.745   1.00 20.53 ? 171 ALA B C   1 
ATOM   1306 O O   . ALA B 1 71 ? 13.605  -14.884 2.796   1.00 20.67 ? 171 ALA B O   1 
ATOM   1307 C CB  . ALA B 1 71 ? 10.505  -14.377 1.621   1.00 21.45 ? 171 ALA B CB  1 
ATOM   1308 N N   . ILE B 1 72 ? 13.428  -14.280 0.642   1.00 19.89 ? 172 ILE B N   1 
ATOM   1309 C CA  . ILE B 1 72 ? 14.758  -13.666 0.619   1.00 18.64 ? 172 ILE B CA  1 
ATOM   1310 C C   . ILE B 1 72 ? 14.791  -12.652 -0.504  1.00 18.27 ? 172 ILE B C   1 
ATOM   1311 O O   . ILE B 1 72 ? 14.395  -12.942 -1.634  1.00 18.81 ? 172 ILE B O   1 
ATOM   1312 C CB  . ILE B 1 72 ? 15.877  -14.738 0.444   1.00 18.76 ? 172 ILE B CB  1 
ATOM   1313 C CG1 . ILE B 1 72 ? 17.256  -14.083 0.423   1.00 20.14 ? 172 ILE B CG1 1 
ATOM   1314 C CG2 . ILE B 1 72 ? 15.657  -15.543 -0.822  1.00 20.41 ? 172 ILE B CG2 1 
ATOM   1315 C CD1 . ILE B 1 72 ? 18.387  -15.069 0.293   1.00 20.31 ? 172 ILE B CD1 1 
ATOM   1316 N N   . GLY B 1 73 ? 15.213  -11.440 -0.173  1.00 16.97 ? 173 GLY B N   1 
ATOM   1317 C CA  . GLY B 1 73 ? 15.267  -10.407 -1.181  1.00 15.15 ? 173 GLY B CA  1 
ATOM   1318 C C   . GLY B 1 73 ? 15.798  -9.094  -0.668  1.00 13.28 ? 173 GLY B C   1 
ATOM   1319 O O   . GLY B 1 73 ? 16.387  -9.018  0.410   1.00 12.57 ? 173 GLY B O   1 
ATOM   1320 N N   . THR B 1 74 ? 15.552  -8.052  -1.450  1.00 12.86 ? 174 THR B N   1 
ATOM   1321 C CA  . THR B 1 74 ? 16.001  -6.697  -1.130  1.00 13.57 ? 174 THR B CA  1 
ATOM   1322 C C   . THR B 1 74 ? 15.147  -6.025  -0.061  1.00 14.14 ? 174 THR B C   1 
ATOM   1323 O O   . THR B 1 74 ? 13.918  -6.046  -0.119  1.00 12.93 ? 174 THR B O   1 
ATOM   1324 C CB  . THR B 1 74 ? 16.019  -5.838  -2.394  1.00 14.08 ? 174 THR B CB  1 
ATOM   1325 O OG1 . THR B 1 74 ? 16.903  -6.437  -3.351  1.00 14.96 ? 174 THR B OG1 1 
ATOM   1326 C CG2 . THR B 1 74 ? 16.478  -4.424  -2.079  1.00 13.44 ? 174 THR B CG2 1 
ATOM   1327 N N   . VAL B 1 75 ? 15.825  -5.437  0.918   1.00 13.99 ? 175 VAL B N   1 
ATOM   1328 C CA  . VAL B 1 75 ? 15.176  -4.738  2.034   1.00 13.36 ? 175 VAL B CA  1 
ATOM   1329 C C   . VAL B 1 75 ? 15.776  -3.341  2.131   1.00 13.32 ? 175 VAL B C   1 
ATOM   1330 O O   . VAL B 1 75 ? 16.991  -3.179  2.088   1.00 11.92 ? 175 VAL B O   1 
ATOM   1331 C CB  . VAL B 1 75 ? 15.432  -5.481  3.370   1.00 14.20 ? 175 VAL B CB  1 
ATOM   1332 C CG1 . VAL B 1 75 ? 14.959  -4.648  4.540   1.00 15.85 ? 175 VAL B CG1 1 
ATOM   1333 C CG2 . VAL B 1 75 ? 14.725  -6.824  3.370   1.00 15.60 ? 175 VAL B CG2 1 
ATOM   1334 N N   . LEU B 1 76 ? 14.917  -2.331  2.215   1.00 12.56 ? 176 LEU B N   1 
ATOM   1335 C CA  . LEU B 1 76 ? 15.382  -0.941  2.342   1.00 11.77 ? 176 LEU B CA  1 
ATOM   1336 C C   . LEU B 1 76 ? 15.186  -0.549  3.799   1.00 11.11 ? 176 LEU B C   1 
ATOM   1337 O O   . LEU B 1 76 ? 14.101  -0.731  4.344   1.00 13.37 ? 176 LEU B O   1 
ATOM   1338 C CB  . LEU B 1 76 ? 14.562  -0.010  1.449   1.00 7.86  ? 176 LEU B CB  1 
ATOM   1339 C CG  . LEU B 1 76 ? 14.428  -0.396  -0.028  1.00 9.77  ? 176 LEU B CG  1 
ATOM   1340 C CD1 . LEU B 1 76 ? 13.571  0.623   -0.743  1.00 5.32  ? 176 LEU B CD1 1 
ATOM   1341 C CD2 . LEU B 1 76 ? 15.795  -0.501  -0.686  1.00 9.55  ? 176 LEU B CD2 1 
ATOM   1342 N N   . VAL B 1 77 ? 16.246  -0.061  4.434   1.00 11.13 ? 177 VAL B N   1 
ATOM   1343 C CA  . VAL B 1 77 ? 16.192  0.364   5.843   1.00 11.03 ? 177 VAL B CA  1 
ATOM   1344 C C   . VAL B 1 77 ? 16.246  1.887   5.911   1.00 12.22 ? 177 VAL B C   1 
ATOM   1345 O O   . VAL B 1 77 ? 17.133  2.513   5.336   1.00 10.87 ? 177 VAL B O   1 
ATOM   1346 C CB  . VAL B 1 77 ? 17.356  -0.237  6.663   1.00 10.41 ? 177 VAL B CB  1 
ATOM   1347 C CG1 . VAL B 1 77 ? 17.320  0.272   8.096   1.00 10.39 ? 177 VAL B CG1 1 
ATOM   1348 C CG2 . VAL B 1 77 ? 17.273  -1.751  6.648   1.00 11.48 ? 177 VAL B CG2 1 
ATOM   1349 N N   . GLY B 1 78 ? 15.279  2.479   6.600   1.00 11.87 ? 178 GLY B N   1 
ATOM   1350 C CA  . GLY B 1 78 ? 15.239  3.919   6.709   1.00 12.72 ? 178 GLY B CA  1 
ATOM   1351 C C   . GLY B 1 78 ? 14.253  4.376   7.756   1.00 13.94 ? 178 GLY B C   1 
ATOM   1352 O O   . GLY B 1 78 ? 13.587  3.556   8.387   1.00 14.51 ? 178 GLY B O   1 
ATOM   1353 N N   . PRO B 1 79 ? 14.127  5.693   7.956   1.00 15.89 ? 179 PRO B N   1 
ATOM   1354 C CA  . PRO B 1 79 ? 13.205  6.252   8.947   1.00 16.82 ? 179 PRO B CA  1 
ATOM   1355 C C   . PRO B 1 79 ? 11.730  6.148   8.562   1.00 17.17 ? 179 PRO B C   1 
ATOM   1356 O O   . PRO B 1 79 ? 11.140  7.109   8.067   1.00 19.01 ? 179 PRO B O   1 
ATOM   1357 C CB  . PRO B 1 79 ? 13.672  7.705   9.051   1.00 16.39 ? 179 PRO B CB  1 
ATOM   1358 C CG  . PRO B 1 79 ? 14.141  7.997   7.657   1.00 17.46 ? 179 PRO B CG  1 
ATOM   1359 C CD  . PRO B 1 79 ? 14.925  6.754   7.317   1.00 16.13 ? 179 PRO B CD  1 
ATOM   1360 N N   . THR B 1 80 ? 11.147  4.971   8.775   1.00 17.78 ? 180 THR B N   1 
ATOM   1361 C CA  . THR B 1 80 ? 9.725   4.743   8.470   1.00 17.24 ? 180 THR B CA  1 
ATOM   1362 C C   . THR B 1 80 ? 8.952   4.484   9.762   1.00 17.55 ? 180 THR B C   1 
ATOM   1363 O O   . THR B 1 80 ? 9.472   3.854   10.685  1.00 18.12 ? 180 THR B O   1 
ATOM   1364 C CB  . THR B 1 80 ? 9.518   3.559   7.474   1.00 16.19 ? 180 THR B CB  1 
ATOM   1365 O OG1 . THR B 1 80 ? 8.114   3.309   7.306   1.00 13.78 ? 180 THR B OG1 1 
ATOM   1366 C CG2 . THR B 1 80 ? 10.201  2.292   7.962   1.00 14.16 ? 180 THR B CG2 1 
ATOM   1367 N N   . PRO B 1 81 ? 7.720   5.017   9.863   1.00 18.28 ? 181 PRO B N   1 
ATOM   1368 C CA  . PRO B 1 81 ? 6.857   4.851   11.041  1.00 18.65 ? 181 PRO B CA  1 
ATOM   1369 C C   . PRO B 1 81 ? 6.375   3.410   11.188  1.00 18.75 ? 181 PRO B C   1 
ATOM   1370 O O   . PRO B 1 81 ? 6.061   2.955   12.288  1.00 19.52 ? 181 PRO B O   1 
ATOM   1371 C CB  . PRO B 1 81 ? 5.655   5.749   10.721  1.00 18.60 ? 181 PRO B CB  1 
ATOM   1372 C CG  . PRO B 1 81 ? 6.177   6.727   9.729   1.00 18.35 ? 181 PRO B CG  1 
ATOM   1373 C CD  . PRO B 1 81 ? 7.072   5.894   8.871   1.00 18.98 ? 181 PRO B CD  1 
ATOM   1374 N N   . VAL B 1 82 ? 6.295   2.708   10.060  1.00 16.41 ? 182 VAL B N   1 
ATOM   1375 C CA  . VAL B 1 82 ? 5.809   1.325   10.029  1.00 13.93 ? 182 VAL B CA  1 
ATOM   1376 C C   . VAL B 1 82 ? 6.669   0.466   9.092   1.00 13.76 ? 182 VAL B C   1 
ATOM   1377 O O   . VAL B 1 82 ? 7.228   0.966   8.113   1.00 12.82 ? 182 VAL B O   1 
ATOM   1378 C CB  A VAL B 1 82 ? 4.341   1.274   9.514   0.50 14.24 ? 182 VAL B CB  1 
ATOM   1379 C CB  B VAL B 1 82 ? 4.327   1.284   9.575   0.50 13.92 ? 182 VAL B CB  1 
ATOM   1380 C CG1 A VAL B 1 82 ? 3.454   2.215   10.315  0.50 15.31 ? 182 VAL B CG1 1 
ATOM   1381 C CG1 B VAL B 1 82 ? 3.797   -0.141  9.580   0.50 15.54 ? 182 VAL B CG1 1 
ATOM   1382 C CG2 A VAL B 1 82 ? 4.184   1.856   8.179   0.50 13.78 ? 182 VAL B CG2 1 
ATOM   1383 C CG2 B VAL B 1 82 ? 3.780   -0.129  9.636   0.50 15.45 ? 182 VAL B CG2 1 
ATOM   1384 N N   . ASN B 1 83 ? 6.807   -0.815  9.429   1.00 11.58 ? 183 ASN B N   1 
ATOM   1385 C CA  . ASN B 1 83 ? 7.548   -1.757  8.581   1.00 11.53 ? 183 ASN B CA  1 
ATOM   1386 C C   . ASN B 1 83 ? 6.584   -2.142  7.467   1.00 10.72 ? 183 ASN B C   1 
ATOM   1387 O O   . ASN B 1 83 ? 5.427   -2.486  7.728   1.00 8.67  ? 183 ASN B O   1 
ATOM   1388 C CB  . ASN B 1 83 ? 7.958   -2.991  9.376   1.00 11.24 ? 183 ASN B CB  1 
ATOM   1389 C CG  . ASN B 1 83 ? 8.971   -2.673  10.435  1.00 12.24 ? 183 ASN B CG  1 
ATOM   1390 O OD1 . ASN B 1 83 ? 10.015  -2.098  10.147  1.00 11.12 ? 183 ASN B OD1 1 
ATOM   1391 N ND2 . ASN B 1 83 ? 8.661   -3.017  11.677  1.00 13.46 ? 183 ASN B ND2 1 
ATOM   1392 N N   . ILE B 1 84 ? 7.064   -2.077  6.228   1.00 9.76  ? 184 ILE B N   1 
ATOM   1393 C CA  . ILE B 1 84 ? 6.226   -2.369  5.057   1.00 9.51  ? 184 ILE B CA  1 
ATOM   1394 C C   . ILE B 1 84 ? 6.755   -3.513  4.202   1.00 9.93  ? 184 ILE B C   1 
ATOM   1395 O O   . ILE B 1 84 ? 7.885   -3.457  3.719   1.00 9.50  ? 184 ILE B O   1 
ATOM   1396 C CB  . ILE B 1 84 ? 6.107   -1.106  4.165   1.00 10.36 ? 184 ILE B CB  1 
ATOM   1397 C CG1 . ILE B 1 84 ? 5.484   0.038   4.970   1.00 11.26 ? 184 ILE B CG1 1 
ATOM   1398 C CG2 . ILE B 1 84 ? 5.289   -1.391  2.917   1.00 6.37  ? 184 ILE B CG2 1 
ATOM   1399 C CD1 . ILE B 1 84 ? 5.411   1.341   4.230   1.00 14.15 ? 184 ILE B CD1 1 
ATOM   1400 N N   . ILE B 1 85 ? 5.940   -4.553  4.028   1.00 8.03  ? 185 ILE B N   1 
ATOM   1401 C CA  . ILE B 1 85 ? 6.330   -5.694  3.183   1.00 7.83  ? 185 ILE B CA  1 
ATOM   1402 C C   . ILE B 1 85 ? 5.714   -5.448  1.806   1.00 7.62  ? 185 ILE B C   1 
ATOM   1403 O O   . ILE B 1 85 ? 4.492   -5.389  1.660   1.00 6.50  ? 185 ILE B O   1 
ATOM   1404 C CB  . ILE B 1 85 ? 5.833   -7.043  3.747   1.00 9.66  ? 185 ILE B CB  1 
ATOM   1405 C CG1 . ILE B 1 85 ? 6.373   -7.261  5.165   1.00 11.10 ? 185 ILE B CG1 1 
ATOM   1406 C CG2 . ILE B 1 85 ? 6.262   -8.180  2.839   1.00 8.33  ? 185 ILE B CG2 1 
ATOM   1407 C CD1 . ILE B 1 85 ? 7.889   -7.258  5.270   1.00 11.13 ? 185 ILE B CD1 1 
ATOM   1408 N N   . GLY B 1 86 ? 6.571   -5.271  0.805   1.00 6.57  ? 186 GLY B N   1 
ATOM   1409 C CA  . GLY B 1 86 ? 6.103   -5.000  -0.540  1.00 5.94  ? 186 GLY B CA  1 
ATOM   1410 C C   . GLY B 1 86 ? 5.990   -6.199  -1.455  1.00 5.56  ? 186 GLY B C   1 
ATOM   1411 O O   . GLY B 1 86 ? 6.315   -7.326  -1.068  1.00 6.07  ? 186 GLY B O   1 
ATOM   1412 N N   . ARG B 1 87 ? 5.583   -5.931  -2.696  1.00 4.80  ? 187 ARG B N   1 
ATOM   1413 C CA  . ARG B 1 87 ? 5.396   -6.972  -3.714  1.00 5.25  ? 187 ARG B CA  1 
ATOM   1414 C C   . ARG B 1 87 ? 6.622   -7.829  -3.980  1.00 7.01  ? 187 ARG B C   1 
ATOM   1415 O O   . ARG B 1 87 ? 6.487   -8.997  -4.347  1.00 8.46  ? 187 ARG B O   1 
ATOM   1416 C CB  . ARG B 1 87 ? 4.901   -6.366  -5.026  1.00 5.43  ? 187 ARG B CB  1 
ATOM   1417 C CG  . ARG B 1 87 ? 3.534   -5.703  -4.937  1.00 4.34  ? 187 ARG B CG  1 
ATOM   1418 C CD  . ARG B 1 87 ? 3.008   -5.343  -6.317  1.00 6.79  ? 187 ARG B CD  1 
ATOM   1419 N NE  . ARG B 1 87 ? 3.795   -4.264  -6.936  1.00 7.55  ? 187 ARG B NE  1 
ATOM   1420 C CZ  . ARG B 1 87 ? 4.755   -4.446  -7.842  1.00 12.25 ? 187 ARG B CZ  1 
ATOM   1421 N NH1 . ARG B 1 87 ? 5.069   -5.667  -8.262  1.00 8.83  ? 187 ARG B NH1 1 
ATOM   1422 N NH2 . ARG B 1 87 ? 5.412   -3.395  -8.317  1.00 10.16 ? 187 ARG B NH2 1 
ATOM   1423 N N   . ASN B 1 88 ? 7.812   -7.273  -3.772  1.00 8.30  ? 188 ASN B N   1 
ATOM   1424 C CA  . ASN B 1 88 ? 9.047   -8.039  -4.011  1.00 10.02 ? 188 ASN B CA  1 
ATOM   1425 C C   . ASN B 1 88 ? 9.124   -9.277  -3.109  1.00 11.14 ? 188 ASN B C   1 
ATOM   1426 O O   . ASN B 1 88 ? 9.651   -10.315 -3.508  1.00 12.42 ? 188 ASN B O   1 
ATOM   1427 C CB  . ASN B 1 88 ? 10.298  -7.145  -3.874  1.00 10.06 ? 188 ASN B CB  1 
ATOM   1428 C CG  . ASN B 1 88 ? 10.620  -6.770  -2.433  1.00 10.60 ? 188 ASN B CG  1 
ATOM   1429 O OD1 . ASN B 1 88 ? 9.812   -6.156  -1.738  1.00 9.80  ? 188 ASN B OD1 1 
ATOM   1430 N ND2 . ASN B 1 88 ? 11.830  -7.110  -1.994  1.00 10.85 ? 188 ASN B ND2 1 
ATOM   1431 N N   . LEU B 1 89 ? 8.556   -9.175  -1.910  1.00 11.80 ? 189 LEU B N   1 
ATOM   1432 C CA  . LEU B 1 89 ? 8.546   -10.299 -0.966  1.00 10.63 ? 189 LEU B CA  1 
ATOM   1433 C C   . LEU B 1 89 ? 7.205   -11.052 -0.957  1.00 10.91 ? 189 LEU B C   1 
ATOM   1434 O O   . LEU B 1 89 ? 7.176   -12.272 -0.780  1.00 10.86 ? 189 LEU B O   1 
ATOM   1435 C CB  . LEU B 1 89 ? 8.925   -9.807  0.433   1.00 9.80  ? 189 LEU B CB  1 
ATOM   1436 C CG  . LEU B 1 89 ? 10.374  -10.049 0.893   1.00 12.02 ? 189 LEU B CG  1 
ATOM   1437 C CD1 . LEU B 1 89 ? 11.366  -9.885  -0.249  1.00 11.34 ? 189 LEU B CD1 1 
ATOM   1438 C CD2 . LEU B 1 89 ? 10.715  -9.131  2.049   1.00 8.69  ? 189 LEU B CD2 1 
ATOM   1439 N N   . LEU B 1 90 ? 6.107   -10.334 -1.197  1.00 10.40 ? 190 LEU B N   1 
ATOM   1440 C CA  . LEU B 1 90 ? 4.755   -10.944 -1.209  1.00 10.49 ? 190 LEU B CA  1 
ATOM   1441 C C   . LEU B 1 90 ? 4.588   -12.005 -2.287  1.00 12.60 ? 190 LEU B C   1 
ATOM   1442 O O   . LEU B 1 90 ? 3.889   -13.000 -2.087  1.00 13.47 ? 190 LEU B O   1 
ATOM   1443 C CB  . LEU B 1 90 ? 3.671   -9.875  -1.382  1.00 8.06  ? 190 LEU B CB  1 
ATOM   1444 C CG  . LEU B 1 90 ? 3.491   -8.891  -0.224  1.00 8.17  ? 190 LEU B CG  1 
ATOM   1445 C CD1 . LEU B 1 90 ? 2.501   -7.808  -0.616  1.00 8.50  ? 190 LEU B CD1 1 
ATOM   1446 C CD2 . LEU B 1 90 ? 3.036   -9.628  1.031   1.00 8.87  ? 190 LEU B CD2 1 
ATOM   1447 N N   . THR B 1 91 ? 5.203   -11.775 -3.440  1.00 13.48 ? 191 THR B N   1 
ATOM   1448 C CA  . THR B 1 91 ? 5.141   -12.734 -4.552  1.00 13.21 ? 191 THR B CA  1 
ATOM   1449 C C   . THR B 1 91 ? 5.807   -14.053 -4.155  1.00 14.66 ? 191 THR B C   1 
ATOM   1450 O O   . THR B 1 91 ? 5.323   -15.134 -4.499  1.00 15.07 ? 191 THR B O   1 
ATOM   1451 C CB  . THR B 1 91 ? 5.844   -12.180 -5.800  1.00 12.99 ? 191 THR B CB  1 
ATOM   1452 O OG1 . THR B 1 91 ? 7.144   -11.694 -5.446  1.00 12.75 ? 191 THR B OG1 1 
ATOM   1453 C CG2 . THR B 1 91 ? 5.037   -11.066 -6.416  1.00 11.82 ? 191 THR B CG2 1 
ATOM   1454 N N   . GLN B 1 92 ? 6.889   -13.959 -3.388  1.00 14.34 ? 192 GLN B N   1 
ATOM   1455 C CA  . GLN B 1 92 ? 7.632   -15.148 -2.938  1.00 16.67 ? 192 GLN B CA  1 
ATOM   1456 C C   . GLN B 1 92 ? 6.820   -16.085 -2.041  1.00 17.44 ? 192 GLN B C   1 
ATOM   1457 O O   . GLN B 1 92 ? 7.070   -17.294 -2.012  1.00 17.84 ? 192 GLN B O   1 
ATOM   1458 C CB  . GLN B 1 92 ? 8.907   -14.725 -2.213  1.00 15.80 ? 192 GLN B CB  1 
ATOM   1459 C CG  . GLN B 1 92 ? 9.914   -14.025 -3.102  1.00 17.25 ? 192 GLN B CG  1 
ATOM   1460 C CD  . GLN B 1 92 ? 11.147  -13.608 -2.341  1.00 19.61 ? 192 GLN B CD  1 
ATOM   1461 O OE1 . GLN B 1 92 ? 11.659  -14.352 -1.507  1.00 20.37 ? 192 GLN B OE1 1 
ATOM   1462 N NE2 . GLN B 1 92 ? 11.628  -12.402 -2.612  1.00 21.61 ? 192 GLN B NE2 1 
ATOM   1463 N N   . ILE B 1 93 ? 5.878   -15.522 -1.289  1.00 18.09 ? 193 ILE B N   1 
ATOM   1464 C CA  . ILE B 1 93 ? 5.031   -16.323 -0.390  1.00 18.30 ? 193 ILE B CA  1 
ATOM   1465 C C   . ILE B 1 93 ? 3.696   -16.668 -1.053  1.00 18.06 ? 193 ILE B C   1 
ATOM   1466 O O   . ILE B 1 93 ? 2.798   -17.214 -0.410  1.00 18.82 ? 193 ILE B O   1 
ATOM   1467 C CB  . ILE B 1 93 ? 4.789   -15.608 0.962   1.00 18.71 ? 193 ILE B CB  1 
ATOM   1468 C CG1 . ILE B 1 93 ? 3.969   -14.332 0.756   1.00 18.22 ? 193 ILE B CG1 1 
ATOM   1469 C CG2 . ILE B 1 93 ? 6.123   -15.287 1.629   1.00 16.41 ? 193 ILE B CG2 1 
ATOM   1470 C CD1 . ILE B 1 93 ? 3.546   -13.665 2.038   1.00 18.01 ? 193 ILE B CD1 1 
ATOM   1471 N N   . GLY B 1 94 ? 3.581   -16.324 -2.335  1.00 17.82 ? 194 GLY B N   1 
ATOM   1472 C CA  . GLY B 1 94 ? 2.384   -16.600 -3.115  1.00 16.65 ? 194 GLY B CA  1 
ATOM   1473 C C   . GLY B 1 94 ? 1.130   -15.820 -2.759  1.00 15.97 ? 194 GLY B C   1 
ATOM   1474 O O   . GLY B 1 94 ? 0.019   -16.315 -2.954  1.00 16.06 ? 194 GLY B O   1 
HETATM 1475 N N   . ABA B 1 95 ? 1.295   -14.596 -2.261  1.00 14.27 ? 195 ABA B N   1 
HETATM 1476 C CA  . ABA B 1 95 ? 0.145   -13.760 -1.882  1.00 12.59 ? 195 ABA B CA  1 
HETATM 1477 C C   . ABA B 1 95 ? -0.618  -13.225 -3.089  1.00 12.51 ? 195 ABA B C   1 
HETATM 1478 O O   . ABA B 1 95 ? -0.017  -12.872 -4.105  1.00 12.07 ? 195 ABA B O   1 
HETATM 1479 C CB  . ABA B 1 95 ? 0.596   -12.608 -0.988  1.00 11.71 ? 195 ABA B CB  1 
HETATM 1480 C CG  . ABA B 1 95 ? -0.543  -11.832 -0.383  1.00 11.57 ? 195 ABA B CG  1 
ATOM   1481 N N   . THR B 1 96 ? -1.947  -13.223 -2.991  1.00 11.08 ? 196 THR B N   1 
ATOM   1482 C CA  . THR B 1 96 ? -2.815  -12.713 -4.066  1.00 10.11 ? 196 THR B CA  1 
ATOM   1483 C C   . THR B 1 96 ? -3.950  -11.871 -3.497  1.00 9.70  ? 196 THR B C   1 
ATOM   1484 O O   . THR B 1 96 ? -4.252  -11.945 -2.304  1.00 8.13  ? 196 THR B O   1 
ATOM   1485 C CB  . THR B 1 96 ? -3.478  -13.846 -4.916  1.00 11.05 ? 196 THR B CB  1 
ATOM   1486 O OG1 . THR B 1 96 ? -4.222  -14.730 -4.065  1.00 8.95  ? 196 THR B OG1 1 
ATOM   1487 C CG2 . THR B 1 96 ? -2.441  -14.634 -5.718  1.00 8.77  ? 196 THR B CG2 1 
ATOM   1488 N N   . LEU B 1 97 ? -4.545  -11.050 -4.360  1.00 9.42  ? 197 LEU B N   1 
ATOM   1489 C CA  . LEU B 1 97 ? -5.696  -10.208 -4.001  1.00 11.63 ? 197 LEU B CA  1 
ATOM   1490 C C   . LEU B 1 97 ? -6.901  -10.863 -4.644  1.00 11.38 ? 197 LEU B C   1 
ATOM   1491 O O   . LEU B 1 97 ? -6.890  -11.142 -5.840  1.00 12.71 ? 197 LEU B O   1 
ATOM   1492 C CB  . LEU B 1 97 ? -5.547  -8.791  -4.555  1.00 12.51 ? 197 LEU B CB  1 
ATOM   1493 C CG  . LEU B 1 97 ? -4.759  -7.779  -3.724  1.00 13.19 ? 197 LEU B CG  1 
ATOM   1494 C CD1 . LEU B 1 97 ? -4.611  -6.481  -4.498  1.00 12.21 ? 197 LEU B CD1 1 
ATOM   1495 C CD2 . LEU B 1 97 ? -5.478  -7.529  -2.403  1.00 14.21 ? 197 LEU B CD2 1 
ATOM   1496 N N   . ASN B 1 98 ? -7.940  -11.112 -3.856  1.00 11.46 ? 198 ASN B N   1 
ATOM   1497 C CA  . ASN B 1 98 ? -9.142  -11.761 -4.383  1.00 12.30 ? 198 ASN B CA  1 
ATOM   1498 C C   . ASN B 1 98 ? -10.421 -11.022 -4.023  1.00 13.51 ? 198 ASN B C   1 
ATOM   1499 O O   . ASN B 1 98 ? -10.584 -10.558 -2.896  1.00 13.28 ? 198 ASN B O   1 
ATOM   1500 C CB  . ASN B 1 98 ? -9.228  -13.195 -3.863  1.00 14.16 ? 198 ASN B CB  1 
ATOM   1501 C CG  . ASN B 1 98 ? -8.020  -14.029 -4.244  1.00 15.88 ? 198 ASN B CG  1 
ATOM   1502 O OD1 . ASN B 1 98 ? -6.922  -13.837 -3.721  1.00 18.86 ? 198 ASN B OD1 1 
ATOM   1503 N ND2 . ASN B 1 98 ? -8.221  -14.971 -5.150  1.00 17.71 ? 198 ASN B ND2 1 
ATOM   1504 N N   . PHE B 1 99 ? -11.303 -10.880 -5.011  1.00 14.93 ? 199 PHE B N   1 
ATOM   1505 C CA  . PHE B 1 99 ? -12.611 -10.233 -4.827  1.00 16.05 ? 199 PHE B CA  1 
ATOM   1506 C C   . PHE B 1 99 ? -13.540 -10.587 -5.987  1.00 17.29 ? 199 PHE B C   1 
ATOM   1507 O O   . PHE B 1 99 ? -13.118 -11.406 -6.829  1.00 17.31 ? 199 PHE B O   1 
ATOM   1508 C CB  . PHE B 1 99 ? -12.482 -8.712  -4.664  1.00 16.11 ? 199 PHE B CB  1 
ATOM   1509 C CG  . PHE B 1 99 ? -12.031 -7.992  -5.900  1.00 16.35 ? 199 PHE B CG  1 
ATOM   1510 C CD1 . PHE B 1 99 ? -10.676 -7.827  -6.171  1.00 16.79 ? 199 PHE B CD1 1 
ATOM   1511 C CD2 . PHE B 1 99 ? -12.961 -7.447  -6.778  1.00 18.27 ? 199 PHE B CD2 1 
ATOM   1512 C CE1 . PHE B 1 99 ? -10.255 -7.122  -7.292  1.00 18.46 ? 199 PHE B CE1 1 
ATOM   1513 C CE2 . PHE B 1 99 ? -12.551 -6.738  -7.907  1.00 18.83 ? 199 PHE B CE2 1 
ATOM   1514 C CZ  . PHE B 1 99 ? -11.196 -6.577  -8.165  1.00 18.06 ? 199 PHE B CZ  1 
ATOM   1515 O OXT . PHE B 1 99 ? -14.682 -10.077 -6.027  1.00 18.81 ? 199 PHE B OXT 1 
HETATM 1516 S S   . SO4 C 2 .  ? -15.715 -10.515 -11.774 1.00 65.94 ? 502 SO4 A S   1 
HETATM 1517 O O1  . SO4 C 2 .  ? -14.820 -10.558 -12.916 1.00 62.92 ? 502 SO4 A O1  1 
HETATM 1518 O O2  . SO4 C 2 .  ? -15.427 -11.643 -10.907 1.00 63.34 ? 502 SO4 A O2  1 
HETATM 1519 O O3  . SO4 C 2 .  ? -17.091 -10.591 -12.227 1.00 64.06 ? 502 SO4 A O3  1 
HETATM 1520 O O4  . SO4 C 2 .  ? -15.520 -9.272  -11.055 1.00 63.00 ? 502 SO4 A O4  1 
HETATM 1521 S S   . SO4 D 2 .  ? -22.849 7.532   -12.590 1.00 60.87 ? 503 SO4 A S   1 
HETATM 1522 O O1  . SO4 D 2 .  ? -23.684 6.403   -12.971 1.00 58.24 ? 503 SO4 A O1  1 
HETATM 1523 O O2  . SO4 D 2 .  ? -22.316 7.314   -11.264 1.00 58.09 ? 503 SO4 A O2  1 
HETATM 1524 O O3  . SO4 D 2 .  ? -23.606 8.762   -12.546 1.00 58.86 ? 503 SO4 A O3  1 
HETATM 1525 O O4  . SO4 D 2 .  ? -21.770 7.676   -13.544 1.00 57.53 ? 503 SO4 A O4  1 
HETATM 1526 C C1  . PI5 E 3 .  ? -1.525  7.362   6.997   1.00 12.36 ? 201 PI5 A C1  1 
HETATM 1527 C C2  . PI5 E 3 .  ? -1.289  7.570   5.479   1.00 13.53 ? 201 PI5 A C2  1 
HETATM 1528 C C3  . PI5 E 3 .  ? -2.386  5.559   5.821   1.00 13.30 ? 201 PI5 A C3  1 
HETATM 1529 O O4  . PI5 E 3 .  ? -2.851  4.440   5.579   1.00 12.25 ? 201 PI5 A O4  1 
HETATM 1530 C C5  . PI5 E 3 .  ? -2.432  6.167   7.192   1.00 12.99 ? 201 PI5 A C5  1 
HETATM 1531 N N6  . PI5 E 3 .  ? -1.806  6.313   4.875   1.00 10.92 ? 201 PI5 A N6  1 
HETATM 1532 C C7  . PI5 E 3 .  ? -1.695  5.831   3.499   1.00 11.11 ? 201 PI5 A C7  1 
HETATM 1533 C C8  . PI5 E 3 .  ? -2.167  6.938   2.520   1.00 10.91 ? 201 PI5 A C8  1 
HETATM 1534 C C9  . PI5 E 3 .  ? -2.038  6.465   1.085   1.00 11.26 ? 201 PI5 A C9  1 
HETATM 1535 C C10 . PI5 E 3 .  ? -3.614  7.292   2.796   1.00 9.67  ? 201 PI5 A C10 1 
HETATM 1536 C C11 . PI5 E 3 .  ? -0.237  5.444   3.277   1.00 12.23 ? 201 PI5 A C11 1 
HETATM 1537 O O12 . PI5 E 3 .  ? 0.608   6.289   2.945   1.00 10.34 ? 201 PI5 A O12 1 
HETATM 1538 N N13 . PI5 E 3 .  ? 0.056   4.168   3.504   1.00 10.57 ? 201 PI5 A N13 1 
HETATM 1539 C C14 . PI5 E 3 .  ? 1.414   3.640   3.345   1.00 11.51 ? 201 PI5 A C14 1 
HETATM 1540 C C15 . PI5 E 3 .  ? 1.852   2.927   4.623   1.00 13.30 ? 201 PI5 A C15 1 
HETATM 1541 C C16 . PI5 E 3 .  ? 1.848   3.811   5.834   1.00 14.48 ? 201 PI5 A C16 1 
HETATM 1542 C C17 . PI5 E 3 .  ? 2.688   4.915   5.910   1.00 16.73 ? 201 PI5 A C17 1 
HETATM 1543 C C18 . PI5 E 3 .  ? 0.986   3.560   6.898   1.00 15.62 ? 201 PI5 A C18 1 
HETATM 1544 C C19 . PI5 E 3 .  ? 2.670   5.752   7.011   1.00 17.02 ? 201 PI5 A C19 1 
HETATM 1545 C C20 . PI5 E 3 .  ? 0.959   4.388   8.005   1.00 16.66 ? 201 PI5 A C20 1 
HETATM 1546 C C21 . PI5 E 3 .  ? 1.804   5.484   8.054   1.00 18.79 ? 201 PI5 A C21 1 
HETATM 1547 C C22 . PI5 E 3 .  ? 1.514   2.683   2.172   1.00 10.67 ? 201 PI5 A C22 1 
HETATM 1548 C C23 . PI5 E 3 .  ? 1.128   3.375   0.873   1.00 10.39 ? 201 PI5 A C23 1 
HETATM 1549 O O24 . PI5 E 3 .  ? 2.862   2.215   2.077   1.00 11.56 ? 201 PI5 A O24 1 
HETATM 1550 O O25 . PI5 E 3 .  ? 1.780   6.325   9.143   1.00 21.64 ? 201 PI5 A O25 1 
HETATM 1551 N N26 . PI5 E 3 .  ? 1.266   2.405   -0.217  1.00 11.62 ? 201 PI5 A N26 1 
HETATM 1552 C C27 . PI5 E 3 .  ? 1.976   2.910   -1.430  1.00 11.52 ? 201 PI5 A C27 1 
HETATM 1553 C C28 . PI5 E 3 .  ? 1.198   4.039   -2.107  1.00 11.86 ? 201 PI5 A C28 1 
HETATM 1554 C C29 . PI5 E 3 .  ? 1.995   4.660   -3.221  1.00 12.52 ? 201 PI5 A C29 1 
HETATM 1555 C C30 . PI5 E 3 .  ? 2.232   3.960   -4.406  1.00 13.54 ? 201 PI5 A C30 1 
HETATM 1556 C C31 . PI5 E 3 .  ? 3.075   4.466   -5.377  1.00 12.83 ? 201 PI5 A C31 1 
HETATM 1557 C C32 . PI5 E 3 .  ? 2.616   5.892   -3.046  1.00 13.22 ? 201 PI5 A C32 1 
HETATM 1558 C C33 . PI5 E 3 .  ? 3.461   6.404   -4.008  1.00 13.55 ? 201 PI5 A C33 1 
HETATM 1559 C C34 . PI5 E 3 .  ? 3.691   5.687   -5.167  1.00 15.14 ? 201 PI5 A C34 1 
HETATM 1560 O O35 . PI5 E 3 .  ? 4.568   6.198   -6.092  1.00 17.01 ? 201 PI5 A O35 1 
HETATM 1561 C C36 . PI5 E 3 .  ? 5.284   5.363   -6.982  1.00 17.01 ? 201 PI5 A C36 1 
HETATM 1562 C C37 . PI5 E 3 .  ? 3.439   3.332   -1.280  1.00 11.00 ? 201 PI5 A C37 1 
HETATM 1563 O O38 . PI5 E 3 .  ? 3.778   4.195   -0.467  1.00 12.91 ? 201 PI5 A O38 1 
HETATM 1564 N N39 . PI5 E 3 .  ? 4.295   2.722   -2.095  1.00 12.47 ? 201 PI5 A N39 1 
HETATM 1565 C C40 . PI5 E 3 .  ? 5.737   3.011   -2.114  1.00 11.41 ? 201 PI5 A C40 1 
HETATM 1566 C C41 . PI5 E 3 .  ? 6.070   2.807   -3.594  1.00 11.82 ? 201 PI5 A C41 1 
HETATM 1567 O O42 . PI5 E 3 .  ? 5.937   1.691   -4.118  1.00 10.05 ? 201 PI5 A O42 1 
HETATM 1568 C C43 . PI5 E 3 .  ? 6.568   1.992   -1.279  1.00 12.31 ? 201 PI5 A C43 1 
HETATM 1569 C C44 . PI5 E 3 .  ? 6.232   2.103   0.207   1.00 11.88 ? 201 PI5 A C44 1 
HETATM 1570 C C45 . PI5 E 3 .  ? 8.060   2.237   -1.474  1.00 11.73 ? 201 PI5 A C45 1 
HETATM 1571 C C46 . PI5 E 3 .  ? 6.897   3.253   0.907   1.00 12.73 ? 201 PI5 A C46 1 
HETATM 1572 N N47 . PI5 E 3 .  ? 6.449   3.885   -4.274  1.00 12.12 ? 201 PI5 A N47 1 
HETATM 1573 C C48 . PI5 E 3 .  ? 6.794   3.783   -5.684  1.00 13.99 ? 201 PI5 A C48 1 
HETATM 1574 C C49 . PI5 E 3 .  ? 6.696   5.086   -6.474  1.00 15.64 ? 201 PI5 A C49 1 
HETATM 1575 S S   . SO4 F 2 .  ? 18.471  17.465  1.163   1.00 51.97 ? 501 SO4 B S   1 
HETATM 1576 O O1  . SO4 F 2 .  ? 19.459  18.436  0.742   1.00 52.42 ? 501 SO4 B O1  1 
HETATM 1577 O O2  . SO4 F 2 .  ? 18.236  16.528  0.085   1.00 51.33 ? 501 SO4 B O2  1 
HETATM 1578 O O3  . SO4 F 2 .  ? 17.236  18.147  1.499   1.00 50.74 ? 501 SO4 B O3  1 
HETATM 1579 O O4  . SO4 F 2 .  ? 18.963  16.744  2.318   1.00 51.96 ? 501 SO4 B O4  1 
HETATM 1580 O O   . HOH G 4 .  ? 3.079   6.776   1.557   1.00 21.47 ? 301 HOH A O   1 
HETATM 1581 O O   . HOH G 4 .  ? -3.799  -0.616  5.788   1.00 10.16 ? 304 HOH A O   1 
HETATM 1582 O O   . HOH G 4 .  ? -14.719 -0.112  5.985   1.00 28.23 ? 305 HOH A O   1 
HETATM 1583 O O   . HOH G 4 .  ? -0.645  13.912  -8.887  1.00 21.02 ? 307 HOH A O   1 
HETATM 1584 O O   . HOH G 4 .  ? -12.046 -7.390  3.410   1.00 11.52 ? 308 HOH A O   1 
HETATM 1585 O O   . HOH G 4 .  ? 0.573   -13.671 -12.995 1.00 34.32 ? 309 HOH A O   1 
HETATM 1586 O O   . HOH G 4 .  ? -15.041 -0.511  -13.388 1.00 34.58 ? 310 HOH A O   1 
HETATM 1587 O O   . HOH G 4 .  ? -24.222 8.768   -2.765  1.00 31.09 ? 311 HOH A O   1 
HETATM 1588 O O   . HOH G 4 .  ? -10.819 7.907   1.946   1.00 14.82 ? 312 HOH A O   1 
HETATM 1589 O O   . HOH G 4 .  ? -15.270 5.471   3.220   1.00 13.33 ? 313 HOH A O   1 
HETATM 1590 O O   . HOH G 4 .  ? -1.145  -7.064  -10.636 1.00 26.15 ? 314 HOH A O   1 
HETATM 1591 O O   . HOH G 4 .  ? -21.831 4.682   1.638   1.00 15.87 ? 315 HOH A O   1 
HETATM 1592 O O   . HOH G 4 .  ? -6.213  6.870   8.568   1.00 38.13 ? 316 HOH A O   1 
HETATM 1593 O O   . HOH G 4 .  ? -2.258  1.602   6.444   1.00 9.90  ? 317 HOH A O   1 
HETATM 1594 O O   . HOH G 4 .  ? -5.818  -20.261 -7.163  1.00 32.11 ? 321 HOH A O   1 
HETATM 1595 O O   . HOH G 4 .  ? -12.217 -12.554 -1.271  1.00 15.55 ? 325 HOH A O   1 
HETATM 1596 O O   . HOH G 4 .  ? -3.007  -11.055 -11.868 1.00 18.48 ? 330 HOH A O   1 
HETATM 1597 O O   . HOH G 4 .  ? 3.395   -2.488  -13.018 1.00 37.11 ? 331 HOH A O   1 
HETATM 1598 O O   . HOH G 4 .  ? -0.088  19.612  -0.126  1.00 22.16 ? 333 HOH A O   1 
HETATM 1599 O O   . HOH G 4 .  ? -3.116  5.948   -11.222 1.00 17.53 ? 336 HOH A O   1 
HETATM 1600 O O   . HOH G 4 .  ? -14.323 23.794  1.122   1.00 28.63 ? 338 HOH A O   1 
HETATM 1601 O O   . HOH G 4 .  ? -2.823  15.832  -9.098  1.00 25.93 ? 340 HOH A O   1 
HETATM 1602 O O   . HOH G 4 .  ? -21.177 20.217  -7.495  1.00 31.58 ? 341 HOH A O   1 
HETATM 1603 O O   . HOH G 4 .  ? -9.973  2.110   6.323   1.00 21.18 ? 342 HOH A O   1 
HETATM 1604 O O   . HOH G 4 .  ? -9.451  0.917   9.461   1.00 40.68 ? 343 HOH A O   1 
HETATM 1605 O O   . HOH G 4 .  ? -3.198  21.508  -8.997  1.00 37.69 ? 347 HOH A O   1 
HETATM 1606 O O   . HOH G 4 .  ? -16.074 2.177   3.985   1.00 23.50 ? 348 HOH A O   1 
HETATM 1607 O O   . HOH G 4 .  ? -18.585 15.545  0.744   1.00 35.37 ? 350 HOH A O   1 
HETATM 1608 O O   . HOH G 4 .  ? -18.938 8.981   -8.811  1.00 13.87 ? 352 HOH A O   1 
HETATM 1609 O O   . HOH G 4 .  ? -6.637  3.570   10.991  1.00 41.93 ? 355 HOH A O   1 
HETATM 1610 O O   . HOH G 4 .  ? -19.702 8.016   -11.460 1.00 27.32 ? 357 HOH A O   1 
HETATM 1611 O O   . HOH G 4 .  ? -21.557 2.453   -6.765  1.00 23.97 ? 358 HOH A O   1 
HETATM 1612 O O   . HOH G 4 .  ? -20.931 3.573   -9.398  1.00 36.01 ? 360 HOH A O   1 
HETATM 1613 O O   . HOH G 4 .  ? -2.061  10.793  8.655   1.00 41.37 ? 362 HOH A O   1 
HETATM 1614 O O   . HOH G 4 .  ? -9.244  -3.563  -14.445 1.00 33.35 ? 365 HOH A O   1 
HETATM 1615 O O   . HOH G 4 .  ? -19.165 5.521   -10.399 1.00 32.05 ? 367 HOH A O   1 
HETATM 1616 O O   . HOH G 4 .  ? -16.975 20.514  -5.441  1.00 35.67 ? 368 HOH A O   1 
HETATM 1617 O O   . HOH G 4 .  ? -5.500  19.703  -2.326  1.00 48.89 ? 369 HOH A O   1 
HETATM 1618 O O   . HOH G 4 .  ? 5.914   16.338  6.422   1.00 36.04 ? 370 HOH A O   1 
HETATM 1619 O O   . HOH G 4 .  ? -18.440 8.662   2.934   1.00 16.52 ? 372 HOH A O   1 
HETATM 1620 O O   . HOH G 4 .  ? -11.206 16.998  -13.785 1.00 36.78 ? 373 HOH A O   1 
HETATM 1621 O O   . HOH G 4 .  ? -17.747 13.628  -16.022 1.00 34.74 ? 381 HOH A O   1 
HETATM 1622 O O   . HOH G 4 .  ? 0.870   9.027   9.264   1.00 41.62 ? 382 HOH A O   1 
HETATM 1623 O O   . HOH G 4 .  ? 1.275   -10.103 -11.836 1.00 28.19 ? 383 HOH A O   1 
HETATM 1624 O O   . HOH G 4 .  ? -5.907  -11.993 -12.663 1.00 33.10 ? 386 HOH A O   1 
HETATM 1625 O O   . HOH G 4 .  ? -7.301  -18.358 1.528   1.00 27.77 ? 390 HOH A O   1 
HETATM 1626 O O   . HOH G 4 .  ? -16.237 -11.181 -8.372  1.00 37.37 ? 391 HOH A O   1 
HETATM 1627 O O   . HOH G 4 .  ? -26.120 6.786   -15.611 1.00 47.96 ? 394 HOH A O   1 
HETATM 1628 O O   . HOH G 4 .  ? 4.548   4.220   2.395   1.00 31.09 ? 395 HOH A O   1 
HETATM 1629 O O   . HOH H 4 .  ? 1.548   -12.764 -6.328  1.00 8.82  ? 302 HOH B O   1 
HETATM 1630 O O   . HOH H 4 .  ? 2.428   -2.100  -5.996  1.00 11.08 ? 303 HOH B O   1 
HETATM 1631 O O   . HOH H 4 .  ? 12.833  -3.702  -1.713  1.00 18.12 ? 306 HOH B O   1 
HETATM 1632 O O   . HOH H 4 .  ? 3.507   0.582   -6.215  1.00 12.95 ? 318 HOH B O   1 
HETATM 1633 O O   . HOH H 4 .  ? 13.679  -8.552  -3.854  1.00 13.67 ? 319 HOH B O   1 
HETATM 1634 O O   . HOH H 4 .  ? -9.467  -7.562  9.478   1.00 12.77 ? 320 HOH B O   1 
HETATM 1635 O O   . HOH H 4 .  ? -9.836  -14.308 7.872   1.00 28.42 ? 322 HOH B O   1 
HETATM 1636 O O   . HOH H 4 .  ? -4.110  -19.257 -2.433  1.00 26.40 ? 323 HOH B O   1 
HETATM 1637 O O   . HOH H 4 .  ? -10.976 -15.541 -6.325  1.00 39.36 ? 324 HOH B O   1 
HETATM 1638 O O   . HOH H 4 .  ? 17.940  -8.931  -3.194  1.00 21.05 ? 326 HOH B O   1 
HETATM 1639 O O   . HOH H 4 .  ? 2.494   -15.405 -6.634  1.00 42.75 ? 327 HOH B O   1 
HETATM 1640 O O   . HOH H 4 .  ? 5.275   -1.827  11.950  1.00 10.35 ? 328 HOH B O   1 
HETATM 1641 O O   . HOH H 4 .  ? 28.342  -0.423  1.810   1.00 37.68 ? 329 HOH B O   1 
HETATM 1642 O O   . HOH H 4 .  ? -4.755  -8.507  10.317  1.00 39.17 ? 332 HOH B O   1 
HETATM 1643 O O   . HOH H 4 .  ? 2.574   14.350  -2.751  1.00 22.83 ? 334 HOH B O   1 
HETATM 1644 O O   . HOH H 4 .  ? 0.060   0.114   12.105  1.00 37.07 ? 335 HOH B O   1 
HETATM 1645 O O   . HOH H 4 .  ? 10.349  14.756  -1.917  1.00 22.42 ? 337 HOH B O   1 
HETATM 1646 O O   . HOH H 4 .  ? -0.624  5.873   11.529  1.00 27.34 ? 339 HOH B O   1 
HETATM 1647 O O   . HOH H 4 .  ? 7.797   -3.802  14.983  1.00 29.00 ? 344 HOH B O   1 
HETATM 1648 O O   . HOH H 4 .  ? 12.201  3.972   11.965  1.00 28.11 ? 345 HOH B O   1 
HETATM 1649 O O   . HOH H 4 .  ? 5.940   -17.724 -5.931  1.00 34.19 ? 346 HOH B O   1 
HETATM 1650 O O   . HOH H 4 .  ? 1.324   -12.733 12.582  1.00 30.83 ? 349 HOH B O   1 
HETATM 1651 O O   . HOH H 4 .  ? 17.892  -11.716 8.107   1.00 25.36 ? 351 HOH B O   1 
HETATM 1652 O O   . HOH H 4 .  ? 27.723  -1.389  -1.649  1.00 37.20 ? 353 HOH B O   1 
HETATM 1653 O O   . HOH H 4 .  ? -2.632  -17.035 -3.181  1.00 25.48 ? 354 HOH B O   1 
HETATM 1654 O O   . HOH H 4 .  ? 8.306   16.883  -1.119  1.00 32.46 ? 356 HOH B O   1 
HETATM 1655 O O   . HOH H 4 .  ? 25.866  -2.882  7.480   1.00 29.98 ? 359 HOH B O   1 
HETATM 1656 O O   . HOH H 4 .  ? -3.561  -8.133  12.622  1.00 32.67 ? 361 HOH B O   1 
HETATM 1657 O O   . HOH H 4 .  ? 9.736   1.705   -7.306  1.00 22.27 ? 363 HOH B O   1 
HETATM 1658 O O   . HOH H 4 .  ? -8.790  -11.281 8.628   1.00 30.07 ? 364 HOH B O   1 
HETATM 1659 O O   . HOH H 4 .  ? 20.480  -10.742 15.661  1.00 35.77 ? 366 HOH B O   1 
HETATM 1660 O O   . HOH H 4 .  ? -6.250  -7.084  8.393   1.00 33.97 ? 371 HOH B O   1 
HETATM 1661 O O   . HOH H 4 .  ? 14.916  10.682  4.573   1.00 32.81 ? 374 HOH B O   1 
HETATM 1662 O O   . HOH H 4 .  ? 18.754  14.167  4.795   1.00 34.48 ? 375 HOH B O   1 
HETATM 1663 O O   . HOH H 4 .  ? 10.311  5.197   -5.297  1.00 25.59 ? 376 HOH B O   1 
HETATM 1664 O O   . HOH H 4 .  ? -16.045 -10.949 5.617   1.00 44.96 ? 377 HOH B O   1 
HETATM 1665 O O   . HOH H 4 .  ? 2.684   -1.189  13.031  1.00 40.06 ? 378 HOH B O   1 
HETATM 1666 O O   . HOH H 4 .  ? -4.249  -4.222  12.669  1.00 32.06 ? 379 HOH B O   1 
HETATM 1667 O O   . HOH H 4 .  ? -6.330  -1.000  11.865  1.00 24.29 ? 380 HOH B O   1 
HETATM 1668 O O   . HOH H 4 .  ? 15.610  18.260  -0.884  1.00 35.30 ? 384 HOH B O   1 
HETATM 1669 O O   . HOH H 4 .  ? 0.225   -19.195 -3.306  1.00 30.03 ? 385 HOH B O   1 
HETATM 1670 O O   . HOH H 4 .  ? -11.950 -14.902 6.288   1.00 37.26 ? 387 HOH B O   1 
HETATM 1671 O O   . HOH H 4 .  ? -14.621 -13.397 6.034   1.00 33.51 ? 388 HOH B O   1 
HETATM 1672 O O   . HOH H 4 .  ? 16.262  15.696  -1.528  1.00 34.24 ? 389 HOH B O   1 
HETATM 1673 O O   . HOH H 4 .  ? 15.039  -13.801 9.034   1.00 47.44 ? 392 HOH B O   1 
HETATM 1674 O O   . HOH H 4 .  ? 12.904  -4.272  -4.513  1.00 38.10 ? 393 HOH B O   1 
# 
loop_
_pdbx_poly_seq_scheme.asym_id 
_pdbx_poly_seq_scheme.entity_id 
_pdbx_poly_seq_scheme.seq_id 
_pdbx_poly_seq_scheme.mon_id 
_pdbx_poly_seq_scheme.ndb_seq_num 
_pdbx_poly_seq_scheme.pdb_seq_num 
_pdbx_poly_seq_scheme.auth_seq_num 
_pdbx_poly_seq_scheme.pdb_mon_id 
_pdbx_poly_seq_scheme.auth_mon_id 
_pdbx_poly_seq_scheme.pdb_strand_id 
_pdbx_poly_seq_scheme.pdb_ins_code 
_pdbx_poly_seq_scheme.hetero 
A 1 1  PRO 1  1   1   PRO PRO A . n 
A 1 2  GLN 2  2   2   GLN GLN A . n 
A 1 3  ILE 3  3   3   ILE ILE A . n 
A 1 4  THR 4  4   4   THR THR A . n 
A 1 5  LEU 5  5   5   LEU LEU A . n 
A 1 6  TRP 6  6   6   TRP TRP A . n 
A 1 7  LYS 7  7   7   LYS LYS A . n 
A 1 8  ARG 8  8   8   ARG ARG A . n 
A 1 9  PRO 9  9   9   PRO PRO A . n 
A 1 10 LEU 10 10  10  LEU LEU A . n 
A 1 11 VAL 11 11  11  VAL VAL A . n 
A 1 12 THR 12 12  12  THR THR A . n 
A 1 13 ILE 13 13  13  ILE ILE A . n 
A 1 14 ARG 14 14  14  ARG ARG A . n 
A 1 15 ILE 15 15  15  ILE ILE A . n 
A 1 16 GLY 16 16  16  GLY GLY A . n 
A 1 17 GLY 17 17  17  GLY GLY A . n 
A 1 18 GLN 18 18  18  GLN GLN A . n 
A 1 19 LEU 19 19  19  LEU LEU A . n 
A 1 20 LYS 20 20  20  LYS LYS A . n 
A 1 21 GLU 21 21  21  GLU GLU A . n 
A 1 22 ALA 22 22  22  ALA ALA A . n 
A 1 23 LEU 23 23  23  LEU LEU A . n 
A 1 24 LEU 24 24  24  LEU LEU A . n 
A 1 25 ASP 25 25  25  ASP ASP A . n 
A 1 26 THR 26 26  26  THR THR A . n 
A 1 27 GLY 27 27  27  GLY GLY A . n 
A 1 28 ALA 28 28  28  ALA ALA A . n 
A 1 29 ASP 29 29  29  ASP ASP A . n 
A 1 30 ASP 30 30  30  ASP ASP A . n 
A 1 31 THR 31 31  31  THR THR A . n 
A 1 32 VAL 32 32  32  VAL VAL A . n 
A 1 33 ILE 33 33  33  ILE ILE A . n 
A 1 34 GLU 34 34  34  GLU GLU A . n 
A 1 35 GLU 35 35  35  GLU GLU A . n 
A 1 36 MET 36 36  36  MET MET A . n 
A 1 37 ASN 37 37  37  ASN ASN A . n 
A 1 38 LEU 38 38  38  LEU LEU A . n 
A 1 39 PRO 39 39  39  PRO PRO A . n 
A 1 40 GLY 40 40  40  GLY GLY A . n 
A 1 41 LYS 41 41  41  LYS LYS A . n 
A 1 42 TRP 42 42  42  TRP TRP A . n 
A 1 43 LYS 43 43  43  LYS LYS A . n 
A 1 44 PRO 44 44  44  PRO PRO A . n 
A 1 45 LYS 45 45  45  LYS LYS A . n 
A 1 46 MET 46 46  46  MET MET A . n 
A 1 47 ILE 47 47  47  ILE ILE A . n 
A 1 48 GLY 48 48  48  GLY GLY A . n 
A 1 49 GLY 49 49  49  GLY GLY A . n 
A 1 50 ILE 50 50  50  ILE ILE A . n 
A 1 51 GLY 51 51  51  GLY GLY A . n 
A 1 52 GLY 52 52  52  GLY GLY A . n 
A 1 53 PHE 53 53  53  PHE PHE A . n 
A 1 54 ILE 54 54  54  ILE ILE A . n 
A 1 55 LYS 55 55  55  LYS LYS A . n 
A 1 56 VAL 56 56  56  VAL VAL A . n 
A 1 57 ARG 57 57  57  ARG ARG A . n 
A 1 58 GLN 58 58  58  GLN GLN A . n 
A 1 59 TYR 59 59  59  TYR TYR A . n 
A 1 60 ASP 60 60  60  ASP ASP A . n 
A 1 61 GLN 61 61  61  GLN GLN A . n 
A 1 62 ILE 62 62  62  ILE ILE A . n 
A 1 63 PRO 63 63  63  PRO PRO A . n 
A 1 64 VAL 64 64  64  VAL VAL A . n 
A 1 65 GLU 65 65  65  GLU GLU A . n 
A 1 66 ILE 66 66  66  ILE ILE A . n 
A 1 67 ABA 67 67  67  ABA ABA A . n 
A 1 68 GLY 68 68  68  GLY GLY A . n 
A 1 69 HIS 69 69  69  HIS HIS A . n 
A 1 70 LYS 70 70  70  LYS LYS A . n 
A 1 71 ALA 71 71  71  ALA ALA A . n 
A 1 72 ILE 72 72  72  ILE ILE A . n 
A 1 73 GLY 73 73  73  GLY GLY A . n 
A 1 74 THR 74 74  74  THR THR A . n 
A 1 75 VAL 75 75  75  VAL VAL A . n 
A 1 76 LEU 76 76  76  LEU LEU A . n 
A 1 77 VAL 77 77  77  VAL VAL A . n 
A 1 78 GLY 78 78  78  GLY GLY A . n 
A 1 79 PRO 79 79  79  PRO PRO A . n 
A 1 80 THR 80 80  80  THR THR A . n 
A 1 81 PRO 81 81  81  PRO PRO A . n 
A 1 82 VAL 82 82  82  VAL VAL A . n 
A 1 83 ASN 83 83  83  ASN ASN A . n 
A 1 84 ILE 84 84  84  ILE ILE A . n 
A 1 85 ILE 85 85  85  ILE ILE A . n 
A 1 86 GLY 86 86  86  GLY GLY A . n 
A 1 87 ARG 87 87  87  ARG ARG A . n 
A 1 88 ASN 88 88  88  ASN ASN A . n 
A 1 89 LEU 89 89  89  LEU LEU A . n 
A 1 90 LEU 90 90  90  LEU LEU A . n 
A 1 91 THR 91 91  91  THR THR A . n 
A 1 92 GLN 92 92  92  GLN GLN A . n 
A 1 93 ILE 93 93  93  ILE ILE A . n 
A 1 94 GLY 94 94  94  GLY GLY A . n 
A 1 95 ABA 95 95  95  ABA ABA A . n 
A 1 96 THR 96 96  96  THR THR A . n 
A 1 97 LEU 97 97  97  LEU LEU A . n 
A 1 98 ASN 98 98  98  ASN ASN A . n 
A 1 99 PHE 99 99  99  PHE PHE A . n 
B 1 1  PRO 1  101 101 PRO PRO B . n 
B 1 2  GLN 2  102 102 GLN GLN B . n 
B 1 3  ILE 3  103 103 ILE ILE B . n 
B 1 4  THR 4  104 104 THR THR B . n 
B 1 5  LEU 5  105 105 LEU LEU B . n 
B 1 6  TRP 6  106 106 TRP TRP B . n 
B 1 7  LYS 7  107 107 LYS LYS B . n 
B 1 8  ARG 8  108 108 ARG ARG B . n 
B 1 9  PRO 9  109 109 PRO PRO B . n 
B 1 10 LEU 10 110 110 LEU LEU B . n 
B 1 11 VAL 11 111 111 VAL VAL B . n 
B 1 12 THR 12 112 112 THR THR B . n 
B 1 13 ILE 13 113 113 ILE ILE B . n 
B 1 14 ARG 14 114 114 ARG ARG B . n 
B 1 15 ILE 15 115 115 ILE ILE B . n 
B 1 16 GLY 16 116 116 GLY GLY B . n 
B 1 17 GLY 17 117 117 GLY GLY B . n 
B 1 18 GLN 18 118 118 GLN GLN B . n 
B 1 19 LEU 19 119 119 LEU LEU B . n 
B 1 20 LYS 20 120 120 LYS LYS B . n 
B 1 21 GLU 21 121 121 GLU GLU B . n 
B 1 22 ALA 22 122 122 ALA ALA B . n 
B 1 23 LEU 23 123 123 LEU LEU B . n 
B 1 24 LEU 24 124 124 LEU LEU B . n 
B 1 25 ASP 25 125 125 ASP ASP B . n 
B 1 26 THR 26 126 126 THR THR B . n 
B 1 27 GLY 27 127 127 GLY GLY B . n 
B 1 28 ALA 28 128 128 ALA ALA B . n 
B 1 29 ASP 29 129 129 ASP ASP B . n 
B 1 30 ASP 30 130 130 ASP ASP B . n 
B 1 31 THR 31 131 131 THR THR B . n 
B 1 32 VAL 32 132 132 VAL VAL B . n 
B 1 33 ILE 33 133 133 ILE ILE B . n 
B 1 34 GLU 34 134 134 GLU GLU B . n 
B 1 35 GLU 35 135 135 GLU GLU B . n 
B 1 36 MET 36 136 136 MET MET B . n 
B 1 37 ASN 37 137 137 ASN ASN B . n 
B 1 38 LEU 38 138 138 LEU LEU B . n 
B 1 39 PRO 39 139 139 PRO PRO B . n 
B 1 40 GLY 40 140 140 GLY GLY B . n 
B 1 41 LYS 41 141 141 LYS LYS B . n 
B 1 42 TRP 42 142 142 TRP TRP B . n 
B 1 43 LYS 43 143 143 LYS LYS B . n 
B 1 44 PRO 44 144 144 PRO PRO B . n 
B 1 45 LYS 45 145 145 LYS LYS B . n 
B 1 46 MET 46 146 146 MET MET B . n 
B 1 47 ILE 47 147 147 ILE ILE B . n 
B 1 48 GLY 48 148 148 GLY GLY B . n 
B 1 49 GLY 49 149 149 GLY GLY B . n 
B 1 50 ILE 50 150 150 ILE ILE B . n 
B 1 51 GLY 51 151 151 GLY GLY B . n 
B 1 52 GLY 52 152 152 GLY GLY B . n 
B 1 53 PHE 53 153 153 PHE PHE B . n 
B 1 54 ILE 54 154 154 ILE ILE B . n 
B 1 55 LYS 55 155 155 LYS LYS B . n 
B 1 56 VAL 56 156 156 VAL VAL B . n 
B 1 57 ARG 57 157 157 ARG ARG B . n 
B 1 58 GLN 58 158 158 GLN GLN B . n 
B 1 59 TYR 59 159 159 TYR TYR B . n 
B 1 60 ASP 60 160 160 ASP ASP B . n 
B 1 61 GLN 61 161 161 GLN GLN B . n 
B 1 62 ILE 62 162 162 ILE ILE B . n 
B 1 63 PRO 63 163 163 PRO PRO B . n 
B 1 64 VAL 64 164 164 VAL VAL B . n 
B 1 65 GLU 65 165 165 GLU GLU B . n 
B 1 66 ILE 66 166 166 ILE ILE B . n 
B 1 67 ABA 67 167 167 ABA ABA B . n 
B 1 68 GLY 68 168 168 GLY GLY B . n 
B 1 69 HIS 69 169 169 HIS HIS B . n 
B 1 70 LYS 70 170 170 LYS LYS B . n 
B 1 71 ALA 71 171 171 ALA ALA B . n 
B 1 72 ILE 72 172 172 ILE ILE B . n 
B 1 73 GLY 73 173 173 GLY GLY B . n 
B 1 74 THR 74 174 174 THR THR B . n 
B 1 75 VAL 75 175 175 VAL VAL B . n 
B 1 76 LEU 76 176 176 LEU LEU B . n 
B 1 77 VAL 77 177 177 VAL VAL B . n 
B 1 78 GLY 78 178 178 GLY GLY B . n 
B 1 79 PRO 79 179 179 PRO PRO B . n 
B 1 80 THR 80 180 180 THR THR B . n 
B 1 81 PRO 81 181 181 PRO PRO B . n 
B 1 82 VAL 82 182 182 VAL VAL B . n 
B 1 83 ASN 83 183 183 ASN ASN B . n 
B 1 84 ILE 84 184 184 ILE ILE B . n 
B 1 85 ILE 85 185 185 ILE ILE B . n 
B 1 86 GLY 86 186 186 GLY GLY B . n 
B 1 87 ARG 87 187 187 ARG ARG B . n 
B 1 88 ASN 88 188 188 ASN ASN B . n 
B 1 89 LEU 89 189 189 LEU LEU B . n 
B 1 90 LEU 90 190 190 LEU LEU B . n 
B 1 91 THR 91 191 191 THR THR B . n 
B 1 92 GLN 92 192 192 GLN GLN B . n 
B 1 93 ILE 93 193 193 ILE ILE B . n 
B 1 94 GLY 94 194 194 GLY GLY B . n 
B 1 95 ABA 95 195 195 ABA ABA B . n 
B 1 96 THR 96 196 196 THR THR B . n 
B 1 97 LEU 97 197 197 LEU LEU B . n 
B 1 98 ASN 98 198 198 ASN ASN B . n 
B 1 99 PHE 99 199 199 PHE PHE B . n 
# 
loop_
_pdbx_nonpoly_scheme.asym_id 
_pdbx_nonpoly_scheme.entity_id 
_pdbx_nonpoly_scheme.mon_id 
_pdbx_nonpoly_scheme.ndb_seq_num 
_pdbx_nonpoly_scheme.pdb_seq_num 
_pdbx_nonpoly_scheme.auth_seq_num 
_pdbx_nonpoly_scheme.pdb_mon_id 
_pdbx_nonpoly_scheme.auth_mon_id 
_pdbx_nonpoly_scheme.pdb_strand_id 
_pdbx_nonpoly_scheme.pdb_ins_code 
C 2 SO4 1  502 502 SO4 SO4 A . 
D 2 SO4 1  503 503 SO4 SO4 A . 
E 3 PI5 1  201 201 PI5 PI5 A . 
F 2 SO4 1  501 501 SO4 SO4 B . 
G 4 HOH 1  301 301 HOH HOH A . 
G 4 HOH 2  304 304 HOH HOH A . 
G 4 HOH 3  305 305 HOH HOH A . 
G 4 HOH 4  307 307 HOH HOH A . 
G 4 HOH 5  308 308 HOH HOH A . 
G 4 HOH 6  309 309 HOH HOH A . 
G 4 HOH 7  310 310 HOH HOH A . 
G 4 HOH 8  311 311 HOH HOH A . 
G 4 HOH 9  312 312 HOH HOH A . 
G 4 HOH 10 313 313 HOH HOH A . 
G 4 HOH 11 314 314 HOH HOH A . 
G 4 HOH 12 315 315 HOH HOH A . 
G 4 HOH 13 316 316 HOH HOH A . 
G 4 HOH 14 317 317 HOH HOH A . 
G 4 HOH 15 321 321 HOH HOH A . 
G 4 HOH 16 325 325 HOH HOH A . 
G 4 HOH 17 330 330 HOH HOH A . 
G 4 HOH 18 331 331 HOH HOH A . 
G 4 HOH 19 333 333 HOH HOH A . 
G 4 HOH 20 336 336 HOH HOH A . 
G 4 HOH 21 338 338 HOH HOH A . 
G 4 HOH 22 340 340 HOH HOH A . 
G 4 HOH 23 341 341 HOH HOH A . 
G 4 HOH 24 342 342 HOH HOH A . 
G 4 HOH 25 343 343 HOH HOH A . 
G 4 HOH 26 347 347 HOH HOH A . 
G 4 HOH 27 348 348 HOH HOH A . 
G 4 HOH 28 350 350 HOH HOH A . 
G 4 HOH 29 352 352 HOH HOH A . 
G 4 HOH 30 355 355 HOH HOH A . 
G 4 HOH 31 357 357 HOH HOH A . 
G 4 HOH 32 358 358 HOH HOH A . 
G 4 HOH 33 360 360 HOH HOH A . 
G 4 HOH 34 362 362 HOH HOH A . 
G 4 HOH 35 365 365 HOH HOH A . 
G 4 HOH 36 367 367 HOH HOH A . 
G 4 HOH 37 368 368 HOH HOH A . 
G 4 HOH 38 369 369 HOH HOH A . 
G 4 HOH 39 370 370 HOH HOH A . 
G 4 HOH 40 372 372 HOH HOH A . 
G 4 HOH 41 373 373 HOH HOH A . 
G 4 HOH 42 381 381 HOH HOH A . 
G 4 HOH 43 382 382 HOH HOH A . 
G 4 HOH 44 383 383 HOH HOH A . 
G 4 HOH 45 386 386 HOH HOH A . 
G 4 HOH 46 390 390 HOH HOH A . 
G 4 HOH 47 391 391 HOH HOH A . 
G 4 HOH 48 394 394 HOH HOH A . 
G 4 HOH 49 395 395 HOH HOH A . 
H 4 HOH 1  302 302 HOH HOH B . 
H 4 HOH 2  303 303 HOH HOH B . 
H 4 HOH 3  306 306 HOH HOH B . 
H 4 HOH 4  318 318 HOH HOH B . 
H 4 HOH 5  319 319 HOH HOH B . 
H 4 HOH 6  320 320 HOH HOH B . 
H 4 HOH 7  322 322 HOH HOH B . 
H 4 HOH 8  323 323 HOH HOH B . 
H 4 HOH 9  324 324 HOH HOH B . 
H 4 HOH 10 326 326 HOH HOH B . 
H 4 HOH 11 327 327 HOH HOH B . 
H 4 HOH 12 328 328 HOH HOH B . 
H 4 HOH 13 329 329 HOH HOH B . 
H 4 HOH 14 332 332 HOH HOH B . 
H 4 HOH 15 334 334 HOH HOH B . 
H 4 HOH 16 335 335 HOH HOH B . 
H 4 HOH 17 337 337 HOH HOH B . 
H 4 HOH 18 339 339 HOH HOH B . 
H 4 HOH 19 344 344 HOH HOH B . 
H 4 HOH 20 345 345 HOH HOH B . 
H 4 HOH 21 346 346 HOH HOH B . 
H 4 HOH 22 349 349 HOH HOH B . 
H 4 HOH 23 351 351 HOH HOH B . 
H 4 HOH 24 353 353 HOH HOH B . 
H 4 HOH 25 354 354 HOH HOH B . 
H 4 HOH 26 356 356 HOH HOH B . 
H 4 HOH 27 359 359 HOH HOH B . 
H 4 HOH 28 361 361 HOH HOH B . 
H 4 HOH 29 363 363 HOH HOH B . 
H 4 HOH 30 364 364 HOH HOH B . 
H 4 HOH 31 366 366 HOH HOH B . 
H 4 HOH 32 371 371 HOH HOH B . 
H 4 HOH 33 374 374 HOH HOH B . 
H 4 HOH 34 375 375 HOH HOH B . 
H 4 HOH 35 376 376 HOH HOH B . 
H 4 HOH 36 377 377 HOH HOH B . 
H 4 HOH 37 378 378 HOH HOH B . 
H 4 HOH 38 379 379 HOH HOH B . 
H 4 HOH 39 380 380 HOH HOH B . 
H 4 HOH 40 384 384 HOH HOH B . 
H 4 HOH 41 385 385 HOH HOH B . 
H 4 HOH 42 387 387 HOH HOH B . 
H 4 HOH 43 388 388 HOH HOH B . 
H 4 HOH 44 389 389 HOH HOH B . 
H 4 HOH 45 392 392 HOH HOH B . 
H 4 HOH 46 393 393 HOH HOH B . 
# 
loop_
_pdbx_struct_mod_residue.id 
_pdbx_struct_mod_residue.label_asym_id 
_pdbx_struct_mod_residue.label_comp_id 
_pdbx_struct_mod_residue.label_seq_id 
_pdbx_struct_mod_residue.auth_asym_id 
_pdbx_struct_mod_residue.auth_comp_id 
_pdbx_struct_mod_residue.auth_seq_id 
_pdbx_struct_mod_residue.PDB_ins_code 
_pdbx_struct_mod_residue.parent_comp_id 
_pdbx_struct_mod_residue.details 
1 A ABA 67 A ABA 67  ? ALA 'ALPHA-AMINOBUTYRIC ACID' 
2 A ABA 95 A ABA 95  ? ALA 'ALPHA-AMINOBUTYRIC ACID' 
3 B ABA 67 B ABA 167 ? ALA 'ALPHA-AMINOBUTYRIC ACID' 
4 B ABA 95 B ABA 195 ? ALA 'ALPHA-AMINOBUTYRIC ACID' 
# 
_pdbx_struct_assembly.id                   1 
_pdbx_struct_assembly.details              author_and_software_defined_assembly 
_pdbx_struct_assembly.method_details       PISA 
_pdbx_struct_assembly.oligomeric_details   dimeric 
_pdbx_struct_assembly.oligomeric_count     2 
# 
_pdbx_struct_assembly_gen.assembly_id       1 
_pdbx_struct_assembly_gen.oper_expression   1 
_pdbx_struct_assembly_gen.asym_id_list      A,B,C,D,E,F,G,H 
# 
loop_
_pdbx_struct_assembly_prop.biol_id 
_pdbx_struct_assembly_prop.type 
_pdbx_struct_assembly_prop.value 
_pdbx_struct_assembly_prop.details 
1 'ABSA (A^2)' 5610 ? 
1 MORE         -59  ? 
1 'SSA (A^2)'  9040 ? 
# 
_pdbx_struct_oper_list.id                   1 
_pdbx_struct_oper_list.type                 'identity operation' 
_pdbx_struct_oper_list.name                 1_555 
_pdbx_struct_oper_list.symmetry_operation   x,y,z 
_pdbx_struct_oper_list.matrix[1][1]         1.0000000000 
_pdbx_struct_oper_list.matrix[1][2]         0.0000000000 
_pdbx_struct_oper_list.matrix[1][3]         0.0000000000 
_pdbx_struct_oper_list.vector[1]            0.0000000000 
_pdbx_struct_oper_list.matrix[2][1]         0.0000000000 
_pdbx_struct_oper_list.matrix[2][2]         1.0000000000 
_pdbx_struct_oper_list.matrix[2][3]         0.0000000000 
_pdbx_struct_oper_list.vector[2]            0.0000000000 
_pdbx_struct_oper_list.matrix[3][1]         0.0000000000 
_pdbx_struct_oper_list.matrix[3][2]         0.0000000000 
_pdbx_struct_oper_list.matrix[3][3]         1.0000000000 
_pdbx_struct_oper_list.vector[3]            0.0000000000 
# 
loop_
_pdbx_audit_revision_history.ordinal 
_pdbx_audit_revision_history.data_content_type 
_pdbx_audit_revision_history.major_revision 
_pdbx_audit_revision_history.minor_revision 
_pdbx_audit_revision_history.revision_date 
1 'Structure model' 1 0 2000-01-07 
2 'Structure model' 1 1 2008-04-26 
3 'Structure model' 1 2 2011-07-13 
4 'Structure model' 1 3 2023-08-09 
5 'Structure model' 1 4 2023-11-15 
# 
_pdbx_audit_revision_details.ordinal             1 
_pdbx_audit_revision_details.revision_ordinal    1 
_pdbx_audit_revision_details.data_content_type   'Structure model' 
_pdbx_audit_revision_details.provider            repository 
_pdbx_audit_revision_details.type                'Initial release' 
_pdbx_audit_revision_details.description         ? 
_pdbx_audit_revision_details.details             ? 
# 
loop_
_pdbx_audit_revision_group.ordinal 
_pdbx_audit_revision_group.revision_ordinal 
_pdbx_audit_revision_group.data_content_type 
_pdbx_audit_revision_group.group 
1 2 'Structure model' 'Version format compliance' 
2 3 'Structure model' 'Version format compliance' 
3 4 'Structure model' 'Data collection'           
4 4 'Structure model' 'Database references'       
5 4 'Structure model' 'Derived calculations'      
6 4 'Structure model' 'Refinement description'    
7 5 'Structure model' 'Data collection'           
# 
loop_
_pdbx_audit_revision_category.ordinal 
_pdbx_audit_revision_category.revision_ordinal 
_pdbx_audit_revision_category.data_content_type 
_pdbx_audit_revision_category.category 
1 4 'Structure model' chem_comp_atom                
2 4 'Structure model' chem_comp_bond                
3 4 'Structure model' database_2                    
4 4 'Structure model' pdbx_initial_refinement_model 
5 4 'Structure model' struct_conn                   
6 4 'Structure model' struct_site                   
7 5 'Structure model' chem_comp_atom                
8 5 'Structure model' chem_comp_bond                
# 
loop_
_pdbx_audit_revision_item.ordinal 
_pdbx_audit_revision_item.revision_ordinal 
_pdbx_audit_revision_item.data_content_type 
_pdbx_audit_revision_item.item 
1 4 'Structure model' '_database_2.pdbx_DOI'                
2 4 'Structure model' '_database_2.pdbx_database_accession' 
3 4 'Structure model' '_struct_conn.pdbx_leaving_atom_flag' 
4 4 'Structure model' '_struct_site.pdbx_auth_asym_id'      
5 4 'Structure model' '_struct_site.pdbx_auth_comp_id'      
6 4 'Structure model' '_struct_site.pdbx_auth_seq_id'       
7 5 'Structure model' '_chem_comp_atom.atom_id'             
8 5 'Structure model' '_chem_comp_bond.atom_id_2'           
# 
loop_
_software.name 
_software.classification 
_software.version 
_software.citation_id 
_software.pdbx_ordinal 
X-PLOR    'model building' .     ? 1 
X-PLOR    refinement       3.851 ? 2 
DENZO     'data reduction' .     ? 3 
SCALEPACK 'data scaling'   .     ? 4 
X-PLOR    phasing          .     ? 5 
# 
loop_
_pdbx_validate_rmsd_angle.id 
_pdbx_validate_rmsd_angle.PDB_model_num 
_pdbx_validate_rmsd_angle.auth_atom_id_1 
_pdbx_validate_rmsd_angle.auth_asym_id_1 
_pdbx_validate_rmsd_angle.auth_comp_id_1 
_pdbx_validate_rmsd_angle.auth_seq_id_1 
_pdbx_validate_rmsd_angle.PDB_ins_code_1 
_pdbx_validate_rmsd_angle.label_alt_id_1 
_pdbx_validate_rmsd_angle.auth_atom_id_2 
_pdbx_validate_rmsd_angle.auth_asym_id_2 
_pdbx_validate_rmsd_angle.auth_comp_id_2 
_pdbx_validate_rmsd_angle.auth_seq_id_2 
_pdbx_validate_rmsd_angle.PDB_ins_code_2 
_pdbx_validate_rmsd_angle.label_alt_id_2 
_pdbx_validate_rmsd_angle.auth_atom_id_3 
_pdbx_validate_rmsd_angle.auth_asym_id_3 
_pdbx_validate_rmsd_angle.auth_comp_id_3 
_pdbx_validate_rmsd_angle.auth_seq_id_3 
_pdbx_validate_rmsd_angle.PDB_ins_code_3 
_pdbx_validate_rmsd_angle.label_alt_id_3 
_pdbx_validate_rmsd_angle.angle_value 
_pdbx_validate_rmsd_angle.angle_target_value 
_pdbx_validate_rmsd_angle.angle_deviation 
_pdbx_validate_rmsd_angle.angle_standard_deviation 
_pdbx_validate_rmsd_angle.linker_flag 
1 1 CG1 B VAL 182 ? A CB B VAL 182 ? A CG2 B VAL 182 ? A 99.86 110.90 -11.04  1.60 N 
2 1 CG1 B VAL 182 ? B CB B VAL 182 ? B CG2 B VAL 182 ? B 2.25  110.90 -108.65 1.60 N 
# 
loop_
_pdbx_unobs_or_zero_occ_atoms.id 
_pdbx_unobs_or_zero_occ_atoms.PDB_model_num 
_pdbx_unobs_or_zero_occ_atoms.polymer_flag 
_pdbx_unobs_or_zero_occ_atoms.occupancy_flag 
_pdbx_unobs_or_zero_occ_atoms.auth_asym_id 
_pdbx_unobs_or_zero_occ_atoms.auth_comp_id 
_pdbx_unobs_or_zero_occ_atoms.auth_seq_id 
_pdbx_unobs_or_zero_occ_atoms.PDB_ins_code 
_pdbx_unobs_or_zero_occ_atoms.auth_atom_id 
_pdbx_unobs_or_zero_occ_atoms.label_alt_id 
_pdbx_unobs_or_zero_occ_atoms.label_asym_id 
_pdbx_unobs_or_zero_occ_atoms.label_comp_id 
_pdbx_unobs_or_zero_occ_atoms.label_seq_id 
_pdbx_unobs_or_zero_occ_atoms.label_atom_id 
1  1 Y 1 A LYS 7   ? CG  ? A LYS 7  CG  
2  1 Y 1 A LYS 7   ? CD  ? A LYS 7  CD  
3  1 Y 1 A LYS 7   ? CE  ? A LYS 7  CE  
4  1 Y 1 A LYS 7   ? NZ  ? A LYS 7  NZ  
5  1 Y 1 A ASN 37  ? CG  ? A ASN 37 CG  
6  1 Y 1 A ASN 37  ? OD1 ? A ASN 37 OD1 
7  1 Y 1 A ASN 37  ? ND2 ? A ASN 37 ND2 
8  1 Y 1 A LYS 41  ? CG  ? A LYS 41 CG  
9  1 Y 1 A LYS 41  ? CD  ? A LYS 41 CD  
10 1 Y 1 A LYS 41  ? CE  ? A LYS 41 CE  
11 1 Y 1 A LYS 41  ? NZ  ? A LYS 41 NZ  
12 1 Y 1 A LYS 43  ? CG  ? A LYS 43 CG  
13 1 Y 1 A LYS 43  ? CD  ? A LYS 43 CD  
14 1 Y 1 A LYS 43  ? CE  ? A LYS 43 CE  
15 1 Y 1 A LYS 43  ? NZ  ? A LYS 43 NZ  
16 1 Y 1 A LYS 45  ? CG  ? A LYS 45 CG  
17 1 Y 1 A LYS 45  ? CD  ? A LYS 45 CD  
18 1 Y 1 A LYS 45  ? CE  ? A LYS 45 CE  
19 1 Y 1 A LYS 45  ? NZ  ? A LYS 45 NZ  
20 1 Y 1 A LYS 55  ? CG  ? A LYS 55 CG  
21 1 Y 1 A LYS 55  ? CD  ? A LYS 55 CD  
22 1 Y 1 A LYS 55  ? CE  ? A LYS 55 CE  
23 1 Y 1 A LYS 55  ? NZ  ? A LYS 55 NZ  
24 1 Y 1 A LYS 70  ? CG  ? A LYS 70 CG  
25 1 Y 1 A LYS 70  ? CD  ? A LYS 70 CD  
26 1 Y 1 A LYS 70  ? CE  ? A LYS 70 CE  
27 1 Y 1 A LYS 70  ? NZ  ? A LYS 70 NZ  
28 1 Y 1 B ASN 137 ? CG  ? B ASN 37 CG  
29 1 Y 1 B ASN 137 ? OD1 ? B ASN 37 OD1 
30 1 Y 1 B ASN 137 ? ND2 ? B ASN 37 ND2 
31 1 Y 1 B LYS 141 ? CG  ? B LYS 41 CG  
32 1 Y 1 B LYS 141 ? CD  ? B LYS 41 CD  
33 1 Y 1 B LYS 141 ? CE  ? B LYS 41 CE  
34 1 Y 1 B LYS 141 ? NZ  ? B LYS 41 NZ  
35 1 Y 1 B LYS 143 ? CG  ? B LYS 43 CG  
36 1 Y 1 B LYS 143 ? CD  ? B LYS 43 CD  
37 1 Y 1 B LYS 143 ? CE  ? B LYS 43 CE  
38 1 Y 1 B LYS 143 ? NZ  ? B LYS 43 NZ  
# 
loop_
_chem_comp_atom.comp_id 
_chem_comp_atom.atom_id 
_chem_comp_atom.type_symbol 
_chem_comp_atom.pdbx_aromatic_flag 
_chem_comp_atom.pdbx_stereo_config 
_chem_comp_atom.pdbx_ordinal 
ABA N    N N N 1   
ABA CA   C N S 2   
ABA C    C N N 3   
ABA O    O N N 4   
ABA CB   C N N 5   
ABA CG   C N N 6   
ABA OXT  O N N 7   
ABA H    H N N 8   
ABA H2   H N N 9   
ABA HA   H N N 10  
ABA HB3  H N N 11  
ABA HB2  H N N 12  
ABA HG1  H N N 13  
ABA HG3  H N N 14  
ABA HG2  H N N 15  
ABA HXT  H N N 16  
ALA N    N N N 17  
ALA CA   C N S 18  
ALA C    C N N 19  
ALA O    O N N 20  
ALA CB   C N N 21  
ALA OXT  O N N 22  
ALA H    H N N 23  
ALA H2   H N N 24  
ALA HA   H N N 25  
ALA HB1  H N N 26  
ALA HB2  H N N 27  
ALA HB3  H N N 28  
ALA HXT  H N N 29  
ARG N    N N N 30  
ARG CA   C N S 31  
ARG C    C N N 32  
ARG O    O N N 33  
ARG CB   C N N 34  
ARG CG   C N N 35  
ARG CD   C N N 36  
ARG NE   N N N 37  
ARG CZ   C N N 38  
ARG NH1  N N N 39  
ARG NH2  N N N 40  
ARG OXT  O N N 41  
ARG H    H N N 42  
ARG H2   H N N 43  
ARG HA   H N N 44  
ARG HB2  H N N 45  
ARG HB3  H N N 46  
ARG HG2  H N N 47  
ARG HG3  H N N 48  
ARG HD2  H N N 49  
ARG HD3  H N N 50  
ARG HE   H N N 51  
ARG HH11 H N N 52  
ARG HH12 H N N 53  
ARG HH21 H N N 54  
ARG HH22 H N N 55  
ARG HXT  H N N 56  
ASN N    N N N 57  
ASN CA   C N S 58  
ASN C    C N N 59  
ASN O    O N N 60  
ASN CB   C N N 61  
ASN CG   C N N 62  
ASN OD1  O N N 63  
ASN ND2  N N N 64  
ASN OXT  O N N 65  
ASN H    H N N 66  
ASN H2   H N N 67  
ASN HA   H N N 68  
ASN HB2  H N N 69  
ASN HB3  H N N 70  
ASN HD21 H N N 71  
ASN HD22 H N N 72  
ASN HXT  H N N 73  
ASP N    N N N 74  
ASP CA   C N S 75  
ASP C    C N N 76  
ASP O    O N N 77  
ASP CB   C N N 78  
ASP CG   C N N 79  
ASP OD1  O N N 80  
ASP OD2  O N N 81  
ASP OXT  O N N 82  
ASP H    H N N 83  
ASP H2   H N N 84  
ASP HA   H N N 85  
ASP HB2  H N N 86  
ASP HB3  H N N 87  
ASP HD2  H N N 88  
ASP HXT  H N N 89  
CYS N    N N N 90  
CYS CA   C N R 91  
CYS C    C N N 92  
CYS O    O N N 93  
CYS CB   C N N 94  
CYS SG   S N N 95  
CYS OXT  O N N 96  
CYS H    H N N 97  
CYS H2   H N N 98  
CYS HA   H N N 99  
CYS HB2  H N N 100 
CYS HB3  H N N 101 
CYS HG   H N N 102 
CYS HXT  H N N 103 
GLN N    N N N 104 
GLN CA   C N S 105 
GLN C    C N N 106 
GLN O    O N N 107 
GLN CB   C N N 108 
GLN CG   C N N 109 
GLN CD   C N N 110 
GLN OE1  O N N 111 
GLN NE2  N N N 112 
GLN OXT  O N N 113 
GLN H    H N N 114 
GLN H2   H N N 115 
GLN HA   H N N 116 
GLN HB2  H N N 117 
GLN HB3  H N N 118 
GLN HG2  H N N 119 
GLN HG3  H N N 120 
GLN HE21 H N N 121 
GLN HE22 H N N 122 
GLN HXT  H N N 123 
GLU N    N N N 124 
GLU CA   C N S 125 
GLU C    C N N 126 
GLU O    O N N 127 
GLU CB   C N N 128 
GLU CG   C N N 129 
GLU CD   C N N 130 
GLU OE1  O N N 131 
GLU OE2  O N N 132 
GLU OXT  O N N 133 
GLU H    H N N 134 
GLU H2   H N N 135 
GLU HA   H N N 136 
GLU HB2  H N N 137 
GLU HB3  H N N 138 
GLU HG2  H N N 139 
GLU HG3  H N N 140 
GLU HE2  H N N 141 
GLU HXT  H N N 142 
GLY N    N N N 143 
GLY CA   C N N 144 
GLY C    C N N 145 
GLY O    O N N 146 
GLY OXT  O N N 147 
GLY H    H N N 148 
GLY H2   H N N 149 
GLY HA2  H N N 150 
GLY HA3  H N N 151 
GLY HXT  H N N 152 
HIS N    N N N 153 
HIS CA   C N S 154 
HIS C    C N N 155 
HIS O    O N N 156 
HIS CB   C N N 157 
HIS CG   C Y N 158 
HIS ND1  N Y N 159 
HIS CD2  C Y N 160 
HIS CE1  C Y N 161 
HIS NE2  N Y N 162 
HIS OXT  O N N 163 
HIS H    H N N 164 
HIS H2   H N N 165 
HIS HA   H N N 166 
HIS HB2  H N N 167 
HIS HB3  H N N 168 
HIS HD1  H N N 169 
HIS HD2  H N N 170 
HIS HE1  H N N 171 
HIS HE2  H N N 172 
HIS HXT  H N N 173 
HOH O    O N N 174 
HOH H1   H N N 175 
HOH H2   H N N 176 
ILE N    N N N 177 
ILE CA   C N S 178 
ILE C    C N N 179 
ILE O    O N N 180 
ILE CB   C N S 181 
ILE CG1  C N N 182 
ILE CG2  C N N 183 
ILE CD1  C N N 184 
ILE OXT  O N N 185 
ILE H    H N N 186 
ILE H2   H N N 187 
ILE HA   H N N 188 
ILE HB   H N N 189 
ILE HG12 H N N 190 
ILE HG13 H N N 191 
ILE HG21 H N N 192 
ILE HG22 H N N 193 
ILE HG23 H N N 194 
ILE HD11 H N N 195 
ILE HD12 H N N 196 
ILE HD13 H N N 197 
ILE HXT  H N N 198 
LEU N    N N N 199 
LEU CA   C N S 200 
LEU C    C N N 201 
LEU O    O N N 202 
LEU CB   C N N 203 
LEU CG   C N N 204 
LEU CD1  C N N 205 
LEU CD2  C N N 206 
LEU OXT  O N N 207 
LEU H    H N N 208 
LEU H2   H N N 209 
LEU HA   H N N 210 
LEU HB2  H N N 211 
LEU HB3  H N N 212 
LEU HG   H N N 213 
LEU HD11 H N N 214 
LEU HD12 H N N 215 
LEU HD13 H N N 216 
LEU HD21 H N N 217 
LEU HD22 H N N 218 
LEU HD23 H N N 219 
LEU HXT  H N N 220 
LYS N    N N N 221 
LYS CA   C N S 222 
LYS C    C N N 223 
LYS O    O N N 224 
LYS CB   C N N 225 
LYS CG   C N N 226 
LYS CD   C N N 227 
LYS CE   C N N 228 
LYS NZ   N N N 229 
LYS OXT  O N N 230 
LYS H    H N N 231 
LYS H2   H N N 232 
LYS HA   H N N 233 
LYS HB2  H N N 234 
LYS HB3  H N N 235 
LYS HG2  H N N 236 
LYS HG3  H N N 237 
LYS HD2  H N N 238 
LYS HD3  H N N 239 
LYS HE2  H N N 240 
LYS HE3  H N N 241 
LYS HZ1  H N N 242 
LYS HZ2  H N N 243 
LYS HZ3  H N N 244 
LYS HXT  H N N 245 
MET N    N N N 246 
MET CA   C N S 247 
MET C    C N N 248 
MET O    O N N 249 
MET CB   C N N 250 
MET CG   C N N 251 
MET SD   S N N 252 
MET CE   C N N 253 
MET OXT  O N N 254 
MET H    H N N 255 
MET H2   H N N 256 
MET HA   H N N 257 
MET HB2  H N N 258 
MET HB3  H N N 259 
MET HG2  H N N 260 
MET HG3  H N N 261 
MET HE1  H N N 262 
MET HE2  H N N 263 
MET HE3  H N N 264 
MET HXT  H N N 265 
PHE N    N N N 266 
PHE CA   C N S 267 
PHE C    C N N 268 
PHE O    O N N 269 
PHE CB   C N N 270 
PHE CG   C Y N 271 
PHE CD1  C Y N 272 
PHE CD2  C Y N 273 
PHE CE1  C Y N 274 
PHE CE2  C Y N 275 
PHE CZ   C Y N 276 
PHE OXT  O N N 277 
PHE H    H N N 278 
PHE H2   H N N 279 
PHE HA   H N N 280 
PHE HB2  H N N 281 
PHE HB3  H N N 282 
PHE HD1  H N N 283 
PHE HD2  H N N 284 
PHE HE1  H N N 285 
PHE HE2  H N N 286 
PHE HZ   H N N 287 
PHE HXT  H N N 288 
PI5 C1   C N N 289 
PI5 C2   C N N 290 
PI5 C3   C N N 291 
PI5 O4   O N N 292 
PI5 C5   C N N 293 
PI5 N6   N N N 294 
PI5 C7   C N S 295 
PI5 C8   C N N 296 
PI5 C9   C N N 297 
PI5 C10  C N N 298 
PI5 C11  C N N 299 
PI5 O12  O N N 300 
PI5 N13  N N N 301 
PI5 C14  C N S 302 
PI5 C15  C N N 303 
PI5 C16  C Y N 304 
PI5 C17  C Y N 305 
PI5 C18  C Y N 306 
PI5 C19  C Y N 307 
PI5 C20  C Y N 308 
PI5 C21  C Y N 309 
PI5 C22  C N R 310 
PI5 C23  C N N 311 
PI5 O24  O N N 312 
PI5 O25  O N N 313 
PI5 N26  N N N 314 
PI5 C27  C N S 315 
PI5 C28  C N N 316 
PI5 C29  C Y N 317 
PI5 C30  C Y N 318 
PI5 C31  C Y N 319 
PI5 C32  C Y N 320 
PI5 C33  C Y N 321 
PI5 C34  C Y N 322 
PI5 O35  O N N 323 
PI5 C36  C N N 324 
PI5 C37  C N N 325 
PI5 O38  O N N 326 
PI5 N39  N N N 327 
PI5 C40  C N S 328 
PI5 C41  C N N 329 
PI5 O42  O N N 330 
PI5 C43  C N S 331 
PI5 C44  C N N 332 
PI5 C45  C N N 333 
PI5 C46  C N N 334 
PI5 N47  N N N 335 
PI5 C48  C N N 336 
PI5 C49  C N N 337 
PI5 H11  H N N 338 
PI5 H12  H N N 339 
PI5 H21  H N N 340 
PI5 H22A H N N 341 
PI5 H51  H N N 342 
PI5 H52  H N N 343 
PI5 H7   H N N 344 
PI5 H8   H N N 345 
PI5 H91  H N N 346 
PI5 H92  H N N 347 
PI5 H93  H N N 348 
PI5 H101 H N N 349 
PI5 H102 H N N 350 
PI5 H103 H N N 351 
PI5 H13  H N N 352 
PI5 H14  H N N 353 
PI5 H151 H N N 354 
PI5 H152 H N N 355 
PI5 H17  H N N 356 
PI5 H18  H N N 357 
PI5 H19  H N N 358 
PI5 H20  H N N 359 
PI5 H22  H N N 360 
PI5 H231 H N N 361 
PI5 H232 H N N 362 
PI5 H24  H N N 363 
PI5 H25  H N N 364 
PI5 H26  H N N 365 
PI5 H27  H N N 366 
PI5 H281 H N N 367 
PI5 H282 H N N 368 
PI5 H30  H N N 369 
PI5 H31  H N N 370 
PI5 H32  H N N 371 
PI5 H33  H N N 372 
PI5 H361 H N N 373 
PI5 H362 H N N 374 
PI5 H39  H N N 375 
PI5 H40  H N N 376 
PI5 H43  H N N 377 
PI5 H441 H N N 378 
PI5 H442 H N N 379 
PI5 H451 H N N 380 
PI5 H452 H N N 381 
PI5 H453 H N N 382 
PI5 H461 H N N 383 
PI5 H462 H N N 384 
PI5 H463 H N N 385 
PI5 H47  H N N 386 
PI5 H481 H N N 387 
PI5 H482 H N N 388 
PI5 H491 H N N 389 
PI5 H492 H N N 390 
PRO N    N N N 391 
PRO CA   C N S 392 
PRO C    C N N 393 
PRO O    O N N 394 
PRO CB   C N N 395 
PRO CG   C N N 396 
PRO CD   C N N 397 
PRO OXT  O N N 398 
PRO H    H N N 399 
PRO HA   H N N 400 
PRO HB2  H N N 401 
PRO HB3  H N N 402 
PRO HG2  H N N 403 
PRO HG3  H N N 404 
PRO HD2  H N N 405 
PRO HD3  H N N 406 
PRO HXT  H N N 407 
SO4 S    S N N 408 
SO4 O1   O N N 409 
SO4 O2   O N N 410 
SO4 O3   O N N 411 
SO4 O4   O N N 412 
THR N    N N N 413 
THR CA   C N S 414 
THR C    C N N 415 
THR O    O N N 416 
THR CB   C N R 417 
THR OG1  O N N 418 
THR CG2  C N N 419 
THR OXT  O N N 420 
THR H    H N N 421 
THR H2   H N N 422 
THR HA   H N N 423 
THR HB   H N N 424 
THR HG1  H N N 425 
THR HG21 H N N 426 
THR HG22 H N N 427 
THR HG23 H N N 428 
THR HXT  H N N 429 
TRP N    N N N 430 
TRP CA   C N S 431 
TRP C    C N N 432 
TRP O    O N N 433 
TRP CB   C N N 434 
TRP CG   C Y N 435 
TRP CD1  C Y N 436 
TRP CD2  C Y N 437 
TRP NE1  N Y N 438 
TRP CE2  C Y N 439 
TRP CE3  C Y N 440 
TRP CZ2  C Y N 441 
TRP CZ3  C Y N 442 
TRP CH2  C Y N 443 
TRP OXT  O N N 444 
TRP H    H N N 445 
TRP H2   H N N 446 
TRP HA   H N N 447 
TRP HB2  H N N 448 
TRP HB3  H N N 449 
TRP HD1  H N N 450 
TRP HE1  H N N 451 
TRP HE3  H N N 452 
TRP HZ2  H N N 453 
TRP HZ3  H N N 454 
TRP HH2  H N N 455 
TRP HXT  H N N 456 
TYR N    N N N 457 
TYR CA   C N S 458 
TYR C    C N N 459 
TYR O    O N N 460 
TYR CB   C N N 461 
TYR CG   C Y N 462 
TYR CD1  C Y N 463 
TYR CD2  C Y N 464 
TYR CE1  C Y N 465 
TYR CE2  C Y N 466 
TYR CZ   C Y N 467 
TYR OH   O N N 468 
TYR OXT  O N N 469 
TYR H    H N N 470 
TYR H2   H N N 471 
TYR HA   H N N 472 
TYR HB2  H N N 473 
TYR HB3  H N N 474 
TYR HD1  H N N 475 
TYR HD2  H N N 476 
TYR HE1  H N N 477 
TYR HE2  H N N 478 
TYR HH   H N N 479 
TYR HXT  H N N 480 
VAL N    N N N 481 
VAL CA   C N S 482 
VAL C    C N N 483 
VAL O    O N N 484 
VAL CB   C N N 485 
VAL CG1  C N N 486 
VAL CG2  C N N 487 
VAL OXT  O N N 488 
VAL H    H N N 489 
VAL H2   H N N 490 
VAL HA   H N N 491 
VAL HB   H N N 492 
VAL HG11 H N N 493 
VAL HG12 H N N 494 
VAL HG13 H N N 495 
VAL HG21 H N N 496 
VAL HG22 H N N 497 
VAL HG23 H N N 498 
VAL HXT  H N N 499 
# 
loop_
_chem_comp_bond.comp_id 
_chem_comp_bond.atom_id_1 
_chem_comp_bond.atom_id_2 
_chem_comp_bond.value_order 
_chem_comp_bond.pdbx_aromatic_flag 
_chem_comp_bond.pdbx_stereo_config 
_chem_comp_bond.pdbx_ordinal 
ABA N   CA   sing N N 1   
ABA N   H    sing N N 2   
ABA N   H2   sing N N 3   
ABA CA  C    sing N N 4   
ABA CA  CB   sing N N 5   
ABA CA  HA   sing N N 6   
ABA C   O    doub N N 7   
ABA C   OXT  sing N N 8   
ABA CB  CG   sing N N 9   
ABA CB  HB3  sing N N 10  
ABA CB  HB2  sing N N 11  
ABA CG  HG1  sing N N 12  
ABA CG  HG3  sing N N 13  
ABA CG  HG2  sing N N 14  
ABA OXT HXT  sing N N 15  
ALA N   CA   sing N N 16  
ALA N   H    sing N N 17  
ALA N   H2   sing N N 18  
ALA CA  C    sing N N 19  
ALA CA  CB   sing N N 20  
ALA CA  HA   sing N N 21  
ALA C   O    doub N N 22  
ALA C   OXT  sing N N 23  
ALA CB  HB1  sing N N 24  
ALA CB  HB2  sing N N 25  
ALA CB  HB3  sing N N 26  
ALA OXT HXT  sing N N 27  
ARG N   CA   sing N N 28  
ARG N   H    sing N N 29  
ARG N   H2   sing N N 30  
ARG CA  C    sing N N 31  
ARG CA  CB   sing N N 32  
ARG CA  HA   sing N N 33  
ARG C   O    doub N N 34  
ARG C   OXT  sing N N 35  
ARG CB  CG   sing N N 36  
ARG CB  HB2  sing N N 37  
ARG CB  HB3  sing N N 38  
ARG CG  CD   sing N N 39  
ARG CG  HG2  sing N N 40  
ARG CG  HG3  sing N N 41  
ARG CD  NE   sing N N 42  
ARG CD  HD2  sing N N 43  
ARG CD  HD3  sing N N 44  
ARG NE  CZ   sing N N 45  
ARG NE  HE   sing N N 46  
ARG CZ  NH1  sing N N 47  
ARG CZ  NH2  doub N N 48  
ARG NH1 HH11 sing N N 49  
ARG NH1 HH12 sing N N 50  
ARG NH2 HH21 sing N N 51  
ARG NH2 HH22 sing N N 52  
ARG OXT HXT  sing N N 53  
ASN N   CA   sing N N 54  
ASN N   H    sing N N 55  
ASN N   H2   sing N N 56  
ASN CA  C    sing N N 57  
ASN CA  CB   sing N N 58  
ASN CA  HA   sing N N 59  
ASN C   O    doub N N 60  
ASN C   OXT  sing N N 61  
ASN CB  CG   sing N N 62  
ASN CB  HB2  sing N N 63  
ASN CB  HB3  sing N N 64  
ASN CG  OD1  doub N N 65  
ASN CG  ND2  sing N N 66  
ASN ND2 HD21 sing N N 67  
ASN ND2 HD22 sing N N 68  
ASN OXT HXT  sing N N 69  
ASP N   CA   sing N N 70  
ASP N   H    sing N N 71  
ASP N   H2   sing N N 72  
ASP CA  C    sing N N 73  
ASP CA  CB   sing N N 74  
ASP CA  HA   sing N N 75  
ASP C   O    doub N N 76  
ASP C   OXT  sing N N 77  
ASP CB  CG   sing N N 78  
ASP CB  HB2  sing N N 79  
ASP CB  HB3  sing N N 80  
ASP CG  OD1  doub N N 81  
ASP CG  OD2  sing N N 82  
ASP OD2 HD2  sing N N 83  
ASP OXT HXT  sing N N 84  
CYS N   CA   sing N N 85  
CYS N   H    sing N N 86  
CYS N   H2   sing N N 87  
CYS CA  C    sing N N 88  
CYS CA  CB   sing N N 89  
CYS CA  HA   sing N N 90  
CYS C   O    doub N N 91  
CYS C   OXT  sing N N 92  
CYS CB  SG   sing N N 93  
CYS CB  HB2  sing N N 94  
CYS CB  HB3  sing N N 95  
CYS SG  HG   sing N N 96  
CYS OXT HXT  sing N N 97  
GLN N   CA   sing N N 98  
GLN N   H    sing N N 99  
GLN N   H2   sing N N 100 
GLN CA  C    sing N N 101 
GLN CA  CB   sing N N 102 
GLN CA  HA   sing N N 103 
GLN C   O    doub N N 104 
GLN C   OXT  sing N N 105 
GLN CB  CG   sing N N 106 
GLN CB  HB2  sing N N 107 
GLN CB  HB3  sing N N 108 
GLN CG  CD   sing N N 109 
GLN CG  HG2  sing N N 110 
GLN CG  HG3  sing N N 111 
GLN CD  OE1  doub N N 112 
GLN CD  NE2  sing N N 113 
GLN NE2 HE21 sing N N 114 
GLN NE2 HE22 sing N N 115 
GLN OXT HXT  sing N N 116 
GLU N   CA   sing N N 117 
GLU N   H    sing N N 118 
GLU N   H2   sing N N 119 
GLU CA  C    sing N N 120 
GLU CA  CB   sing N N 121 
GLU CA  HA   sing N N 122 
GLU C   O    doub N N 123 
GLU C   OXT  sing N N 124 
GLU CB  CG   sing N N 125 
GLU CB  HB2  sing N N 126 
GLU CB  HB3  sing N N 127 
GLU CG  CD   sing N N 128 
GLU CG  HG2  sing N N 129 
GLU CG  HG3  sing N N 130 
GLU CD  OE1  doub N N 131 
GLU CD  OE2  sing N N 132 
GLU OE2 HE2  sing N N 133 
GLU OXT HXT  sing N N 134 
GLY N   CA   sing N N 135 
GLY N   H    sing N N 136 
GLY N   H2   sing N N 137 
GLY CA  C    sing N N 138 
GLY CA  HA2  sing N N 139 
GLY CA  HA3  sing N N 140 
GLY C   O    doub N N 141 
GLY C   OXT  sing N N 142 
GLY OXT HXT  sing N N 143 
HIS N   CA   sing N N 144 
HIS N   H    sing N N 145 
HIS N   H2   sing N N 146 
HIS CA  C    sing N N 147 
HIS CA  CB   sing N N 148 
HIS CA  HA   sing N N 149 
HIS C   O    doub N N 150 
HIS C   OXT  sing N N 151 
HIS CB  CG   sing N N 152 
HIS CB  HB2  sing N N 153 
HIS CB  HB3  sing N N 154 
HIS CG  ND1  sing Y N 155 
HIS CG  CD2  doub Y N 156 
HIS ND1 CE1  doub Y N 157 
HIS ND1 HD1  sing N N 158 
HIS CD2 NE2  sing Y N 159 
HIS CD2 HD2  sing N N 160 
HIS CE1 NE2  sing Y N 161 
HIS CE1 HE1  sing N N 162 
HIS NE2 HE2  sing N N 163 
HIS OXT HXT  sing N N 164 
HOH O   H1   sing N N 165 
HOH O   H2   sing N N 166 
ILE N   CA   sing N N 167 
ILE N   H    sing N N 168 
ILE N   H2   sing N N 169 
ILE CA  C    sing N N 170 
ILE CA  CB   sing N N 171 
ILE CA  HA   sing N N 172 
ILE C   O    doub N N 173 
ILE C   OXT  sing N N 174 
ILE CB  CG1  sing N N 175 
ILE CB  CG2  sing N N 176 
ILE CB  HB   sing N N 177 
ILE CG1 CD1  sing N N 178 
ILE CG1 HG12 sing N N 179 
ILE CG1 HG13 sing N N 180 
ILE CG2 HG21 sing N N 181 
ILE CG2 HG22 sing N N 182 
ILE CG2 HG23 sing N N 183 
ILE CD1 HD11 sing N N 184 
ILE CD1 HD12 sing N N 185 
ILE CD1 HD13 sing N N 186 
ILE OXT HXT  sing N N 187 
LEU N   CA   sing N N 188 
LEU N   H    sing N N 189 
LEU N   H2   sing N N 190 
LEU CA  C    sing N N 191 
LEU CA  CB   sing N N 192 
LEU CA  HA   sing N N 193 
LEU C   O    doub N N 194 
LEU C   OXT  sing N N 195 
LEU CB  CG   sing N N 196 
LEU CB  HB2  sing N N 197 
LEU CB  HB3  sing N N 198 
LEU CG  CD1  sing N N 199 
LEU CG  CD2  sing N N 200 
LEU CG  HG   sing N N 201 
LEU CD1 HD11 sing N N 202 
LEU CD1 HD12 sing N N 203 
LEU CD1 HD13 sing N N 204 
LEU CD2 HD21 sing N N 205 
LEU CD2 HD22 sing N N 206 
LEU CD2 HD23 sing N N 207 
LEU OXT HXT  sing N N 208 
LYS N   CA   sing N N 209 
LYS N   H    sing N N 210 
LYS N   H2   sing N N 211 
LYS CA  C    sing N N 212 
LYS CA  CB   sing N N 213 
LYS CA  HA   sing N N 214 
LYS C   O    doub N N 215 
LYS C   OXT  sing N N 216 
LYS CB  CG   sing N N 217 
LYS CB  HB2  sing N N 218 
LYS CB  HB3  sing N N 219 
LYS CG  CD   sing N N 220 
LYS CG  HG2  sing N N 221 
LYS CG  HG3  sing N N 222 
LYS CD  CE   sing N N 223 
LYS CD  HD2  sing N N 224 
LYS CD  HD3  sing N N 225 
LYS CE  NZ   sing N N 226 
LYS CE  HE2  sing N N 227 
LYS CE  HE3  sing N N 228 
LYS NZ  HZ1  sing N N 229 
LYS NZ  HZ2  sing N N 230 
LYS NZ  HZ3  sing N N 231 
LYS OXT HXT  sing N N 232 
MET N   CA   sing N N 233 
MET N   H    sing N N 234 
MET N   H2   sing N N 235 
MET CA  C    sing N N 236 
MET CA  CB   sing N N 237 
MET CA  HA   sing N N 238 
MET C   O    doub N N 239 
MET C   OXT  sing N N 240 
MET CB  CG   sing N N 241 
MET CB  HB2  sing N N 242 
MET CB  HB3  sing N N 243 
MET CG  SD   sing N N 244 
MET CG  HG2  sing N N 245 
MET CG  HG3  sing N N 246 
MET SD  CE   sing N N 247 
MET CE  HE1  sing N N 248 
MET CE  HE2  sing N N 249 
MET CE  HE3  sing N N 250 
MET OXT HXT  sing N N 251 
PHE N   CA   sing N N 252 
PHE N   H    sing N N 253 
PHE N   H2   sing N N 254 
PHE CA  C    sing N N 255 
PHE CA  CB   sing N N 256 
PHE CA  HA   sing N N 257 
PHE C   O    doub N N 258 
PHE C   OXT  sing N N 259 
PHE CB  CG   sing N N 260 
PHE CB  HB2  sing N N 261 
PHE CB  HB3  sing N N 262 
PHE CG  CD1  doub Y N 263 
PHE CG  CD2  sing Y N 264 
PHE CD1 CE1  sing Y N 265 
PHE CD1 HD1  sing N N 266 
PHE CD2 CE2  doub Y N 267 
PHE CD2 HD2  sing N N 268 
PHE CE1 CZ   doub Y N 269 
PHE CE1 HE1  sing N N 270 
PHE CE2 CZ   sing Y N 271 
PHE CE2 HE2  sing N N 272 
PHE CZ  HZ   sing N N 273 
PHE OXT HXT  sing N N 274 
PI5 C1  C2   sing N N 275 
PI5 C1  C5   sing N N 276 
PI5 C1  H11  sing N N 277 
PI5 C1  H12  sing N N 278 
PI5 C2  N6   sing N N 279 
PI5 C2  H21  sing N N 280 
PI5 C2  H22A sing N N 281 
PI5 C3  O4   doub N N 282 
PI5 C3  C5   sing N N 283 
PI5 C3  N6   sing N N 284 
PI5 C5  H51  sing N N 285 
PI5 C5  H52  sing N N 286 
PI5 N6  C7   sing N N 287 
PI5 C7  C8   sing N N 288 
PI5 C7  C11  sing N N 289 
PI5 C7  H7   sing N N 290 
PI5 C8  C9   sing N N 291 
PI5 C8  C10  sing N N 292 
PI5 C8  H8   sing N N 293 
PI5 C9  H91  sing N N 294 
PI5 C9  H92  sing N N 295 
PI5 C9  H93  sing N N 296 
PI5 C10 H101 sing N N 297 
PI5 C10 H102 sing N N 298 
PI5 C10 H103 sing N N 299 
PI5 C11 O12  doub N N 300 
PI5 C11 N13  sing N N 301 
PI5 N13 C14  sing N N 302 
PI5 N13 H13  sing N N 303 
PI5 C14 C15  sing N N 304 
PI5 C14 C22  sing N N 305 
PI5 C14 H14  sing N N 306 
PI5 C15 C16  sing N N 307 
PI5 C15 H151 sing N N 308 
PI5 C15 H152 sing N N 309 
PI5 C16 C17  doub Y N 310 
PI5 C16 C18  sing Y N 311 
PI5 C17 C19  sing Y N 312 
PI5 C17 H17  sing N N 313 
PI5 C18 C20  doub Y N 314 
PI5 C18 H18  sing N N 315 
PI5 C19 C21  doub Y N 316 
PI5 C19 H19  sing N N 317 
PI5 C20 C21  sing Y N 318 
PI5 C20 H20  sing N N 319 
PI5 C21 O25  sing N N 320 
PI5 C22 C23  sing N N 321 
PI5 C22 O24  sing N N 322 
PI5 C22 H22  sing N N 323 
PI5 C23 N26  sing N N 324 
PI5 C23 H231 sing N N 325 
PI5 C23 H232 sing N N 326 
PI5 O24 H24  sing N N 327 
PI5 O25 H25  sing N N 328 
PI5 N26 C27  sing N N 329 
PI5 N26 H26  sing N N 330 
PI5 C27 C28  sing N N 331 
PI5 C27 C37  sing N N 332 
PI5 C27 H27  sing N N 333 
PI5 C28 C29  sing N N 334 
PI5 C28 H281 sing N N 335 
PI5 C28 H282 sing N N 336 
PI5 C29 C30  sing Y N 337 
PI5 C29 C32  doub Y N 338 
PI5 C30 C31  doub Y N 339 
PI5 C30 H30  sing N N 340 
PI5 C31 C34  sing Y N 341 
PI5 C31 H31  sing N N 342 
PI5 C32 C33  sing Y N 343 
PI5 C32 H32  sing N N 344 
PI5 C33 C34  doub Y N 345 
PI5 C33 H33  sing N N 346 
PI5 C34 O35  sing N N 347 
PI5 O35 C36  sing N N 348 
PI5 C36 C49  sing N N 349 
PI5 C36 H361 sing N N 350 
PI5 C36 H362 sing N N 351 
PI5 C37 O38  doub N N 352 
PI5 C37 N39  sing N N 353 
PI5 N39 C40  sing N N 354 
PI5 N39 H39  sing N N 355 
PI5 C40 C41  sing N N 356 
PI5 C40 C43  sing N N 357 
PI5 C40 H40  sing N N 358 
PI5 C41 O42  doub N N 359 
PI5 C41 N47  sing N N 360 
PI5 C43 C44  sing N N 361 
PI5 C43 C45  sing N N 362 
PI5 C43 H43  sing N N 363 
PI5 C44 C46  sing N N 364 
PI5 C44 H441 sing N N 365 
PI5 C44 H442 sing N N 366 
PI5 C45 H451 sing N N 367 
PI5 C45 H452 sing N N 368 
PI5 C45 H453 sing N N 369 
PI5 C46 H461 sing N N 370 
PI5 C46 H462 sing N N 371 
PI5 C46 H463 sing N N 372 
PI5 N47 C48  sing N N 373 
PI5 N47 H47  sing N N 374 
PI5 C48 C49  sing N N 375 
PI5 C48 H481 sing N N 376 
PI5 C48 H482 sing N N 377 
PI5 C49 H491 sing N N 378 
PI5 C49 H492 sing N N 379 
PRO N   CA   sing N N 380 
PRO N   CD   sing N N 381 
PRO N   H    sing N N 382 
PRO CA  C    sing N N 383 
PRO CA  CB   sing N N 384 
PRO CA  HA   sing N N 385 
PRO C   O    doub N N 386 
PRO C   OXT  sing N N 387 
PRO CB  CG   sing N N 388 
PRO CB  HB2  sing N N 389 
PRO CB  HB3  sing N N 390 
PRO CG  CD   sing N N 391 
PRO CG  HG2  sing N N 392 
PRO CG  HG3  sing N N 393 
PRO CD  HD2  sing N N 394 
PRO CD  HD3  sing N N 395 
PRO OXT HXT  sing N N 396 
SO4 S   O1   doub N N 397 
SO4 S   O2   doub N N 398 
SO4 S   O3   sing N N 399 
SO4 S   O4   sing N N 400 
THR N   CA   sing N N 401 
THR N   H    sing N N 402 
THR N   H2   sing N N 403 
THR CA  C    sing N N 404 
THR CA  CB   sing N N 405 
THR CA  HA   sing N N 406 
THR C   O    doub N N 407 
THR C   OXT  sing N N 408 
THR CB  OG1  sing N N 409 
THR CB  CG2  sing N N 410 
THR CB  HB   sing N N 411 
THR OG1 HG1  sing N N 412 
THR CG2 HG21 sing N N 413 
THR CG2 HG22 sing N N 414 
THR CG2 HG23 sing N N 415 
THR OXT HXT  sing N N 416 
TRP N   CA   sing N N 417 
TRP N   H    sing N N 418 
TRP N   H2   sing N N 419 
TRP CA  C    sing N N 420 
TRP CA  CB   sing N N 421 
TRP CA  HA   sing N N 422 
TRP C   O    doub N N 423 
TRP C   OXT  sing N N 424 
TRP CB  CG   sing N N 425 
TRP CB  HB2  sing N N 426 
TRP CB  HB3  sing N N 427 
TRP CG  CD1  doub Y N 428 
TRP CG  CD2  sing Y N 429 
TRP CD1 NE1  sing Y N 430 
TRP CD1 HD1  sing N N 431 
TRP CD2 CE2  doub Y N 432 
TRP CD2 CE3  sing Y N 433 
TRP NE1 CE2  sing Y N 434 
TRP NE1 HE1  sing N N 435 
TRP CE2 CZ2  sing Y N 436 
TRP CE3 CZ3  doub Y N 437 
TRP CE3 HE3  sing N N 438 
TRP CZ2 CH2  doub Y N 439 
TRP CZ2 HZ2  sing N N 440 
TRP CZ3 CH2  sing Y N 441 
TRP CZ3 HZ3  sing N N 442 
TRP CH2 HH2  sing N N 443 
TRP OXT HXT  sing N N 444 
TYR N   CA   sing N N 445 
TYR N   H    sing N N 446 
TYR N   H2   sing N N 447 
TYR CA  C    sing N N 448 
TYR CA  CB   sing N N 449 
TYR CA  HA   sing N N 450 
TYR C   O    doub N N 451 
TYR C   OXT  sing N N 452 
TYR CB  CG   sing N N 453 
TYR CB  HB2  sing N N 454 
TYR CB  HB3  sing N N 455 
TYR CG  CD1  doub Y N 456 
TYR CG  CD2  sing Y N 457 
TYR CD1 CE1  sing Y N 458 
TYR CD1 HD1  sing N N 459 
TYR CD2 CE2  doub Y N 460 
TYR CD2 HD2  sing N N 461 
TYR CE1 CZ   doub Y N 462 
TYR CE1 HE1  sing N N 463 
TYR CE2 CZ   sing Y N 464 
TYR CE2 HE2  sing N N 465 
TYR CZ  OH   sing N N 466 
TYR OH  HH   sing N N 467 
TYR OXT HXT  sing N N 468 
VAL N   CA   sing N N 469 
VAL N   H    sing N N 470 
VAL N   H2   sing N N 471 
VAL CA  C    sing N N 472 
VAL CA  CB   sing N N 473 
VAL CA  HA   sing N N 474 
VAL C   O    doub N N 475 
VAL C   OXT  sing N N 476 
VAL CB  CG1  sing N N 477 
VAL CB  CG2  sing N N 478 
VAL CB  HB   sing N N 479 
VAL CG1 HG11 sing N N 480 
VAL CG1 HG12 sing N N 481 
VAL CG1 HG13 sing N N 482 
VAL CG2 HG21 sing N N 483 
VAL CG2 HG22 sing N N 484 
VAL CG2 HG23 sing N N 485 
VAL OXT HXT  sing N N 486 
# 
loop_
_pdbx_entity_nonpoly.entity_id 
_pdbx_entity_nonpoly.name 
_pdbx_entity_nonpoly.comp_id 
2 'SULFATE ION' SO4 
3 
;N-[3-(8-SEC-BUTYL-7,10-DIOXO-2-OXA-6,9-DIAZA-BICYCLO[11.2.2]HEPTADECA-1(16),13(17),14- TRIEN-11-YLAMINO)-2-HYDROXY-1-(4-HYDROXY-BENZYL)-PROPYL]-3-METHYL-2- (2-OXO-PYRROLIDIN-1-YL)-BUTYRAMIDE
;
PI5 
4 water HOH 
# 
_pdbx_initial_refinement_model.id               1 
_pdbx_initial_refinement_model.entity_id_list   ? 
_pdbx_initial_refinement_model.type             'experimental model' 
_pdbx_initial_refinement_model.source_name      PDB 
_pdbx_initial_refinement_model.accession_code   1CPI 
_pdbx_initial_refinement_model.details          'PDB ENTRY 1CPI' 
# 
